data_4ZH1
#
_entry.id   4ZH1
#
_cell.length_a   75.770
_cell.length_b   82.860
_cell.length_c   86.570
_cell.angle_alpha   112.97
_cell.angle_beta   111.43
_cell.angle_gamma   99.63
#
_symmetry.space_group_name_H-M   'P 1'
#
loop_
_entity.id
_entity.type
_entity.pdbx_description
1 polymer 'Complement C3'
2 polymer 'Complement factor H'
3 branched 'N-acetyl-alpha-neuraminic acid-(2-3)-beta-D-galactopyranose'
4 branched 'beta-D-galactopyranose-(1-3)-2-acetamido-2-deoxy-beta-D-galactopyranose-(1-4)-[N-acetyl-alpha-neuraminic acid-(2-3)]beta-D-galactopyranose-(1-4)-beta-D-glucopyranose'
5 branched 'N-acetyl-alpha-neuraminic acid-(2-3)-[2-acetamido-2-deoxy-beta-D-galactopyranose-(1-4)]beta-D-galactopyranose-(1-4)-beta-D-glucopyranose'
6 non-polymer GLYCEROL
7 water water
#
loop_
_entity_poly.entity_id
_entity_poly.type
_entity_poly.pdbx_seq_one_letter_code
_entity_poly.pdbx_strand_id
1 'polypeptide(L)'
;GPLGSPEFRDAERLKHLIVTPSGAGEQNMIGMTPTVIAVHYLDETEQWEKFGLEKRQGALELIKKGYTQQLAFRQPSSAF
AAFVKRAPSTWLTAYVVKVFSLAVNLIAIDSQVLCGAVKWLILEKQKPDGVFQEDAPVIHQEMIGGLRNNNEKDMALTAF
VLISLQEAKDICEEQVNSLPGSITKAGDFLEANYMNLQRSYTVAIAGYALAQMGRLKGPLLNKFLTTAKDKNRWEDPGKQ
LYNVEATSYALLALLQLKDFDFVPPVVRWLNEQRYYGGGYGSTQATFMVFQALAQYQKDAPDHQELNLDVSLQLPSR
;
A,B,C
2 'polypeptide(L)'
;EAEFGKCGPPPPIDNGDITSFPLSVYAPASSVEYQCQNLYQLEGNKRITCRNGQWSEPPKCLHPCVISREIMENYNIALR
WTAKQKLYSRTGESVEFVCKRGYRLSSRSHTLRTTCWDGKLEYPTCAKR
;
D,E,F
#
loop_
_chem_comp.id
_chem_comp.type
_chem_comp.name
_chem_comp.formula
BGC D-saccharide, beta linking beta-D-glucopyranose 'C6 H12 O6'
GAL D-saccharide, beta linking beta-D-galactopyranose 'C6 H12 O6'
GOL non-polymer GLYCEROL 'C3 H8 O3'
NGA D-saccharide, beta linking 2-acetamido-2-deoxy-beta-D-galactopyranose 'C8 H15 N O6'
SIA D-saccharide, alpha linking 'N-acetyl-alpha-neuraminic acid' 'C11 H19 N O9'
#
# COMPACT_ATOMS: atom_id res chain seq x y z
N ARG A 9 -0.41 -4.58 -20.29
CA ARG A 9 0.06 -4.16 -18.93
C ARG A 9 1.29 -4.97 -18.57
N ASP A 10 2.36 -4.31 -18.18
CA ASP A 10 3.68 -4.91 -18.28
C ASP A 10 4.13 -5.50 -16.95
N ALA A 11 4.68 -6.70 -17.05
CA ALA A 11 4.92 -7.54 -15.90
C ALA A 11 5.69 -6.77 -14.83
N GLU A 12 6.57 -5.89 -15.27
CA GLU A 12 7.41 -5.17 -14.35
C GLU A 12 6.58 -4.18 -13.53
N ARG A 13 5.50 -3.67 -14.10
CA ARG A 13 4.59 -2.77 -13.39
C ARG A 13 3.70 -3.50 -12.38
N LEU A 14 3.68 -4.82 -12.51
CA LEU A 14 2.82 -5.66 -11.71
C LEU A 14 3.62 -6.57 -10.79
N LYS A 15 4.93 -6.38 -10.72
CA LYS A 15 5.74 -7.32 -9.97
C LYS A 15 5.39 -7.29 -8.48
N HIS A 16 4.94 -6.14 -8.00
CA HIS A 16 4.53 -5.96 -6.60
C HIS A 16 3.30 -6.78 -6.19
N LEU A 17 2.54 -7.31 -7.15
CA LEU A 17 1.36 -8.14 -6.83
C LEU A 17 1.76 -9.51 -6.35
N ILE A 18 3.03 -9.88 -6.50
CA ILE A 18 3.50 -11.18 -6.01
C ILE A 18 3.93 -11.03 -4.57
N VAL A 19 3.19 -11.65 -3.68
CA VAL A 19 3.29 -11.32 -2.26
C VAL A 19 2.97 -12.56 -1.41
N THR A 20 3.54 -12.56 -0.22
CA THR A 20 3.24 -13.60 0.77
C THR A 20 1.94 -13.25 1.50
N PRO A 21 0.98 -14.17 1.48
CA PRO A 21 -0.29 -13.92 2.14
C PRO A 21 -0.13 -14.18 3.60
N SER A 22 -0.82 -13.41 4.44
CA SER A 22 -0.83 -13.65 5.87
C SER A 22 -2.09 -13.09 6.53
N GLY A 23 -2.26 -13.39 7.80
CA GLY A 23 -3.41 -12.92 8.53
C GLY A 23 -4.48 -14.00 8.59
N ALA A 24 -5.61 -13.64 9.17
CA ALA A 24 -6.71 -14.59 9.37
C ALA A 24 -7.57 -14.77 8.12
N GLY A 25 -8.73 -15.39 8.30
CA GLY A 25 -9.58 -15.86 7.18
C GLY A 25 -9.95 -14.83 6.14
N GLU A 26 -9.96 -13.54 6.48
CA GLU A 26 -10.18 -12.47 5.54
C GLU A 26 -8.87 -11.94 4.98
N GLN A 27 -7.98 -11.53 5.86
CA GLN A 27 -6.73 -10.94 5.38
C GLN A 27 -5.91 -11.92 4.53
N ASN A 28 -5.97 -13.20 4.85
CA ASN A 28 -5.26 -14.18 4.03
C ASN A 28 -5.72 -14.11 2.57
N MET A 29 -7.00 -13.86 2.34
CA MET A 29 -7.56 -13.80 1.00
C MET A 29 -7.23 -12.48 0.36
N ILE A 30 -7.12 -11.44 1.19
CA ILE A 30 -6.64 -10.16 0.71
C ILE A 30 -5.27 -10.26 0.12
N GLY A 31 -4.42 -11.09 0.74
CA GLY A 31 -3.08 -11.31 0.23
C GLY A 31 -2.99 -12.29 -0.92
N MET A 32 -3.78 -13.35 -0.87
CA MET A 32 -3.79 -14.35 -1.92
C MET A 32 -4.23 -13.73 -3.24
N THR A 33 -5.15 -12.80 -3.16
CA THR A 33 -5.76 -12.23 -4.34
C THR A 33 -4.78 -11.70 -5.42
N PRO A 34 -3.86 -10.82 -5.07
CA PRO A 34 -3.06 -10.24 -6.16
C PRO A 34 -2.10 -11.23 -6.81
N THR A 35 -1.63 -12.18 -6.05
CA THR A 35 -0.71 -13.16 -6.57
C THR A 35 -1.43 -14.09 -7.54
N VAL A 36 -2.61 -14.54 -7.15
CA VAL A 36 -3.39 -15.41 -7.99
C VAL A 36 -3.65 -14.75 -9.33
N ILE A 37 -4.10 -13.53 -9.30
CA ILE A 37 -4.54 -12.95 -10.54
C ILE A 37 -3.36 -12.50 -11.37
N ALA A 38 -2.23 -12.20 -10.73
CA ALA A 38 -1.04 -11.80 -11.48
C ALA A 38 -0.59 -12.96 -12.30
N VAL A 39 -0.49 -14.14 -11.69
CA VAL A 39 -0.07 -15.32 -12.40
C VAL A 39 -1.02 -15.67 -13.55
N HIS A 40 -2.31 -15.69 -13.25
CA HIS A 40 -3.33 -15.84 -14.28
C HIS A 40 -3.10 -14.89 -15.51
N TYR A 41 -2.90 -13.63 -15.24
CA TYR A 41 -2.72 -12.65 -16.29
C TYR A 41 -1.40 -12.81 -17.08
N LEU A 42 -0.31 -13.06 -16.39
CA LEU A 42 1.00 -13.26 -17.00
C LEU A 42 1.01 -14.54 -17.82
N ASP A 43 0.35 -15.60 -17.34
CA ASP A 43 0.18 -16.81 -18.13
C ASP A 43 -0.49 -16.49 -19.45
N GLU A 44 -1.58 -15.75 -19.41
CA GLU A 44 -2.40 -15.61 -20.60
C GLU A 44 -1.68 -14.74 -21.60
N THR A 45 -1.06 -13.68 -21.11
CA THR A 45 -0.39 -12.73 -21.97
C THR A 45 1.08 -13.12 -22.16
N GLU A 46 1.41 -14.34 -21.75
CA GLU A 46 2.68 -14.98 -22.05
C GLU A 46 3.88 -14.07 -21.79
N GLN A 47 3.91 -13.41 -20.62
CA GLN A 47 4.98 -12.46 -20.34
C GLN A 47 6.08 -13.06 -19.52
N TRP A 48 6.01 -14.35 -19.23
CA TRP A 48 6.96 -14.94 -18.28
C TRP A 48 8.42 -15.01 -18.75
N GLU A 49 8.64 -15.23 -20.05
CA GLU A 49 9.98 -15.41 -20.61
C GLU A 49 10.79 -14.13 -20.42
N LYS A 50 10.19 -13.01 -20.81
CA LYS A 50 10.78 -11.70 -20.59
C LYS A 50 10.99 -11.43 -19.08
N PHE A 51 9.93 -11.56 -18.29
CA PHE A 51 9.96 -11.17 -16.89
C PHE A 51 10.87 -12.05 -16.06
N GLY A 52 10.88 -13.35 -16.36
CA GLY A 52 11.75 -14.28 -15.66
C GLY A 52 11.03 -15.55 -15.28
N LEU A 53 11.09 -16.54 -16.17
CA LEU A 53 10.37 -17.83 -16.00
C LEU A 53 10.72 -18.55 -14.69
N GLU A 54 11.87 -18.21 -14.11
CA GLU A 54 12.24 -18.72 -12.78
C GLU A 54 11.22 -18.32 -11.71
N LYS A 55 10.70 -17.10 -11.84
CA LYS A 55 9.83 -16.48 -10.83
C LYS A 55 8.44 -17.07 -10.73
N ARG A 56 8.02 -17.82 -11.75
CA ARG A 56 6.70 -18.41 -11.76
C ARG A 56 6.62 -19.50 -10.72
N GLN A 57 7.68 -20.26 -10.57
CA GLN A 57 7.68 -21.32 -9.58
C GLN A 57 7.42 -20.76 -8.17
N GLY A 58 8.08 -19.65 -7.84
CA GLY A 58 7.95 -19.03 -6.53
C GLY A 58 6.55 -18.45 -6.30
N ALA A 59 5.99 -17.81 -7.32
CA ALA A 59 4.62 -17.37 -7.29
C ALA A 59 3.64 -18.52 -7.01
N LEU A 60 3.78 -19.66 -7.70
CA LEU A 60 2.85 -20.79 -7.49
C LEU A 60 2.96 -21.31 -6.12
N GLU A 61 4.15 -21.20 -5.55
CA GLU A 61 4.31 -21.64 -4.18
C GLU A 61 3.59 -20.71 -3.21
N LEU A 62 3.63 -19.41 -3.50
CA LEU A 62 2.95 -18.43 -2.66
C LEU A 62 1.42 -18.65 -2.73
N ILE A 63 0.94 -19.01 -3.92
CA ILE A 63 -0.47 -19.33 -4.09
C ILE A 63 -0.88 -20.58 -3.35
N LYS A 64 -0.04 -21.61 -3.42
CA LYS A 64 -0.29 -22.81 -2.62
C LYS A 64 -0.31 -22.52 -1.12
N LYS A 65 0.54 -21.60 -0.69
CA LYS A 65 0.60 -21.24 0.72
C LYS A 65 -0.70 -20.53 1.12
N GLY A 66 -1.15 -19.59 0.27
CA GLY A 66 -2.43 -18.94 0.49
C GLY A 66 -3.56 -19.93 0.65
N TYR A 67 -3.62 -20.88 -0.27
CA TYR A 67 -4.67 -21.89 -0.27
C TYR A 67 -4.60 -22.63 1.05
N THR A 68 -3.41 -23.05 1.40
CA THR A 68 -3.26 -23.95 2.54
C THR A 68 -3.62 -23.22 3.82
N GLN A 69 -3.20 -21.98 3.92
CA GLN A 69 -3.49 -21.16 5.11
C GLN A 69 -4.98 -20.87 5.21
N GLN A 70 -5.62 -20.62 4.07
CA GLN A 70 -7.06 -20.44 4.09
C GLN A 70 -7.82 -21.63 4.67
N LEU A 71 -7.32 -22.85 4.47
CA LEU A 71 -8.00 -24.06 4.98
C LEU A 71 -8.09 -24.10 6.49
N ALA A 72 -7.24 -23.35 7.19
CA ALA A 72 -7.40 -23.26 8.65
C ALA A 72 -8.67 -22.54 9.07
N PHE A 73 -9.28 -21.79 8.14
CA PHE A 73 -10.52 -21.03 8.43
C PHE A 73 -11.77 -21.61 7.79
N ARG A 74 -11.59 -22.77 7.15
CA ARG A 74 -12.72 -23.56 6.70
C ARG A 74 -13.47 -24.18 7.89
N GLN A 75 -14.74 -23.84 8.08
CA GLN A 75 -15.52 -24.38 9.19
C GLN A 75 -16.08 -25.73 8.82
N PRO A 76 -16.55 -26.49 9.81
CA PRO A 76 -17.11 -27.83 9.52
C PRO A 76 -18.23 -27.79 8.50
N SER A 77 -18.96 -26.68 8.40
CA SER A 77 -19.99 -26.49 7.38
C SER A 77 -19.47 -26.40 5.95
N SER A 78 -18.15 -26.27 5.80
CA SER A 78 -17.51 -25.87 4.53
C SER A 78 -17.52 -24.37 4.23
N ALA A 79 -18.07 -23.56 5.13
CA ALA A 79 -18.07 -22.11 4.96
C ALA A 79 -16.82 -21.48 5.60
N PHE A 80 -16.62 -20.20 5.35
CA PHE A 80 -15.46 -19.44 5.83
C PHE A 80 -15.90 -18.21 6.62
N ALA A 81 -15.06 -17.83 7.58
CA ALA A 81 -15.13 -16.58 8.27
C ALA A 81 -13.73 -16.17 8.68
N ALA A 82 -13.57 -14.90 9.07
CA ALA A 82 -12.27 -14.42 9.56
C ALA A 82 -11.69 -15.37 10.60
N PHE A 83 -12.54 -15.92 11.45
CA PHE A 83 -12.09 -16.77 12.57
C PHE A 83 -13.02 -17.96 12.69
N VAL A 84 -12.51 -19.09 13.17
CA VAL A 84 -13.32 -20.29 13.29
C VAL A 84 -14.48 -20.10 14.23
N LYS A 85 -14.40 -19.15 15.14
CA LYS A 85 -15.49 -18.94 16.08
C LYS A 85 -16.41 -17.82 15.64
N ARG A 86 -16.18 -17.21 14.49
CA ARG A 86 -17.09 -16.17 14.00
C ARG A 86 -18.06 -16.83 13.01
N ALA A 87 -19.30 -16.36 13.02
CA ALA A 87 -20.31 -16.87 12.14
C ALA A 87 -19.83 -16.69 10.68
N PRO A 88 -20.16 -17.67 9.82
CA PRO A 88 -19.61 -17.63 8.44
C PRO A 88 -20.23 -16.54 7.62
N SER A 89 -19.41 -15.94 6.77
CA SER A 89 -19.81 -14.89 5.88
C SER A 89 -20.20 -15.48 4.55
N THR A 90 -21.37 -15.09 4.09
CA THR A 90 -21.83 -15.45 2.78
C THR A 90 -20.88 -14.87 1.72
N TRP A 91 -20.51 -13.61 1.88
CA TRP A 91 -19.67 -12.96 0.89
C TRP A 91 -18.30 -13.63 0.87
N LEU A 92 -17.69 -13.81 2.04
CA LEU A 92 -16.36 -14.34 2.07
C LEU A 92 -16.29 -15.73 1.48
N THR A 93 -17.29 -16.54 1.79
CA THR A 93 -17.33 -17.90 1.28
C THR A 93 -17.44 -17.86 -0.24
N ALA A 94 -18.29 -16.99 -0.76
CA ALA A 94 -18.40 -16.85 -2.21
C ALA A 94 -17.12 -16.29 -2.82
N TYR A 95 -16.40 -15.44 -2.08
CA TYR A 95 -15.15 -14.93 -2.63
C TYR A 95 -14.11 -16.03 -2.69
N VAL A 96 -14.09 -16.88 -1.70
CA VAL A 96 -13.15 -17.97 -1.73
C VAL A 96 -13.43 -18.86 -2.94
N VAL A 97 -14.70 -19.17 -3.16
CA VAL A 97 -15.10 -19.95 -4.32
C VAL A 97 -14.62 -19.32 -5.64
N LYS A 98 -14.79 -18.01 -5.80
CA LYS A 98 -14.33 -17.30 -7.00
C LYS A 98 -12.82 -17.40 -7.17
N VAL A 99 -12.08 -17.16 -6.10
CA VAL A 99 -10.65 -17.22 -6.19
C VAL A 99 -10.17 -18.61 -6.41
N PHE A 100 -10.61 -19.56 -5.61
CA PHE A 100 -10.12 -20.93 -5.79
C PHE A 100 -10.47 -21.50 -7.17
N SER A 101 -11.61 -21.09 -7.72
CA SER A 101 -12.01 -21.55 -9.04
C SER A 101 -11.03 -21.10 -10.11
N LEU A 102 -10.67 -19.84 -10.10
CA LEU A 102 -9.78 -19.34 -11.10
C LEU A 102 -8.35 -19.97 -10.96
N ALA A 103 -8.02 -20.46 -9.76
CA ALA A 103 -6.71 -21.04 -9.44
C ALA A 103 -6.66 -22.55 -9.66
N VAL A 104 -7.75 -23.18 -10.10
CA VAL A 104 -7.72 -24.65 -10.19
C VAL A 104 -6.67 -25.15 -11.19
N ASN A 105 -6.35 -24.32 -12.20
N ASN A 105 -6.32 -24.35 -12.19
CA ASN A 105 -5.30 -24.58 -13.20
CA ASN A 105 -5.26 -24.72 -13.14
C ASN A 105 -3.94 -23.97 -12.87
C ASN A 105 -3.84 -24.42 -12.65
N LEU A 106 -3.72 -23.60 -11.61
CA LEU A 106 -2.43 -23.20 -11.14
C LEU A 106 -1.92 -24.11 -10.07
N ILE A 107 -2.81 -24.59 -9.21
CA ILE A 107 -2.42 -25.48 -8.13
C ILE A 107 -3.52 -26.48 -7.88
N ALA A 108 -3.29 -27.41 -6.98
CA ALA A 108 -4.25 -28.47 -6.73
C ALA A 108 -5.28 -27.93 -5.75
N ILE A 109 -6.51 -27.83 -6.20
CA ILE A 109 -7.62 -27.41 -5.34
C ILE A 109 -8.54 -28.57 -4.99
N ASP A 110 -8.66 -28.91 -3.71
CA ASP A 110 -9.52 -30.02 -3.32
C ASP A 110 -10.97 -29.68 -3.69
N SER A 111 -11.57 -30.46 -4.56
CA SER A 111 -12.95 -30.23 -4.98
C SER A 111 -13.97 -30.32 -3.87
N GLN A 112 -13.67 -31.03 -2.80
CA GLN A 112 -14.57 -31.04 -1.66
C GLN A 112 -14.60 -29.75 -0.90
N VAL A 113 -13.49 -29.05 -0.88
CA VAL A 113 -13.44 -27.72 -0.27
C VAL A 113 -14.28 -26.77 -1.11
N LEU A 114 -14.02 -26.80 -2.40
CA LEU A 114 -14.62 -25.82 -3.30
C LEU A 114 -16.12 -26.10 -3.41
N CYS A 115 -16.47 -27.34 -3.73
CA CYS A 115 -17.86 -27.72 -3.94
C CYS A 115 -18.63 -27.78 -2.63
N GLY A 116 -17.95 -28.05 -1.52
CA GLY A 116 -18.57 -27.93 -0.20
C GLY A 116 -19.03 -26.51 0.07
N ALA A 117 -18.22 -25.54 -0.32
CA ALA A 117 -18.51 -24.14 -0.05
C ALA A 117 -19.70 -23.74 -0.89
N VAL A 118 -19.70 -24.22 -2.13
CA VAL A 118 -20.79 -23.96 -3.07
C VAL A 118 -22.11 -24.48 -2.52
N LYS A 119 -22.07 -25.69 -1.98
CA LYS A 119 -23.28 -26.37 -1.54
C LYS A 119 -23.83 -25.67 -0.30
N TRP A 120 -22.92 -25.21 0.57
CA TRP A 120 -23.33 -24.45 1.76
C TRP A 120 -24.08 -23.21 1.33
N LEU A 121 -23.55 -22.54 0.32
CA LEU A 121 -24.16 -21.33 -0.16
C LEU A 121 -25.56 -21.60 -0.60
N ILE A 122 -25.73 -22.69 -1.34
CA ILE A 122 -27.03 -23.03 -1.94
C ILE A 122 -28.03 -23.48 -0.87
N LEU A 123 -27.60 -24.32 0.05
CA LEU A 123 -28.50 -24.92 1.00
C LEU A 123 -28.84 -24.00 2.17
N GLU A 124 -27.94 -23.11 2.55
CA GLU A 124 -28.17 -22.25 3.74
C GLU A 124 -28.47 -20.78 3.48
N LYS A 125 -27.89 -20.22 2.42
CA LYS A 125 -27.90 -18.75 2.25
C LYS A 125 -28.70 -18.23 1.08
N GLN A 126 -29.29 -19.11 0.29
CA GLN A 126 -30.22 -18.64 -0.75
C GLN A 126 -31.65 -18.60 -0.24
N LYS A 127 -32.31 -17.47 -0.49
CA LYS A 127 -33.73 -17.34 -0.16
C LYS A 127 -34.65 -17.88 -1.26
N PRO A 128 -35.94 -18.10 -0.93
CA PRO A 128 -36.84 -18.75 -1.87
C PRO A 128 -37.05 -18.01 -3.16
N ASP A 129 -36.96 -16.69 -3.14
CA ASP A 129 -37.02 -15.93 -4.40
C ASP A 129 -35.66 -15.87 -5.15
N GLY A 130 -34.68 -16.64 -4.70
CA GLY A 130 -33.34 -16.62 -5.35
C GLY A 130 -32.25 -15.70 -4.77
N VAL A 131 -32.62 -14.81 -3.85
CA VAL A 131 -31.68 -13.83 -3.27
C VAL A 131 -30.69 -14.53 -2.39
N PHE A 132 -29.44 -14.08 -2.44
CA PHE A 132 -28.43 -14.54 -1.49
C PHE A 132 -28.26 -13.47 -0.42
N GLN A 133 -28.16 -13.94 0.82
CA GLN A 133 -28.14 -13.05 1.95
C GLN A 133 -26.96 -13.25 2.84
N GLU A 134 -26.44 -12.14 3.34
CA GLU A 134 -25.32 -12.14 4.26
C GLU A 134 -25.85 -12.02 5.68
N ASP A 135 -25.50 -12.97 6.54
CA ASP A 135 -25.84 -12.87 7.95
C ASP A 135 -24.62 -12.57 8.86
N ALA A 136 -23.42 -12.47 8.29
CA ALA A 136 -22.23 -12.19 9.10
C ALA A 136 -21.20 -11.47 8.24
N PRO A 137 -21.44 -10.18 8.00
CA PRO A 137 -20.58 -9.36 7.18
C PRO A 137 -19.11 -9.45 7.54
N VAL A 138 -18.25 -9.32 6.53
CA VAL A 138 -16.83 -9.37 6.77
C VAL A 138 -16.45 -8.14 7.60
N ILE A 139 -15.37 -8.30 8.34
CA ILE A 139 -14.83 -7.25 9.16
C ILE A 139 -14.17 -6.23 8.30
N HIS A 140 -13.30 -6.67 7.39
CA HIS A 140 -12.58 -5.78 6.50
C HIS A 140 -13.40 -5.41 5.28
N GLN A 141 -14.33 -4.48 5.47
CA GLN A 141 -15.23 -4.02 4.42
C GLN A 141 -14.56 -3.46 3.17
N GLU A 142 -13.31 -3.06 3.32
CA GLU A 142 -12.58 -2.55 2.17
C GLU A 142 -12.28 -3.65 1.13
N MET A 143 -12.43 -4.93 1.50
CA MET A 143 -12.08 -6.00 0.55
C MET A 143 -13.18 -6.33 -0.43
N ILE A 144 -14.34 -5.74 -0.24
CA ILE A 144 -15.53 -6.16 -1.00
C ILE A 144 -15.86 -5.20 -2.13
N GLY A 145 -14.95 -4.27 -2.38
CA GLY A 145 -15.11 -3.30 -3.46
C GLY A 145 -16.44 -2.59 -3.39
N GLY A 146 -17.02 -2.37 -4.58
CA GLY A 146 -18.19 -1.51 -4.73
C GLY A 146 -19.46 -2.07 -4.15
N LEU A 147 -19.42 -3.28 -3.61
CA LEU A 147 -20.56 -3.78 -2.86
C LEU A 147 -20.72 -3.03 -1.53
N ARG A 148 -19.64 -2.39 -1.04
CA ARG A 148 -19.65 -1.75 0.27
C ARG A 148 -20.61 -0.61 0.34
N ASN A 149 -21.44 -0.64 1.38
CA ASN A 149 -22.47 0.39 1.62
C ASN A 149 -23.38 0.69 0.37
N ASN A 150 -23.41 -0.22 -0.59
CA ASN A 150 -24.35 -0.18 -1.72
C ASN A 150 -25.77 -0.43 -1.18
N ASN A 151 -26.69 0.54 -1.35
CA ASN A 151 -28.13 0.32 -1.05
C ASN A 151 -28.91 -0.75 -1.89
N GLU A 152 -28.52 -0.97 -3.15
CA GLU A 152 -29.06 -2.07 -4.00
C GLU A 152 -28.38 -3.41 -3.66
N LYS A 153 -28.39 -3.76 -2.37
CA LYS A 153 -27.50 -4.79 -1.87
C LYS A 153 -27.94 -6.22 -2.23
N ASP A 154 -29.24 -6.48 -2.24
CA ASP A 154 -29.74 -7.82 -2.59
C ASP A 154 -29.33 -8.17 -3.99
N MET A 155 -29.42 -7.21 -4.89
CA MET A 155 -29.08 -7.48 -6.28
C MET A 155 -27.55 -7.61 -6.43
N ALA A 156 -26.83 -6.72 -5.79
CA ALA A 156 -25.37 -6.71 -5.88
C ALA A 156 -24.73 -7.96 -5.29
N LEU A 157 -25.14 -8.32 -4.07
CA LEU A 157 -24.69 -9.57 -3.44
C LEU A 157 -25.20 -10.83 -4.16
N THR A 158 -26.44 -10.80 -4.65
CA THR A 158 -26.95 -11.94 -5.40
C THR A 158 -26.16 -12.14 -6.69
N ALA A 159 -25.81 -11.04 -7.35
CA ALA A 159 -24.99 -11.15 -8.54
C ALA A 159 -23.64 -11.72 -8.21
N PHE A 160 -23.04 -11.20 -7.14
CA PHE A 160 -21.66 -11.60 -6.77
C PHE A 160 -21.60 -13.06 -6.50
N VAL A 161 -22.56 -13.57 -5.75
CA VAL A 161 -22.55 -14.97 -5.35
C VAL A 161 -22.82 -15.81 -6.58
N LEU A 162 -23.74 -15.33 -7.41
CA LEU A 162 -24.08 -16.05 -8.61
C LEU A 162 -22.91 -16.18 -9.55
N ILE A 163 -22.10 -15.14 -9.66
CA ILE A 163 -20.92 -15.21 -10.52
C ILE A 163 -19.98 -16.27 -10.03
N SER A 164 -19.84 -16.33 -8.71
CA SER A 164 -19.00 -17.35 -8.11
C SER A 164 -19.54 -18.73 -8.44
N LEU A 165 -20.86 -18.94 -8.29
CA LEU A 165 -21.45 -20.22 -8.57
C LEU A 165 -21.17 -20.59 -10.03
N GLN A 166 -21.29 -19.62 -10.94
CA GLN A 166 -21.07 -19.89 -12.35
C GLN A 166 -19.62 -20.25 -12.63
N GLU A 167 -18.72 -19.57 -11.97
CA GLU A 167 -17.30 -19.86 -12.17
C GLU A 167 -16.93 -21.22 -11.57
N ALA A 168 -17.71 -21.74 -10.63
CA ALA A 168 -17.46 -23.08 -10.07
C ALA A 168 -18.21 -24.19 -10.81
N LYS A 169 -19.03 -23.82 -11.79
CA LYS A 169 -20.02 -24.75 -12.34
C LYS A 169 -19.37 -26.00 -12.96
N ASP A 170 -18.42 -25.80 -13.87
CA ASP A 170 -17.75 -26.93 -14.54
C ASP A 170 -17.15 -27.91 -13.57
N ILE A 171 -16.56 -27.37 -12.54
CA ILE A 171 -15.92 -28.18 -11.54
C ILE A 171 -16.91 -28.90 -10.62
N CYS A 172 -18.02 -28.27 -10.24
CA CYS A 172 -18.90 -28.75 -9.13
C CYS A 172 -20.27 -29.35 -9.55
N GLU A 173 -20.66 -29.08 -10.78
CA GLU A 173 -21.97 -29.45 -11.37
C GLU A 173 -22.37 -30.88 -11.09
N GLU A 174 -21.42 -31.78 -11.21
CA GLU A 174 -21.68 -33.17 -11.04
C GLU A 174 -21.77 -33.52 -9.57
N GLN A 175 -20.88 -32.98 -8.77
CA GLN A 175 -20.93 -33.29 -7.34
C GLN A 175 -22.03 -32.59 -6.59
N VAL A 176 -22.55 -31.51 -7.19
CA VAL A 176 -23.59 -30.68 -6.54
C VAL A 176 -24.72 -30.44 -7.52
N ASN A 177 -25.69 -31.33 -7.53
CA ASN A 177 -26.64 -31.24 -8.60
C ASN A 177 -27.70 -30.20 -8.29
N SER A 178 -27.71 -29.64 -7.07
CA SER A 178 -28.60 -28.48 -6.83
C SER A 178 -28.05 -27.21 -7.48
N LEU A 179 -26.83 -27.24 -7.96
CA LEU A 179 -26.22 -26.05 -8.51
C LEU A 179 -26.99 -25.39 -9.67
N PRO A 180 -27.34 -26.14 -10.71
CA PRO A 180 -28.05 -25.48 -11.83
C PRO A 180 -29.37 -24.81 -11.44
N GLY A 181 -30.14 -25.42 -10.56
CA GLY A 181 -31.42 -24.82 -10.10
C GLY A 181 -31.20 -23.59 -9.25
N SER A 182 -30.15 -23.62 -8.44
CA SER A 182 -29.82 -22.47 -7.61
C SER A 182 -29.43 -21.34 -8.53
N ILE A 183 -28.60 -21.67 -9.53
CA ILE A 183 -28.14 -20.67 -10.47
C ILE A 183 -29.33 -20.04 -11.20
N THR A 184 -30.27 -20.87 -11.63
CA THR A 184 -31.46 -20.41 -12.36
C THR A 184 -32.30 -19.47 -11.49
N LYS A 185 -32.51 -19.87 -10.24
CA LYS A 185 -33.37 -19.09 -9.34
C LYS A 185 -32.75 -17.70 -9.03
N ALA A 186 -31.45 -17.65 -8.85
CA ALA A 186 -30.80 -16.36 -8.63
C ALA A 186 -30.97 -15.51 -9.88
N GLY A 187 -30.85 -16.14 -11.03
CA GLY A 187 -31.03 -15.45 -12.27
C GLY A 187 -32.43 -14.88 -12.39
N ASP A 188 -33.42 -15.64 -11.92
CA ASP A 188 -34.77 -15.17 -11.98
C ASP A 188 -34.82 -13.87 -11.24
N PHE A 189 -34.29 -13.88 -10.02
CA PHE A 189 -34.38 -12.70 -9.19
C PHE A 189 -33.69 -11.51 -9.87
N LEU A 190 -32.54 -11.74 -10.47
CA LEU A 190 -31.83 -10.65 -11.07
C LEU A 190 -32.61 -10.14 -12.27
N GLU A 191 -33.15 -11.06 -13.07
CA GLU A 191 -33.84 -10.69 -14.32
C GLU A 191 -35.07 -9.85 -13.97
N ALA A 192 -35.75 -10.24 -12.91
CA ALA A 192 -36.97 -9.59 -12.52
C ALA A 192 -36.78 -8.17 -12.03
N ASN A 193 -35.57 -7.80 -11.61
CA ASN A 193 -35.37 -6.48 -11.00
C ASN A 193 -34.33 -5.62 -11.67
N TYR A 194 -33.75 -6.13 -12.74
CA TYR A 194 -32.62 -5.47 -13.38
C TYR A 194 -33.03 -4.09 -13.90
N MET A 195 -34.24 -3.98 -14.42
CA MET A 195 -34.66 -2.75 -15.11
C MET A 195 -34.77 -1.60 -14.15
N ASN A 196 -35.13 -1.87 -12.90
CA ASN A 196 -35.17 -0.84 -11.85
C ASN A 196 -33.83 -0.43 -11.24
N LEU A 197 -32.71 -1.01 -11.66
CA LEU A 197 -31.43 -0.66 -11.03
C LEU A 197 -31.02 0.74 -11.45
N GLN A 198 -30.38 1.46 -10.54
CA GLN A 198 -29.95 2.84 -10.75
C GLN A 198 -28.44 2.98 -10.83
N ARG A 199 -27.72 2.15 -10.10
CA ARG A 199 -26.28 2.33 -9.99
C ARG A 199 -25.58 1.54 -11.06
N SER A 200 -24.60 2.17 -11.68
CA SER A 200 -23.85 1.53 -12.73
C SER A 200 -23.16 0.26 -12.20
N TYR A 201 -22.66 0.33 -10.98
CA TYR A 201 -21.91 -0.80 -10.40
C TYR A 201 -22.78 -2.03 -10.43
N THR A 202 -24.00 -1.89 -9.93
CA THR A 202 -24.94 -2.98 -9.90
C THR A 202 -25.33 -3.46 -11.28
N VAL A 203 -25.53 -2.51 -12.19
CA VAL A 203 -25.87 -2.83 -13.55
C VAL A 203 -24.78 -3.68 -14.17
N ALA A 204 -23.53 -3.34 -13.89
CA ALA A 204 -22.42 -4.07 -14.47
C ALA A 204 -22.29 -5.46 -13.89
N ILE A 205 -22.35 -5.57 -12.57
CA ILE A 205 -22.08 -6.86 -11.96
C ILE A 205 -23.24 -7.83 -12.24
N ALA A 206 -24.46 -7.37 -12.05
CA ALA A 206 -25.62 -8.22 -12.37
C ALA A 206 -25.66 -8.52 -13.88
N GLY A 207 -25.15 -7.59 -14.68
CA GLY A 207 -25.09 -7.79 -16.13
C GLY A 207 -24.21 -8.95 -16.51
N TYR A 208 -23.02 -9.00 -15.96
CA TYR A 208 -22.15 -10.15 -16.19
C TYR A 208 -22.83 -11.43 -15.71
N ALA A 209 -23.40 -11.37 -14.52
CA ALA A 209 -24.06 -12.57 -13.99
C ALA A 209 -25.15 -13.12 -14.94
N LEU A 210 -26.02 -12.24 -15.43
CA LEU A 210 -27.03 -12.64 -16.40
C LEU A 210 -26.40 -13.09 -17.75
N ALA A 211 -25.33 -12.43 -18.17
CA ALA A 211 -24.69 -12.78 -19.46
C ALA A 211 -24.11 -14.17 -19.45
N GLN A 212 -23.56 -14.55 -18.30
CA GLN A 212 -23.05 -15.91 -18.18
C GLN A 212 -24.11 -16.98 -18.43
N MET A 213 -25.36 -16.67 -18.14
CA MET A 213 -26.49 -17.59 -18.34
C MET A 213 -27.21 -17.34 -19.65
N GLY A 214 -26.70 -16.43 -20.45
CA GLY A 214 -27.42 -16.02 -21.68
C GLY A 214 -28.78 -15.39 -21.42
N ARG A 215 -28.92 -14.68 -20.30
CA ARG A 215 -30.20 -14.02 -19.98
C ARG A 215 -30.08 -12.52 -19.90
N LEU A 216 -29.04 -12.00 -20.51
CA LEU A 216 -28.94 -10.57 -20.67
C LEU A 216 -29.30 -10.30 -22.11
N LYS A 217 -30.51 -9.84 -22.32
CA LYS A 217 -30.94 -9.65 -23.69
C LYS A 217 -32.12 -8.71 -23.70
N GLY A 218 -32.50 -8.35 -24.91
CA GLY A 218 -33.58 -7.44 -25.10
C GLY A 218 -33.33 -6.13 -24.38
N PRO A 219 -34.32 -5.70 -23.59
CA PRO A 219 -34.24 -4.39 -22.92
C PRO A 219 -33.14 -4.34 -21.84
N LEU A 220 -32.91 -5.47 -21.19
CA LEU A 220 -31.90 -5.56 -20.13
C LEU A 220 -30.54 -5.36 -20.76
N LEU A 221 -30.32 -6.04 -21.88
CA LEU A 221 -29.08 -5.85 -22.62
C LEU A 221 -28.91 -4.39 -23.01
N ASN A 222 -30.00 -3.78 -23.44
CA ASN A 222 -29.94 -2.39 -23.84
C ASN A 222 -29.68 -1.48 -22.64
N LYS A 223 -30.35 -1.75 -21.53
CA LYS A 223 -30.06 -0.98 -20.30
C LYS A 223 -28.60 -1.10 -19.87
N PHE A 224 -28.08 -2.32 -19.97
CA PHE A 224 -26.70 -2.58 -19.66
C PHE A 224 -25.76 -1.72 -20.51
N LEU A 225 -25.99 -1.71 -21.82
CA LEU A 225 -25.13 -1.01 -22.75
C LEU A 225 -25.27 0.51 -22.56
N THR A 226 -26.52 0.96 -22.46
CA THR A 226 -26.79 2.39 -22.39
C THR A 226 -26.36 3.02 -21.08
N THR A 227 -26.16 2.20 -20.05
CA THR A 227 -25.70 2.73 -18.76
C THR A 227 -24.22 3.20 -18.80
N ALA A 228 -23.46 2.74 -19.78
CA ALA A 228 -22.09 3.18 -19.93
C ALA A 228 -22.00 4.70 -20.18
N LYS A 229 -20.90 5.31 -19.73
CA LYS A 229 -20.59 6.70 -20.06
C LYS A 229 -19.69 6.64 -21.28
N ASP A 230 -20.05 7.42 -22.31
CA ASP A 230 -19.24 7.54 -23.52
C ASP A 230 -18.86 6.18 -24.11
N LYS A 231 -19.77 5.21 -24.00
CA LYS A 231 -19.54 3.88 -24.57
C LYS A 231 -18.21 3.23 -24.17
N ASN A 232 -17.65 3.58 -23.01
CA ASN A 232 -16.37 2.99 -22.60
C ASN A 232 -16.13 2.67 -21.09
N ARG A 233 -17.11 2.94 -20.25
CA ARG A 233 -16.95 2.71 -18.83
C ARG A 233 -18.28 2.76 -18.10
N TRP A 234 -18.35 2.04 -16.99
CA TRP A 234 -19.49 2.07 -16.10
C TRP A 234 -19.01 2.69 -14.80
N GLU A 235 -19.68 3.74 -14.37
CA GLU A 235 -19.15 4.56 -13.28
C GLU A 235 -20.24 5.25 -12.50
N ASP A 236 -19.97 5.40 -11.21
CA ASP A 236 -20.85 6.10 -10.30
C ASP A 236 -20.00 7.13 -9.57
N PRO A 237 -20.63 8.19 -9.06
CA PRO A 237 -19.88 9.08 -8.19
C PRO A 237 -19.34 8.32 -7.00
N GLY A 238 -18.05 8.45 -6.74
CA GLY A 238 -17.48 7.88 -5.50
C GLY A 238 -16.08 7.38 -5.74
N LYS A 239 -15.69 6.37 -4.96
CA LYS A 239 -14.38 5.77 -5.11
C LYS A 239 -14.16 5.27 -6.54
N GLN A 240 -13.08 5.72 -7.13
CA GLN A 240 -12.76 5.39 -8.49
C GLN A 240 -12.53 3.89 -8.64
N LEU A 241 -12.03 3.26 -7.59
CA LEU A 241 -11.78 1.82 -7.60
C LEU A 241 -13.05 1.02 -7.86
N TYR A 242 -14.19 1.53 -7.40
CA TYR A 242 -15.47 0.91 -7.69
C TYR A 242 -15.78 0.94 -9.18
N ASN A 243 -15.34 1.97 -9.88
CA ASN A 243 -15.65 2.08 -11.31
C ASN A 243 -14.79 1.20 -12.16
N VAL A 244 -13.55 1.03 -11.74
CA VAL A 244 -12.62 0.15 -12.42
C VAL A 244 -13.17 -1.28 -12.28
N GLU A 245 -13.62 -1.59 -11.07
CA GLU A 245 -14.20 -2.90 -10.78
C GLU A 245 -15.45 -3.08 -11.65
N ALA A 246 -16.35 -2.11 -11.58
CA ALA A 246 -17.60 -2.15 -12.33
C ALA A 246 -17.33 -2.38 -13.82
N THR A 247 -16.39 -1.63 -14.36
CA THR A 247 -16.13 -1.64 -15.78
C THR A 247 -15.50 -2.97 -16.15
N SER A 248 -14.73 -3.54 -15.24
CA SER A 248 -14.15 -4.85 -15.46
C SER A 248 -15.24 -5.90 -15.57
N TYR A 249 -16.25 -5.80 -14.73
CA TYR A 249 -17.34 -6.74 -14.81
C TYR A 249 -18.06 -6.55 -16.16
N ALA A 250 -18.19 -5.30 -16.57
CA ALA A 250 -18.88 -4.98 -17.81
C ALA A 250 -18.15 -5.58 -18.99
N LEU A 251 -16.84 -5.42 -19.00
CA LEU A 251 -16.03 -6.01 -20.04
C LEU A 251 -16.26 -7.50 -20.09
N LEU A 252 -16.31 -8.14 -18.93
CA LEU A 252 -16.50 -9.60 -18.93
C LEU A 252 -17.86 -9.96 -19.51
N ALA A 253 -18.87 -9.16 -19.18
CA ALA A 253 -20.18 -9.35 -19.77
C ALA A 253 -20.13 -9.25 -21.31
N LEU A 254 -19.43 -8.24 -21.81
CA LEU A 254 -19.31 -8.03 -23.23
C LEU A 254 -18.62 -9.23 -23.86
N LEU A 255 -17.60 -9.74 -23.21
CA LEU A 255 -16.94 -10.91 -23.75
C LEU A 255 -17.90 -12.12 -23.79
N GLN A 256 -18.80 -12.22 -22.82
CA GLN A 256 -19.77 -13.32 -22.77
C GLN A 256 -20.72 -13.17 -23.94
N LEU A 257 -21.09 -11.93 -24.22
CA LEU A 257 -21.96 -11.63 -25.35
C LEU A 257 -21.26 -11.74 -26.70
N LYS A 258 -19.94 -11.74 -26.69
CA LYS A 258 -19.16 -11.69 -27.91
C LYS A 258 -19.41 -10.43 -28.74
N ASP A 259 -19.88 -9.38 -28.08
CA ASP A 259 -20.04 -8.07 -28.70
C ASP A 259 -18.65 -7.42 -28.86
N PHE A 260 -17.85 -7.94 -29.80
CA PHE A 260 -16.49 -7.43 -29.98
C PHE A 260 -16.43 -6.04 -30.62
N ASP A 261 -17.55 -5.54 -31.13
CA ASP A 261 -17.63 -4.16 -31.60
C ASP A 261 -17.48 -3.19 -30.45
N PHE A 262 -18.19 -3.47 -29.36
CA PHE A 262 -18.32 -2.53 -28.24
C PHE A 262 -17.05 -2.50 -27.38
N VAL A 263 -16.31 -3.61 -27.40
CA VAL A 263 -15.22 -3.87 -26.48
C VAL A 263 -14.01 -2.91 -26.53
N PRO A 264 -13.52 -2.55 -27.74
CA PRO A 264 -12.20 -1.90 -27.79
C PRO A 264 -12.05 -0.59 -27.01
N PRO A 265 -13.06 0.30 -27.05
CA PRO A 265 -12.96 1.53 -26.23
C PRO A 265 -12.95 1.26 -24.72
N VAL A 266 -13.67 0.22 -24.31
CA VAL A 266 -13.75 -0.15 -22.89
C VAL A 266 -12.37 -0.62 -22.44
N VAL A 267 -11.76 -1.50 -23.23
CA VAL A 267 -10.43 -1.97 -22.91
C VAL A 267 -9.48 -0.80 -22.86
N ARG A 268 -9.64 0.14 -23.80
CA ARG A 268 -8.78 1.31 -23.86
C ARG A 268 -8.90 2.11 -22.57
N TRP A 269 -10.14 2.43 -22.16
CA TRP A 269 -10.35 3.19 -20.93
C TRP A 269 -9.70 2.50 -19.73
N LEU A 270 -9.86 1.17 -19.62
CA LEU A 270 -9.29 0.41 -18.51
C LEU A 270 -7.78 0.49 -18.58
N ASN A 271 -7.24 0.38 -19.79
CA ASN A 271 -5.78 0.46 -20.01
C ASN A 271 -5.23 1.84 -19.66
N GLU A 272 -5.95 2.87 -20.10
CA GLU A 272 -5.59 4.24 -19.81
C GLU A 272 -5.63 4.62 -18.34
N GLN A 273 -6.25 3.78 -17.50
CA GLN A 273 -6.25 4.05 -16.06
C GLN A 273 -4.89 3.80 -15.47
N ARG A 274 -4.10 2.96 -16.14
CA ARG A 274 -2.76 2.60 -15.65
C ARG A 274 -2.93 2.15 -14.20
N TYR A 275 -3.92 1.30 -13.98
CA TYR A 275 -4.15 0.77 -12.67
C TYR A 275 -3.41 -0.53 -12.56
N TYR A 276 -2.48 -0.58 -11.62
CA TYR A 276 -1.63 -1.73 -11.50
C TYR A 276 -1.87 -2.56 -10.25
N GLY A 277 -2.96 -2.27 -9.53
CA GLY A 277 -3.41 -3.12 -8.42
C GLY A 277 -2.68 -2.93 -7.11
N GLY A 278 -3.15 -3.61 -6.07
CA GLY A 278 -2.35 -3.84 -4.87
C GLY A 278 -2.54 -2.98 -3.63
N GLY A 279 -3.08 -1.77 -3.75
CA GLY A 279 -3.13 -0.84 -2.57
C GLY A 279 -4.27 -1.10 -1.56
N TYR A 280 -4.60 -0.11 -0.73
CA TYR A 280 -5.63 -0.31 0.30
C TYR A 280 -6.98 -0.51 -0.36
N GLY A 281 -7.81 -1.42 0.16
CA GLY A 281 -9.14 -1.60 -0.39
C GLY A 281 -9.21 -1.93 -1.87
N SER A 282 -8.17 -2.58 -2.37
CA SER A 282 -7.99 -2.78 -3.83
C SER A 282 -8.25 -4.19 -4.25
N THR A 283 -8.78 -4.99 -3.34
CA THR A 283 -8.87 -6.41 -3.58
C THR A 283 -9.79 -6.73 -4.79
N GLN A 284 -10.99 -6.16 -4.85
CA GLN A 284 -11.88 -6.42 -5.96
C GLN A 284 -11.41 -5.78 -7.27
N ALA A 285 -10.99 -4.51 -7.26
CA ALA A 285 -10.41 -3.89 -8.46
C ALA A 285 -9.28 -4.72 -9.06
N THR A 286 -8.41 -5.21 -8.20
CA THR A 286 -7.23 -5.88 -8.65
C THR A 286 -7.64 -7.22 -9.26
N PHE A 287 -8.50 -7.96 -8.58
CA PHE A 287 -8.92 -9.24 -9.10
C PHE A 287 -9.66 -9.06 -10.42
N MET A 288 -10.65 -8.19 -10.42
CA MET A 288 -11.50 -8.02 -11.61
C MET A 288 -10.78 -7.41 -12.84
N VAL A 289 -9.93 -6.38 -12.69
CA VAL A 289 -9.33 -5.79 -13.91
C VAL A 289 -8.45 -6.81 -14.57
N PHE A 290 -7.71 -7.56 -13.80
CA PHE A 290 -6.83 -8.49 -14.42
C PHE A 290 -7.55 -9.72 -14.91
N GLN A 291 -8.64 -10.10 -14.26
CA GLN A 291 -9.48 -11.18 -14.79
C GLN A 291 -10.03 -10.75 -16.15
N ALA A 292 -10.59 -9.55 -16.20
CA ALA A 292 -11.23 -9.07 -17.42
C ALA A 292 -10.21 -8.94 -18.58
N LEU A 293 -9.04 -8.36 -18.33
CA LEU A 293 -8.06 -8.12 -19.38
C LEU A 293 -7.47 -9.43 -19.83
N ALA A 294 -7.26 -10.33 -18.89
CA ALA A 294 -6.82 -11.65 -19.27
C ALA A 294 -7.82 -12.32 -20.22
N GLN A 295 -9.10 -12.16 -19.95
CA GLN A 295 -10.14 -12.84 -20.74
C GLN A 295 -10.23 -12.18 -22.11
N TYR A 296 -10.15 -10.85 -22.13
CA TYR A 296 -10.06 -10.11 -23.37
C TYR A 296 -8.95 -10.61 -24.29
N GLN A 297 -7.76 -10.75 -23.73
CA GLN A 297 -6.62 -11.32 -24.44
C GLN A 297 -6.85 -12.70 -24.96
N LYS A 298 -7.50 -13.53 -24.15
CA LYS A 298 -7.71 -14.91 -24.50
C LYS A 298 -8.69 -14.99 -25.65
N ASP A 299 -9.71 -14.14 -25.65
CA ASP A 299 -10.82 -14.25 -26.60
C ASP A 299 -10.63 -13.42 -27.87
N ALA A 300 -9.96 -12.27 -27.77
CA ALA A 300 -9.76 -11.40 -28.93
C ALA A 300 -9.05 -12.10 -30.09
N PRO A 301 -9.53 -11.80 -31.34
CA PRO A 301 -8.78 -11.94 -32.60
C PRO A 301 -7.75 -10.83 -32.77
N VAL B 19 -3.84 41.31 13.69
CA VAL B 19 -4.98 40.39 13.99
C VAL B 19 -4.46 39.04 14.52
N THR B 20 -3.35 38.51 14.00
CA THR B 20 -2.77 37.25 14.50
C THR B 20 -1.84 37.54 15.72
N PRO B 21 -2.13 36.91 16.87
CA PRO B 21 -1.36 37.20 18.09
C PRO B 21 -0.01 36.48 18.30
N SER B 22 0.70 36.98 19.31
CA SER B 22 1.98 36.45 19.66
C SER B 22 1.86 35.15 20.47
N GLY B 23 2.98 34.49 20.69
CA GLY B 23 2.93 33.20 21.37
C GLY B 23 2.85 32.12 20.32
N ALA B 24 3.88 32.05 19.49
CA ALA B 24 3.79 31.31 18.26
C ALA B 24 3.81 29.82 18.49
N GLY B 25 4.51 29.35 19.52
CA GLY B 25 4.36 27.95 19.89
C GLY B 25 2.93 27.49 20.07
N GLU B 26 2.01 28.40 20.41
CA GLU B 26 0.58 28.09 20.47
C GLU B 26 -0.09 28.38 19.14
N GLN B 27 0.14 29.58 18.62
CA GLN B 27 -0.57 30.01 17.42
C GLN B 27 -0.24 29.12 16.20
N ASN B 28 1.01 28.69 16.09
CA ASN B 28 1.37 27.79 15.02
C ASN B 28 0.54 26.51 15.04
N MET B 29 0.18 26.02 16.22
CA MET B 29 -0.66 24.81 16.33
C MET B 29 -2.11 25.08 16.05
N ILE B 30 -2.56 26.29 16.38
CA ILE B 30 -3.86 26.71 15.96
C ILE B 30 -4.00 26.67 14.42
N GLY B 31 -2.95 27.06 13.72
CA GLY B 31 -2.98 27.10 12.24
C GLY B 31 -2.72 25.78 11.54
N MET B 32 -1.89 24.95 12.16
CA MET B 32 -1.64 23.60 11.73
C MET B 32 -2.91 22.74 11.81
N THR B 33 -3.73 23.00 12.82
CA THR B 33 -4.82 22.12 13.16
C THR B 33 -5.74 21.82 11.99
N PRO B 34 -6.23 22.84 11.30
CA PRO B 34 -7.27 22.55 10.31
C PRO B 34 -6.76 21.78 9.10
N THR B 35 -5.53 22.03 8.72
CA THR B 35 -4.91 21.32 7.64
C THR B 35 -4.68 19.83 7.95
N VAL B 36 -4.14 19.56 9.11
CA VAL B 36 -3.90 18.19 9.50
C VAL B 36 -5.23 17.42 9.55
N ILE B 37 -6.25 17.97 10.22
CA ILE B 37 -7.50 17.22 10.41
C ILE B 37 -8.27 17.11 9.10
N ALA B 38 -8.08 18.06 8.19
CA ALA B 38 -8.75 17.96 6.87
C ALA B 38 -8.17 16.79 6.07
N VAL B 39 -6.85 16.72 5.98
CA VAL B 39 -6.18 15.63 5.30
C VAL B 39 -6.56 14.29 5.95
N HIS B 40 -6.55 14.25 7.27
CA HIS B 40 -6.97 13.08 8.02
C HIS B 40 -8.35 12.64 7.58
N TYR B 41 -9.29 13.56 7.63
CA TYR B 41 -10.67 13.23 7.31
C TYR B 41 -10.74 12.68 5.89
N LEU B 42 -10.13 13.37 4.94
CA LEU B 42 -10.27 12.96 3.57
C LEU B 42 -9.60 11.60 3.33
N ASP B 43 -8.44 11.39 3.90
CA ASP B 43 -7.77 10.10 3.78
C ASP B 43 -8.64 8.96 4.34
N GLU B 44 -9.25 9.20 5.49
CA GLU B 44 -9.90 8.11 6.23
C GLU B 44 -11.22 7.79 5.60
N THR B 45 -11.87 8.79 5.02
CA THR B 45 -13.13 8.55 4.32
C THR B 45 -12.95 8.27 2.83
N GLU B 46 -11.70 8.27 2.38
CA GLU B 46 -11.34 8.16 0.98
C GLU B 46 -12.24 9.06 0.13
N GLN B 47 -12.18 10.37 0.34
CA GLN B 47 -12.92 11.36 -0.46
C GLN B 47 -12.05 12.35 -1.25
N TRP B 48 -10.79 12.01 -1.46
CA TRP B 48 -9.89 12.87 -2.23
C TRP B 48 -10.26 13.06 -3.71
N GLU B 49 -10.84 12.04 -4.33
CA GLU B 49 -11.17 12.11 -5.77
C GLU B 49 -12.19 13.21 -6.03
N LYS B 50 -13.26 13.20 -5.24
CA LYS B 50 -14.27 14.24 -5.29
C LYS B 50 -13.66 15.61 -4.99
N PHE B 51 -12.98 15.73 -3.86
CA PHE B 51 -12.49 17.03 -3.43
C PHE B 51 -11.41 17.60 -4.36
N GLY B 52 -10.55 16.74 -4.88
CA GLY B 52 -9.48 17.16 -5.76
C GLY B 52 -8.14 16.58 -5.36
N LEU B 53 -7.85 15.38 -5.85
CA LEU B 53 -6.61 14.66 -5.53
C LEU B 53 -5.34 15.44 -5.83
N GLU B 54 -5.43 16.38 -6.78
CA GLU B 54 -4.29 17.25 -7.10
C GLU B 54 -3.83 18.07 -5.86
N LYS B 55 -4.80 18.47 -5.02
CA LYS B 55 -4.55 19.32 -3.84
C LYS B 55 -3.83 18.67 -2.64
N ARG B 56 -3.76 17.33 -2.61
CA ARG B 56 -3.19 16.64 -1.47
C ARG B 56 -1.72 16.91 -1.30
N GLN B 57 -0.98 16.97 -2.40
CA GLN B 57 0.46 17.23 -2.29
C GLN B 57 0.74 18.56 -1.58
N GLY B 58 -0.02 19.58 -1.93
CA GLY B 58 0.17 20.91 -1.35
C GLY B 58 -0.17 20.92 0.10
N ALA B 59 -1.27 20.28 0.45
CA ALA B 59 -1.65 20.13 1.84
C ALA B 59 -0.52 19.47 2.67
N LEU B 60 0.08 18.41 2.16
CA LEU B 60 1.15 17.77 2.91
C LEU B 60 2.30 18.69 3.14
N GLU B 61 2.57 19.54 2.16
CA GLU B 61 3.73 20.44 2.28
C GLU B 61 3.43 21.52 3.33
N LEU B 62 2.17 21.93 3.44
CA LEU B 62 1.77 22.88 4.43
C LEU B 62 1.88 22.24 5.86
N ILE B 63 1.57 20.97 5.96
CA ILE B 63 1.67 20.27 7.23
C ILE B 63 3.12 20.14 7.61
N LYS B 64 3.97 19.81 6.65
CA LYS B 64 5.41 19.82 6.93
C LYS B 64 5.94 21.20 7.44
N LYS B 65 5.43 22.28 6.87
CA LYS B 65 5.84 23.61 7.29
C LYS B 65 5.39 23.85 8.75
N GLY B 66 4.14 23.51 9.07
CA GLY B 66 3.66 23.57 10.47
C GLY B 66 4.59 22.82 11.42
N TYR B 67 4.91 21.58 11.05
CA TYR B 67 5.73 20.72 11.90
C TYR B 67 7.04 21.39 12.12
N THR B 68 7.63 21.87 11.03
CA THR B 68 8.98 22.42 11.09
C THR B 68 9.03 23.68 11.95
N GLN B 69 8.06 24.57 11.75
CA GLN B 69 7.99 25.79 12.55
C GLN B 69 7.79 25.46 14.02
N GLN B 70 6.94 24.47 14.31
CA GLN B 70 6.71 24.11 15.71
C GLN B 70 7.98 23.72 16.43
N LEU B 71 8.92 23.13 15.70
CA LEU B 71 10.19 22.69 16.31
C LEU B 71 11.02 23.82 16.88
N ALA B 72 10.80 25.03 16.41
CA ALA B 72 11.49 26.17 17.05
C ALA B 72 11.03 26.43 18.49
N PHE B 73 9.87 25.88 18.89
CA PHE B 73 9.35 26.04 20.25
C PHE B 73 9.46 24.82 21.10
N ARG B 74 10.13 23.81 20.54
CA ARG B 74 10.48 22.66 21.32
C ARG B 74 11.63 23.02 22.27
N GLN B 75 11.43 22.83 23.57
CA GLN B 75 12.45 23.20 24.56
C GLN B 75 13.36 22.03 24.78
N PRO B 76 14.49 22.27 25.45
CA PRO B 76 15.44 21.18 25.68
C PRO B 76 14.82 20.02 26.43
N SER B 77 13.79 20.27 27.22
CA SER B 77 13.06 19.20 27.92
C SER B 77 12.24 18.30 26.97
N SER B 78 12.08 18.73 25.73
CA SER B 78 11.14 18.12 24.76
C SER B 78 9.69 18.59 24.90
N ALA B 79 9.46 19.54 25.78
CA ALA B 79 8.11 20.10 25.94
C ALA B 79 7.98 21.37 25.13
N PHE B 80 6.74 21.84 25.01
CA PHE B 80 6.39 23.02 24.24
C PHE B 80 5.71 24.11 25.09
N ALA B 81 5.94 25.36 24.70
CA ALA B 81 5.26 26.53 25.23
C ALA B 81 5.14 27.58 24.12
N ALA B 82 4.27 28.56 24.32
CA ALA B 82 4.12 29.68 23.42
C ALA B 82 5.41 30.43 23.09
N PHE B 83 6.31 30.55 24.07
CA PHE B 83 7.57 31.25 23.91
C PHE B 83 8.66 30.38 24.49
N VAL B 84 9.87 30.52 23.98
CA VAL B 84 10.96 29.70 24.45
C VAL B 84 11.32 29.99 25.89
N LYS B 85 10.99 31.17 26.39
CA LYS B 85 11.28 31.50 27.79
C LYS B 85 10.07 31.40 28.71
N ARG B 86 8.98 30.83 28.22
CA ARG B 86 7.86 30.53 29.08
C ARG B 86 7.92 29.09 29.49
N ALA B 87 7.45 28.80 30.71
CA ALA B 87 7.41 27.44 31.21
C ALA B 87 6.50 26.60 30.31
N PRO B 88 6.90 25.35 30.05
CA PRO B 88 6.12 24.51 29.17
C PRO B 88 4.72 24.20 29.71
N SER B 89 3.77 24.13 28.80
CA SER B 89 2.39 23.74 29.08
C SER B 89 2.15 22.26 28.93
N THR B 90 1.58 21.65 29.95
CA THR B 90 1.16 20.28 29.91
C THR B 90 0.14 20.06 28.79
N TRP B 91 -0.82 20.98 28.70
CA TRP B 91 -1.89 20.82 27.72
C TRP B 91 -1.35 20.99 26.31
N LEU B 92 -0.56 22.03 26.09
CA LEU B 92 -0.01 22.25 24.74
C LEU B 92 0.87 21.07 24.26
N THR B 93 1.71 20.57 25.16
CA THR B 93 2.58 19.49 24.83
C THR B 93 1.78 18.26 24.46
N ALA B 94 0.71 17.98 25.20
CA ALA B 94 -0.16 16.87 24.87
C ALA B 94 -0.91 17.12 23.57
N TYR B 95 -1.25 18.38 23.28
CA TYR B 95 -1.93 18.66 22.01
C TYR B 95 -0.97 18.43 20.86
N VAL B 96 0.28 18.84 21.02
CA VAL B 96 1.25 18.61 19.96
C VAL B 96 1.40 17.09 19.67
N VAL B 97 1.52 16.30 20.72
CA VAL B 97 1.61 14.88 20.58
C VAL B 97 0.43 14.32 19.79
N LYS B 98 -0.78 14.76 20.12
CA LYS B 98 -1.95 14.27 19.39
C LYS B 98 -1.85 14.62 17.92
N VAL B 99 -1.57 15.89 17.63
CA VAL B 99 -1.56 16.36 16.28
C VAL B 99 -0.42 15.71 15.45
N PHE B 100 0.80 15.71 15.98
CA PHE B 100 1.91 15.01 15.31
C PHE B 100 1.63 13.52 15.10
N SER B 101 0.94 12.88 16.05
CA SER B 101 0.65 11.46 15.92
C SER B 101 -0.18 11.17 14.68
N LEU B 102 -1.19 11.96 14.46
CA LEU B 102 -2.07 11.84 13.28
C LEU B 102 -1.36 12.10 11.97
N ALA B 103 -0.21 12.72 12.09
CA ALA B 103 0.55 13.05 10.93
C ALA B 103 1.73 12.12 10.67
N VAL B 104 1.95 11.09 11.47
CA VAL B 104 3.17 10.31 11.28
C VAL B 104 3.31 9.60 9.92
N ASN B 105 2.20 9.25 9.29
CA ASN B 105 2.22 8.65 7.96
C ASN B 105 1.82 9.65 6.92
N LEU B 106 1.68 10.90 7.30
CA LEU B 106 1.47 12.00 6.37
C LEU B 106 2.81 12.62 6.00
N ILE B 107 3.72 12.78 6.98
CA ILE B 107 5.04 13.38 6.76
C ILE B 107 6.04 12.70 7.69
N ALA B 108 7.33 13.06 7.57
CA ALA B 108 8.34 12.48 8.44
C ALA B 108 8.37 13.18 9.80
N ILE B 109 7.99 12.44 10.84
CA ILE B 109 7.93 12.98 12.18
C ILE B 109 9.08 12.37 12.91
N ASP B 110 10.01 13.18 13.39
CA ASP B 110 11.09 12.65 14.19
C ASP B 110 10.53 12.03 15.48
N SER B 111 10.74 10.75 15.64
N SER B 111 10.73 10.75 15.65
CA SER B 111 10.19 10.02 16.78
CA SER B 111 10.18 10.06 16.80
C SER B 111 10.76 10.55 18.09
C SER B 111 10.75 10.57 18.09
N GLN B 112 11.94 11.15 18.05
CA GLN B 112 12.51 11.69 19.27
C GLN B 112 11.75 12.93 19.75
N VAL B 113 11.20 13.68 18.81
CA VAL B 113 10.40 14.85 19.15
C VAL B 113 9.10 14.37 19.79
N LEU B 114 8.45 13.47 19.09
CA LEU B 114 7.16 12.97 19.54
C LEU B 114 7.29 12.24 20.86
N CYS B 115 8.15 11.24 20.88
CA CYS B 115 8.29 10.40 22.04
C CYS B 115 9.00 11.09 23.17
N GLY B 116 9.82 12.08 22.85
CA GLY B 116 10.38 12.97 23.88
C GLY B 116 9.30 13.75 24.63
N ALA B 117 8.30 14.23 23.89
CA ALA B 117 7.20 14.98 24.48
C ALA B 117 6.40 14.07 25.38
N VAL B 118 6.13 12.86 24.89
CA VAL B 118 5.40 11.85 25.66
C VAL B 118 6.09 11.57 26.97
N LYS B 119 7.40 11.39 26.91
CA LYS B 119 8.19 10.97 28.09
C LYS B 119 8.24 12.11 29.13
N TRP B 120 8.34 13.35 28.65
CA TRP B 120 8.27 14.51 29.53
C TRP B 120 6.95 14.50 30.27
N LEU B 121 5.86 14.26 29.54
CA LEU B 121 4.56 14.23 30.17
C LEU B 121 4.56 13.22 31.32
N ILE B 122 5.10 12.04 31.06
CA ILE B 122 5.03 10.92 32.00
C ILE B 122 5.95 11.13 33.21
N LEU B 123 7.18 11.57 32.95
CA LEU B 123 8.16 11.74 34.00
C LEU B 123 7.93 12.96 34.87
N GLU B 124 7.36 14.03 34.30
CA GLU B 124 7.29 15.32 35.01
C GLU B 124 5.91 15.73 35.42
N LYS B 125 4.90 15.46 34.60
CA LYS B 125 3.58 16.05 34.80
C LYS B 125 2.50 15.12 35.28
N GLN B 126 2.82 13.82 35.40
CA GLN B 126 1.87 12.90 36.02
C GLN B 126 2.09 12.82 37.54
N LYS B 127 1.00 12.97 38.29
CA LYS B 127 1.02 12.77 39.72
C LYS B 127 0.85 11.28 40.11
N PRO B 128 1.16 10.94 41.37
CA PRO B 128 1.26 9.52 41.76
C PRO B 128 -0.04 8.78 41.66
N ASP B 129 -1.15 9.45 41.89
CA ASP B 129 -2.44 8.82 41.64
C ASP B 129 -2.88 8.77 40.15
N GLY B 130 -2.00 9.14 39.21
CA GLY B 130 -2.34 9.12 37.78
C GLY B 130 -2.80 10.41 37.13
N VAL B 131 -3.07 11.45 37.93
CA VAL B 131 -3.56 12.73 37.44
C VAL B 131 -2.47 13.47 36.67
N PHE B 132 -2.87 14.15 35.60
CA PHE B 132 -1.98 15.03 34.87
C PHE B 132 -2.30 16.43 35.27
N GLN B 133 -1.25 17.22 35.48
CA GLN B 133 -1.42 18.57 35.96
C GLN B 133 -0.75 19.59 35.07
N GLU B 134 -1.40 20.74 34.96
CA GLU B 134 -0.89 21.85 34.23
C GLU B 134 -0.22 22.83 35.17
N ASP B 135 1.04 23.16 34.94
CA ASP B 135 1.73 24.15 35.74
C ASP B 135 1.97 25.45 34.98
N ALA B 136 1.60 25.51 33.72
CA ALA B 136 1.83 26.72 32.93
C ALA B 136 0.78 26.77 31.83
N PRO B 137 -0.42 27.24 32.19
CA PRO B 137 -1.55 27.25 31.28
C PRO B 137 -1.23 27.94 30.00
N VAL B 138 -1.85 27.52 28.91
CA VAL B 138 -1.68 28.23 27.65
C VAL B 138 -2.28 29.63 27.77
N ILE B 139 -1.71 30.54 27.01
CA ILE B 139 -2.13 31.88 26.95
C ILE B 139 -3.40 32.00 26.16
N HIS B 140 -3.42 31.44 24.95
CA HIS B 140 -4.64 31.46 24.11
C HIS B 140 -5.64 30.40 24.54
N GLN B 141 -6.33 30.70 25.65
CA GLN B 141 -7.28 29.77 26.29
C GLN B 141 -8.42 29.33 25.37
N GLU B 142 -8.65 30.07 24.31
CA GLU B 142 -9.68 29.71 23.38
C GLU B 142 -9.32 28.42 22.58
N MET B 143 -8.04 28.03 22.55
CA MET B 143 -7.62 26.86 21.73
C MET B 143 -7.83 25.55 22.44
N ILE B 144 -8.26 25.59 23.71
CA ILE B 144 -8.46 24.40 24.47
C ILE B 144 -9.91 23.95 24.63
N GLY B 145 -10.81 24.62 23.90
CA GLY B 145 -12.23 24.24 23.93
C GLY B 145 -12.76 24.15 25.35
N GLY B 146 -13.56 23.12 25.61
CA GLY B 146 -14.34 23.06 26.84
C GLY B 146 -13.56 22.80 28.08
N LEU B 147 -12.26 22.56 27.95
CA LEU B 147 -11.42 22.45 29.17
C LEU B 147 -11.34 23.79 29.88
N ARG B 148 -11.62 24.86 29.15
CA ARG B 148 -11.49 26.19 29.71
C ARG B 148 -12.45 26.40 30.89
N ASN B 149 -13.67 25.86 30.77
CA ASN B 149 -14.81 26.18 31.64
C ASN B 149 -14.88 25.24 32.83
N ASN B 150 -13.79 24.58 33.15
CA ASN B 150 -14.00 23.42 33.95
C ASN B 150 -13.66 23.43 35.46
N ASN B 151 -14.71 23.21 36.25
CA ASN B 151 -14.56 22.38 37.42
C ASN B 151 -14.11 21.03 36.88
N GLU B 152 -13.74 20.13 37.77
CA GLU B 152 -13.45 18.75 37.38
C GLU B 152 -12.26 18.74 36.43
N LYS B 153 -11.31 19.64 36.70
CA LYS B 153 -10.22 19.91 35.79
C LYS B 153 -9.26 18.74 35.80
N ASP B 154 -9.06 18.13 36.96
CA ASP B 154 -8.17 17.00 37.07
C ASP B 154 -8.60 15.86 36.17
N MET B 155 -9.90 15.59 36.14
CA MET B 155 -10.43 14.49 35.34
C MET B 155 -10.42 14.88 33.86
N ALA B 156 -10.79 16.10 33.57
CA ALA B 156 -10.83 16.54 32.22
C ALA B 156 -9.42 16.54 31.57
N LEU B 157 -8.46 17.19 32.23
CA LEU B 157 -7.12 17.27 31.70
C LEU B 157 -6.47 15.91 31.69
N THR B 158 -6.75 15.09 32.71
CA THR B 158 -6.20 13.76 32.73
C THR B 158 -6.73 12.96 31.51
N ALA B 159 -7.99 13.14 31.18
CA ALA B 159 -8.56 12.41 30.06
C ALA B 159 -7.91 12.88 28.77
N PHE B 160 -7.76 14.20 28.64
CA PHE B 160 -7.22 14.79 27.44
C PHE B 160 -5.80 14.31 27.18
N VAL B 161 -4.97 14.29 28.22
CA VAL B 161 -3.58 13.90 28.06
C VAL B 161 -3.55 12.43 27.75
N LEU B 162 -4.40 11.68 28.43
CA LEU B 162 -4.43 10.24 28.23
C LEU B 162 -4.81 9.91 26.79
N ILE B 163 -5.76 10.64 26.22
CA ILE B 163 -6.16 10.39 24.84
C ILE B 163 -4.92 10.60 23.97
N SER B 164 -4.10 11.61 24.27
CA SER B 164 -2.88 11.84 23.47
C SER B 164 -1.86 10.71 23.64
N LEU B 165 -1.68 10.27 24.87
CA LEU B 165 -0.75 9.14 25.10
C LEU B 165 -1.18 7.90 24.31
N GLN B 166 -2.49 7.64 24.29
CA GLN B 166 -3.02 6.49 23.57
C GLN B 166 -2.69 6.63 22.07
N GLU B 167 -2.83 7.83 21.52
CA GLU B 167 -2.53 8.04 20.10
C GLU B 167 -1.07 7.78 19.79
N ALA B 168 -0.21 8.02 20.76
CA ALA B 168 1.20 7.84 20.60
C ALA B 168 1.72 6.46 21.01
N LYS B 169 0.86 5.61 21.54
CA LYS B 169 1.27 4.36 22.12
C LYS B 169 2.07 3.40 21.22
N ASP B 170 1.55 3.03 20.07
CA ASP B 170 2.30 2.15 19.16
C ASP B 170 3.62 2.76 18.76
N ILE B 171 3.58 4.04 18.43
CA ILE B 171 4.76 4.70 17.91
C ILE B 171 5.83 4.78 18.99
N CYS B 172 5.45 4.96 20.24
CA CYS B 172 6.44 5.29 21.29
C CYS B 172 6.73 4.18 22.30
N GLU B 173 5.88 3.16 22.35
CA GLU B 173 5.88 2.09 23.39
C GLU B 173 7.28 1.53 23.60
N GLU B 174 7.97 1.31 22.50
CA GLU B 174 9.27 0.67 22.54
C GLU B 174 10.34 1.70 22.91
N GLN B 175 10.27 2.89 22.36
CA GLN B 175 11.19 3.94 22.79
C GLN B 175 10.90 4.58 24.15
N VAL B 176 9.72 4.31 24.72
CA VAL B 176 9.34 4.80 26.03
C VAL B 176 8.61 3.71 26.82
N ASN B 177 9.37 2.95 27.60
CA ASN B 177 8.87 1.78 28.29
C ASN B 177 7.89 2.13 29.40
N SER B 178 8.01 3.34 29.93
CA SER B 178 7.10 3.78 31.01
C SER B 178 5.69 4.09 30.49
N LEU B 179 5.50 4.16 29.19
CA LEU B 179 4.21 4.57 28.62
C LEU B 179 3.01 3.73 28.99
N PRO B 180 3.08 2.39 28.81
CA PRO B 180 1.91 1.57 29.22
C PRO B 180 1.46 1.71 30.66
N GLY B 181 2.41 1.82 31.59
CA GLY B 181 2.05 1.98 32.99
C GLY B 181 1.42 3.34 33.30
N SER B 182 1.95 4.37 32.65
CA SER B 182 1.45 5.73 32.84
C SER B 182 0.02 5.77 32.31
N ILE B 183 -0.20 5.14 31.18
CA ILE B 183 -1.54 5.06 30.61
C ILE B 183 -2.47 4.38 31.59
N THR B 184 -2.02 3.29 32.17
CA THR B 184 -2.88 2.46 33.03
C THR B 184 -3.25 3.27 34.27
N LYS B 185 -2.25 3.95 34.81
CA LYS B 185 -2.45 4.72 36.02
C LYS B 185 -3.42 5.89 35.82
N ALA B 186 -3.35 6.55 34.67
CA ALA B 186 -4.32 7.60 34.36
C ALA B 186 -5.72 7.01 34.24
N GLY B 187 -5.82 5.85 33.61
CA GLY B 187 -7.08 5.11 33.57
C GLY B 187 -7.63 4.76 34.95
N ASP B 188 -6.74 4.34 35.86
CA ASP B 188 -7.16 4.04 37.22
C ASP B 188 -7.82 5.27 37.82
N PHE B 189 -7.14 6.40 37.73
CA PHE B 189 -7.71 7.61 38.29
C PHE B 189 -9.06 7.91 37.67
N LEU B 190 -9.18 7.79 36.36
CA LEU B 190 -10.44 8.16 35.72
C LEU B 190 -11.53 7.19 36.19
N GLU B 191 -11.22 5.91 36.22
CA GLU B 191 -12.21 4.88 36.58
C GLU B 191 -12.70 5.07 38.01
N ALA B 192 -11.76 5.40 38.90
CA ALA B 192 -12.08 5.61 40.29
C ALA B 192 -12.97 6.81 40.57
N ASN B 193 -13.08 7.78 39.66
CA ASN B 193 -13.83 9.01 39.97
C ASN B 193 -14.92 9.35 38.99
N TYR B 194 -15.13 8.46 38.02
CA TYR B 194 -16.04 8.75 36.91
C TYR B 194 -17.46 8.91 37.40
N MET B 195 -17.84 8.08 38.38
CA MET B 195 -19.24 8.07 38.83
C MET B 195 -19.61 9.41 39.47
N ASN B 196 -18.67 10.08 40.16
CA ASN B 196 -18.93 11.40 40.74
C ASN B 196 -18.95 12.58 39.80
N LEU B 197 -18.75 12.36 38.51
CA LEU B 197 -18.70 13.49 37.60
C LEU B 197 -20.07 14.08 37.44
N GLN B 198 -20.14 15.39 37.23
CA GLN B 198 -21.39 16.11 37.05
C GLN B 198 -21.55 16.67 35.66
N ARG B 199 -20.45 17.04 35.02
CA ARG B 199 -20.54 17.80 33.77
C ARG B 199 -20.49 16.84 32.60
N SER B 200 -21.31 17.10 31.61
CA SER B 200 -21.41 16.25 30.44
C SER B 200 -20.08 16.24 29.67
N TYR B 201 -19.43 17.40 29.61
CA TYR B 201 -18.18 17.53 28.88
C TYR B 201 -17.20 16.50 29.43
N THR B 202 -17.06 16.48 30.75
CA THR B 202 -16.11 15.58 31.37
C THR B 202 -16.51 14.13 31.18
N VAL B 203 -17.80 13.87 31.32
CA VAL B 203 -18.33 12.52 31.14
C VAL B 203 -17.98 12.00 29.75
N ALA B 204 -18.09 12.88 28.75
CA ALA B 204 -17.82 12.51 27.40
C ALA B 204 -16.31 12.25 27.18
N ILE B 205 -15.47 13.18 27.61
CA ILE B 205 -14.06 13.07 27.27
C ILE B 205 -13.43 11.91 28.04
N ALA B 206 -13.74 11.81 29.32
CA ALA B 206 -13.22 10.70 30.11
C ALA B 206 -13.82 9.36 29.66
N GLY B 207 -15.04 9.43 29.14
CA GLY B 207 -15.71 8.25 28.62
C GLY B 207 -15.00 7.67 27.42
N TYR B 208 -14.62 8.54 26.50
CA TYR B 208 -13.83 8.12 25.36
C TYR B 208 -12.51 7.53 25.83
N ALA B 209 -11.82 8.25 26.72
CA ALA B 209 -10.54 7.77 27.22
C ALA B 209 -10.68 6.36 27.80
N LEU B 210 -11.72 6.12 28.61
CA LEU B 210 -11.92 4.80 29.21
C LEU B 210 -12.33 3.77 28.17
N ALA B 211 -13.17 4.18 27.21
CA ALA B 211 -13.60 3.25 26.17
C ALA B 211 -12.44 2.73 25.34
N GLN B 212 -11.47 3.58 25.07
CA GLN B 212 -10.33 3.17 24.25
C GLN B 212 -9.60 2.03 24.91
N MET B 213 -9.62 2.01 26.25
CA MET B 213 -8.95 0.98 27.03
C MET B 213 -9.89 -0.14 27.43
N GLY B 214 -11.11 -0.14 26.93
CA GLY B 214 -12.09 -1.13 27.34
C GLY B 214 -12.42 -1.11 28.81
N ARG B 215 -12.43 0.08 29.43
CA ARG B 215 -12.73 0.18 30.85
C ARG B 215 -13.94 1.02 31.10
N LEU B 216 -14.76 1.21 30.07
CA LEU B 216 -16.05 1.85 30.23
C LEU B 216 -17.13 0.75 30.20
N LYS B 217 -17.54 0.34 31.39
CA LYS B 217 -18.27 -0.90 31.65
C LYS B 217 -19.35 -0.63 32.68
N GLY B 218 -20.40 -1.46 32.69
CA GLY B 218 -21.32 -1.50 33.81
C GLY B 218 -21.98 -0.16 34.11
N PRO B 219 -21.89 0.29 35.37
CA PRO B 219 -22.52 1.56 35.77
C PRO B 219 -21.91 2.81 35.10
N LEU B 220 -20.59 2.77 34.87
CA LEU B 220 -19.90 3.89 34.19
C LEU B 220 -20.47 4.01 32.78
N LEU B 221 -20.57 2.89 32.08
CA LEU B 221 -21.12 2.88 30.73
C LEU B 221 -22.52 3.43 30.74
N ASN B 222 -23.28 3.01 31.75
CA ASN B 222 -24.64 3.48 31.87
C ASN B 222 -24.69 4.98 32.18
N LYS B 223 -23.84 5.43 33.09
CA LYS B 223 -23.75 6.88 33.36
C LYS B 223 -23.41 7.66 32.09
N PHE B 224 -22.46 7.12 31.33
CA PHE B 224 -22.05 7.76 30.09
C PHE B 224 -23.22 7.95 29.14
N LEU B 225 -23.97 6.86 28.94
CA LEU B 225 -25.09 6.86 27.99
C LEU B 225 -26.22 7.74 28.48
N THR B 226 -26.56 7.57 29.77
CA THR B 226 -27.69 8.28 30.35
C THR B 226 -27.43 9.78 30.51
N THR B 227 -26.16 10.20 30.47
CA THR B 227 -25.87 11.62 30.55
C THR B 227 -26.33 12.40 29.30
N ALA B 228 -26.51 11.72 28.18
CA ALA B 228 -26.91 12.41 26.93
C ALA B 228 -28.29 13.05 27.08
N LYS B 229 -28.53 14.13 26.34
CA LYS B 229 -29.86 14.72 26.21
C LYS B 229 -30.48 14.12 24.97
N ASP B 230 -31.70 13.62 25.13
CA ASP B 230 -32.50 13.08 24.03
C ASP B 230 -31.73 12.04 23.24
N LYS B 231 -30.88 11.27 23.92
CA LYS B 231 -30.12 10.23 23.24
C LYS B 231 -29.36 10.69 21.98
N ASN B 232 -28.99 11.98 21.88
CA ASN B 232 -28.25 12.47 20.70
C ASN B 232 -27.12 13.54 20.90
N ARG B 233 -26.87 13.95 22.13
CA ARG B 233 -25.85 14.95 22.39
C ARG B 233 -25.47 15.01 23.87
N TRP B 234 -24.22 15.41 24.12
CA TRP B 234 -23.74 15.66 25.47
C TRP B 234 -23.52 17.16 25.58
N GLU B 235 -24.17 17.79 26.58
CA GLU B 235 -24.21 19.24 26.63
C GLU B 235 -24.33 19.76 28.05
N ASP B 236 -23.70 20.92 28.25
CA ASP B 236 -23.75 21.64 29.50
C ASP B 236 -24.18 23.07 29.18
N PRO B 237 -24.70 23.79 30.18
CA PRO B 237 -25.00 25.22 29.95
C PRO B 237 -23.69 25.91 29.65
N GLY B 238 -23.61 26.60 28.52
CA GLY B 238 -22.44 27.37 28.19
C GLY B 238 -22.28 27.55 26.70
N LYS B 239 -21.05 27.85 26.29
CA LYS B 239 -20.72 27.92 24.90
C LYS B 239 -21.13 26.64 24.16
N GLN B 240 -21.84 26.82 23.05
CA GLN B 240 -22.31 25.70 22.23
C GLN B 240 -21.12 24.89 21.67
N LEU B 241 -20.02 25.58 21.38
CA LEU B 241 -18.84 24.92 20.84
C LEU B 241 -18.32 23.83 21.77
N TYR B 242 -18.49 24.01 23.07
CA TYR B 242 -18.09 22.98 24.03
C TYR B 242 -18.91 21.71 23.90
N ASN B 243 -20.17 21.87 23.52
CA ASN B 243 -21.06 20.73 23.43
C ASN B 243 -20.79 19.94 22.17
N VAL B 244 -20.42 20.64 21.10
CA VAL B 244 -20.07 20.01 19.84
C VAL B 244 -18.80 19.16 20.04
N GLU B 245 -17.85 19.74 20.77
CA GLU B 245 -16.63 19.05 21.12
C GLU B 245 -16.94 17.85 22.01
N ALA B 246 -17.71 18.07 23.07
CA ALA B 246 -18.12 16.99 23.98
C ALA B 246 -18.76 15.84 23.22
N THR B 247 -19.67 16.19 22.33
CA THR B 247 -20.49 15.22 21.67
C THR B 247 -19.63 14.45 20.67
N SER B 248 -18.63 15.13 20.10
CA SER B 248 -17.68 14.47 19.22
C SER B 248 -16.89 13.41 19.99
N TYR B 249 -16.49 13.72 21.22
CA TYR B 249 -15.80 12.74 22.01
C TYR B 249 -16.73 11.57 22.26
N ALA B 250 -17.99 11.88 22.57
CA ALA B 250 -18.97 10.85 22.90
C ALA B 250 -19.14 9.90 21.71
N LEU B 251 -19.27 10.48 20.52
CA LEU B 251 -19.40 9.69 19.31
C LEU B 251 -18.19 8.77 19.16
N LEU B 252 -17.00 9.29 19.42
CA LEU B 252 -15.83 8.44 19.35
C LEU B 252 -15.87 7.33 20.39
N ALA B 253 -16.34 7.64 21.59
CA ALA B 253 -16.55 6.56 22.60
C ALA B 253 -17.52 5.47 22.11
N LEU B 254 -18.62 5.90 21.48
CA LEU B 254 -19.61 4.96 20.97
C LEU B 254 -19.01 4.08 19.87
N LEU B 255 -18.22 4.68 18.98
CA LEU B 255 -17.57 3.88 17.97
C LEU B 255 -16.61 2.86 18.60
N GLN B 256 -15.95 3.22 19.69
CA GLN B 256 -15.06 2.30 20.41
C GLN B 256 -15.88 1.15 20.95
N LEU B 257 -17.04 1.47 21.49
CA LEU B 257 -17.93 0.45 22.04
C LEU B 257 -18.62 -0.38 20.95
N LYS B 258 -18.60 0.11 19.72
CA LYS B 258 -19.34 -0.50 18.63
C LYS B 258 -20.85 -0.53 18.87
N ASP B 259 -21.33 0.38 19.71
CA ASP B 259 -22.76 0.57 19.91
C ASP B 259 -23.34 1.33 18.71
N PHE B 260 -23.46 0.66 17.57
CA PHE B 260 -23.96 1.31 16.36
C PHE B 260 -25.45 1.60 16.37
N ASP B 261 -26.18 1.03 17.33
CA ASP B 261 -27.58 1.40 17.55
C ASP B 261 -27.71 2.83 17.98
N PHE B 262 -26.87 3.22 18.95
CA PHE B 262 -27.00 4.54 19.61
C PHE B 262 -26.56 5.69 18.70
N VAL B 263 -25.67 5.35 17.77
CA VAL B 263 -24.91 6.32 17.00
C VAL B 263 -25.68 7.26 16.06
N PRO B 264 -26.69 6.75 15.34
CA PRO B 264 -27.22 7.56 14.21
C PRO B 264 -27.85 8.93 14.56
N PRO B 265 -28.60 9.02 15.66
CA PRO B 265 -29.09 10.34 16.09
C PRO B 265 -28.01 11.31 16.52
N VAL B 266 -26.95 10.78 17.13
CA VAL B 266 -25.80 11.58 17.55
C VAL B 266 -25.15 12.17 16.33
N VAL B 267 -24.90 11.35 15.32
CA VAL B 267 -24.27 11.86 14.09
C VAL B 267 -25.14 12.92 13.48
N ARG B 268 -26.43 12.68 13.53
CA ARG B 268 -27.36 13.60 12.93
C ARG B 268 -27.27 14.95 13.63
N TRP B 269 -27.37 14.94 14.95
CA TRP B 269 -27.25 16.19 15.70
C TRP B 269 -25.96 16.94 15.36
N LEU B 270 -24.85 16.22 15.29
CA LEU B 270 -23.57 16.85 14.98
C LEU B 270 -23.54 17.44 13.60
N ASN B 271 -24.08 16.70 12.65
CA ASN B 271 -24.12 17.23 11.32
C ASN B 271 -25.04 18.43 11.22
N GLU B 272 -26.18 18.38 11.91
CA GLU B 272 -27.14 19.50 11.93
C GLU B 272 -26.58 20.77 12.55
N GLN B 273 -25.42 20.68 13.18
CA GLN B 273 -24.62 21.86 13.55
C GLN B 273 -23.82 22.27 12.29
N ARG B 274 -22.88 23.20 12.42
CA ARG B 274 -21.92 23.50 11.32
C ARG B 274 -21.10 24.73 11.62
N TYR B 280 -13.13 31.70 15.55
CA TYR B 280 -12.43 32.00 16.80
C TYR B 280 -12.77 30.95 17.88
N GLY B 281 -11.75 30.49 18.60
CA GLY B 281 -11.94 29.51 19.67
C GLY B 281 -12.54 28.18 19.22
N SER B 282 -12.31 27.83 17.95
CA SER B 282 -12.95 26.69 17.33
C SER B 282 -11.96 25.53 17.15
N THR B 283 -10.77 25.65 17.71
CA THR B 283 -9.70 24.69 17.42
C THR B 283 -10.18 23.28 17.82
N GLN B 284 -10.70 23.12 19.04
CA GLN B 284 -11.10 21.80 19.50
C GLN B 284 -12.34 21.24 18.84
N ALA B 285 -13.38 22.05 18.72
CA ALA B 285 -14.57 21.69 17.95
C ALA B 285 -14.22 21.20 16.54
N THR B 286 -13.34 21.90 15.87
CA THR B 286 -12.94 21.55 14.51
C THR B 286 -12.18 20.23 14.50
N PHE B 287 -11.21 20.10 15.38
CA PHE B 287 -10.40 18.91 15.42
C PHE B 287 -11.33 17.73 15.73
N MET B 288 -12.15 17.86 16.78
CA MET B 288 -12.92 16.73 17.25
C MET B 288 -14.06 16.34 16.32
N VAL B 289 -14.74 17.30 15.72
CA VAL B 289 -15.86 16.93 14.86
C VAL B 289 -15.37 16.19 13.65
N PHE B 290 -14.29 16.62 13.04
CA PHE B 290 -13.82 15.97 11.86
C PHE B 290 -13.21 14.63 12.22
N GLN B 291 -12.55 14.54 13.38
CA GLN B 291 -12.04 13.27 13.80
C GLN B 291 -13.17 12.28 13.95
N ALA B 292 -14.21 12.68 14.69
CA ALA B 292 -15.33 11.79 15.03
C ALA B 292 -16.13 11.34 13.78
N LEU B 293 -16.40 12.29 12.88
CA LEU B 293 -17.15 11.99 11.69
C LEU B 293 -16.35 11.15 10.71
N ALA B 294 -15.05 11.43 10.61
CA ALA B 294 -14.17 10.58 9.81
C ALA B 294 -14.28 9.16 10.25
N GLN B 295 -14.25 8.96 11.57
CA GLN B 295 -14.21 7.62 12.08
C GLN B 295 -15.55 6.94 11.89
N TYR B 296 -16.64 7.68 12.16
CA TYR B 296 -17.98 7.20 11.91
C TYR B 296 -18.18 6.63 10.50
N GLN B 297 -17.80 7.42 9.50
CA GLN B 297 -17.91 6.95 8.13
C GLN B 297 -16.99 5.75 7.84
N LYS B 298 -15.82 5.72 8.47
CA LYS B 298 -14.89 4.66 8.20
C LYS B 298 -15.43 3.36 8.78
N ASP B 299 -16.07 3.42 9.94
CA ASP B 299 -16.47 2.22 10.70
C ASP B 299 -17.88 1.76 10.47
N ALA B 300 -18.81 2.71 10.34
CA ALA B 300 -20.21 2.39 10.53
C ALA B 300 -20.80 1.82 9.24
N PRO B 301 -21.38 0.60 9.32
CA PRO B 301 -22.08 0.02 8.16
C PRO B 301 -23.19 0.93 7.63
N ASP B 302 -23.20 1.17 6.32
CA ASP B 302 -24.28 1.94 5.68
C ASP B 302 -24.51 3.28 6.36
N HIS B 303 -23.43 4.05 6.51
CA HIS B 303 -23.50 5.33 7.20
C HIS B 303 -24.29 6.36 6.42
N GLN B 304 -24.83 7.34 7.13
CA GLN B 304 -25.53 8.48 6.51
C GLN B 304 -24.57 9.29 5.64
N GLU B 305 -25.07 9.89 4.57
CA GLU B 305 -24.29 10.85 3.80
C GLU B 305 -24.12 12.08 4.72
N LEU B 306 -22.98 12.77 4.62
CA LEU B 306 -22.73 13.91 5.50
C LEU B 306 -22.62 15.24 4.76
N ASN B 307 -22.15 15.18 3.52
CA ASN B 307 -22.08 16.38 2.68
C ASN B 307 -21.28 17.47 3.40
N LEU B 308 -20.17 17.03 4.01
CA LEU B 308 -19.36 17.88 4.87
C LEU B 308 -18.35 18.64 4.03
N ASP B 309 -18.09 19.88 4.42
CA ASP B 309 -17.50 20.85 3.50
C ASP B 309 -16.02 20.58 3.23
N VAL B 310 -15.18 20.91 4.21
CA VAL B 310 -13.72 20.69 4.17
C VAL B 310 -12.91 21.69 3.32
N SER B 311 -13.57 22.44 2.44
CA SER B 311 -12.87 23.40 1.59
C SER B 311 -12.33 24.60 2.42
N LEU B 312 -13.08 25.01 3.43
CA LEU B 312 -12.62 26.12 4.25
C LEU B 312 -11.40 25.77 5.15
N GLN B 313 -11.35 24.51 5.64
CA GLN B 313 -10.15 24.03 6.37
C GLN B 313 -8.96 23.89 5.47
N LEU B 314 -9.22 23.81 4.18
CA LEU B 314 -8.19 23.46 3.22
C LEU B 314 -8.48 24.18 1.92
N PRO B 315 -8.01 25.44 1.79
CA PRO B 315 -8.01 26.11 0.49
C PRO B 315 -6.61 26.53 0.09
N ALA C 11 35.14 21.45 -44.96
CA ALA C 11 36.35 20.57 -44.91
C ALA C 11 37.65 21.32 -44.55
N GLU C 12 37.79 22.54 -45.03
CA GLU C 12 38.90 23.41 -44.61
C GLU C 12 38.69 23.87 -43.17
N ARG C 13 37.44 24.14 -42.80
CA ARG C 13 37.13 24.79 -41.52
C ARG C 13 37.37 23.93 -40.25
N LEU C 14 37.89 22.71 -40.40
CA LEU C 14 38.04 21.78 -39.27
C LEU C 14 39.50 21.45 -38.92
N LYS C 15 40.47 22.13 -39.53
CA LYS C 15 41.89 21.81 -39.33
C LYS C 15 42.31 21.97 -37.88
N HIS C 16 41.69 22.94 -37.22
CA HIS C 16 41.94 23.23 -35.80
C HIS C 16 41.53 22.11 -34.84
N LEU C 17 40.72 21.15 -35.28
CA LEU C 17 40.37 20.01 -34.44
C LEU C 17 41.51 19.01 -34.24
N ILE C 18 42.56 19.12 -35.05
CA ILE C 18 43.71 18.23 -34.88
C ILE C 18 44.64 18.86 -33.84
N VAL C 19 44.75 18.20 -32.69
CA VAL C 19 45.22 18.81 -31.45
C VAL C 19 46.13 17.84 -30.72
N THR C 20 47.15 18.35 -30.04
CA THR C 20 47.92 17.53 -29.11
C THR C 20 47.19 17.49 -27.76
N PRO C 21 46.88 16.28 -27.28
CA PRO C 21 46.14 16.16 -26.05
C PRO C 21 47.11 16.29 -24.90
N SER C 22 46.66 16.91 -23.81
CA SER C 22 47.47 17.01 -22.62
C SER C 22 46.64 17.14 -21.36
N GLY C 23 47.32 17.05 -20.22
CA GLY C 23 46.65 17.23 -18.97
C GLY C 23 46.31 15.89 -18.40
N ALA C 24 45.50 15.93 -17.35
CA ALA C 24 45.17 14.74 -16.60
C ALA C 24 43.97 13.95 -17.19
N GLY C 25 43.46 13.01 -16.42
CA GLY C 25 42.50 12.04 -16.89
C GLY C 25 41.27 12.61 -17.58
N GLU C 26 40.88 13.84 -17.24
CA GLU C 26 39.74 14.48 -17.90
C GLU C 26 40.19 15.35 -19.06
N GLN C 27 41.15 16.21 -18.80
CA GLN C 27 41.59 17.15 -19.82
C GLN C 27 42.19 16.40 -21.01
N ASN C 28 42.91 15.32 -20.74
CA ASN C 28 43.46 14.51 -21.83
C ASN C 28 42.37 14.05 -22.78
N MET C 29 41.18 13.73 -22.27
CA MET C 29 40.07 13.32 -23.11
C MET C 29 39.44 14.48 -23.81
N ILE C 30 39.44 15.64 -23.15
CA ILE C 30 38.97 16.86 -23.80
C ILE C 30 39.78 17.12 -25.05
N GLY C 31 41.09 16.84 -24.99
CA GLY C 31 41.97 17.05 -26.13
C GLY C 31 41.90 15.96 -27.19
N MET C 32 41.79 14.72 -26.73
CA MET C 32 41.69 13.56 -27.63
C MET C 32 40.43 13.64 -28.47
N THR C 33 39.36 14.17 -27.90
CA THR C 33 38.06 14.20 -28.54
C THR C 33 38.02 14.78 -29.96
N PRO C 34 38.46 16.04 -30.14
CA PRO C 34 38.31 16.61 -31.49
C PRO C 34 39.15 15.92 -32.56
N THR C 35 40.30 15.40 -32.20
CA THR C 35 41.16 14.72 -33.15
C THR C 35 40.53 13.40 -33.59
N VAL C 36 40.04 12.63 -32.63
CA VAL C 36 39.42 11.37 -32.94
C VAL C 36 38.25 11.59 -33.87
N ILE C 37 37.36 12.52 -33.55
CA ILE C 37 36.15 12.67 -34.35
C ILE C 37 36.44 13.32 -35.69
N ALA C 38 37.50 14.12 -35.79
CA ALA C 38 37.86 14.74 -37.05
C ALA C 38 38.28 13.64 -38.01
N VAL C 39 39.16 12.76 -37.55
CA VAL C 39 39.63 11.65 -38.38
C VAL C 39 38.47 10.74 -38.78
N HIS C 40 37.64 10.38 -37.82
CA HIS C 40 36.43 9.61 -38.07
C HIS C 40 35.61 10.26 -39.21
N TYR C 41 35.34 11.55 -39.08
CA TYR C 41 34.52 12.26 -40.05
C TYR C 41 35.16 12.28 -41.44
N LEU C 42 36.44 12.61 -41.51
CA LEU C 42 37.12 12.62 -42.79
C LEU C 42 37.20 11.24 -43.42
N ASP C 43 37.48 10.22 -42.62
CA ASP C 43 37.48 8.86 -43.14
C ASP C 43 36.12 8.48 -43.73
N GLU C 44 35.04 8.77 -42.99
CA GLU C 44 33.73 8.25 -43.34
C GLU C 44 33.15 9.00 -44.52
N THR C 45 33.54 10.27 -44.68
CA THR C 45 33.17 11.05 -45.85
C THR C 45 34.24 11.07 -46.95
N GLU C 46 35.29 10.27 -46.75
CA GLU C 46 36.43 10.14 -47.68
C GLU C 46 36.90 11.49 -48.26
N GLN C 47 37.07 12.48 -47.37
CA GLN C 47 37.45 13.84 -47.77
C GLN C 47 38.94 14.15 -47.50
N TRP C 48 39.74 13.10 -47.29
CA TRP C 48 41.17 13.28 -46.99
C TRP C 48 41.97 13.90 -48.16
N GLU C 49 41.57 13.60 -49.40
CA GLU C 49 42.32 14.07 -50.57
C GLU C 49 42.28 15.60 -50.63
N LYS C 50 41.08 16.17 -50.50
CA LYS C 50 40.90 17.63 -50.42
C LYS C 50 41.65 18.20 -49.23
N PHE C 51 41.39 17.66 -48.04
CA PHE C 51 41.93 18.24 -46.81
C PHE C 51 43.46 18.11 -46.73
N GLY C 52 44.01 17.00 -47.20
CA GLY C 52 45.46 16.79 -47.20
C GLY C 52 45.85 15.43 -46.64
N LEU C 53 45.89 14.42 -47.53
CA LEU C 53 46.15 13.03 -47.14
C LEU C 53 47.48 12.83 -46.41
N GLU C 54 48.42 13.73 -46.63
CA GLU C 54 49.69 13.74 -45.89
C GLU C 54 49.45 13.87 -44.35
N LYS C 55 48.44 14.64 -43.94
CA LYS C 55 48.16 14.95 -42.53
C LYS C 55 47.58 13.80 -41.69
N ARG C 56 47.07 12.76 -42.34
CA ARG C 56 46.39 11.69 -41.62
C ARG C 56 47.35 10.92 -40.72
N GLN C 57 48.56 10.66 -41.20
CA GLN C 57 49.52 9.92 -40.39
C GLN C 57 49.77 10.61 -39.05
N GLY C 58 49.94 11.93 -39.10
CA GLY C 58 50.22 12.70 -37.91
C GLY C 58 49.05 12.72 -36.96
N ALA C 59 47.84 12.88 -37.50
CA ALA C 59 46.64 12.78 -36.69
C ALA C 59 46.58 11.44 -35.94
N LEU C 60 46.85 10.33 -36.62
CA LEU C 60 46.77 9.01 -35.97
C LEU C 60 47.77 8.90 -34.85
N GLU C 61 48.91 9.52 -35.03
CA GLU C 61 49.93 9.48 -34.00
C GLU C 61 49.49 10.34 -32.80
N LEU C 62 48.76 11.43 -33.03
CA LEU C 62 48.18 12.23 -31.94
C LEU C 62 47.11 11.45 -31.15
N ILE C 63 46.30 10.67 -31.88
CA ILE C 63 45.31 9.81 -31.26
C ILE C 63 45.95 8.71 -30.44
N LYS C 64 47.00 8.08 -30.96
CA LYS C 64 47.74 7.10 -30.18
C LYS C 64 48.34 7.70 -28.89
N LYS C 65 48.80 8.93 -28.98
CA LYS C 65 49.37 9.60 -27.84
C LYS C 65 48.26 9.84 -26.79
N GLY C 66 47.11 10.33 -27.24
CA GLY C 66 45.93 10.48 -26.37
C GLY C 66 45.61 9.18 -25.64
N TYR C 67 45.54 8.10 -26.40
CA TYR C 67 45.20 6.79 -25.84
C TYR C 67 46.20 6.44 -24.80
N THR C 68 47.47 6.59 -25.15
CA THR C 68 48.52 6.11 -24.28
C THR C 68 48.54 6.91 -22.99
N GLN C 69 48.34 8.22 -23.11
CA GLN C 69 48.38 9.10 -21.95
C GLN C 69 47.20 8.77 -21.06
N GLN C 70 46.04 8.51 -21.66
CA GLN C 70 44.87 8.17 -20.89
C GLN C 70 45.08 6.94 -20.02
N LEU C 71 45.88 6.01 -20.47
CA LEU C 71 46.14 4.78 -19.69
C LEU C 71 46.79 5.04 -18.34
N ALA C 72 47.46 6.18 -18.21
CA ALA C 72 48.05 6.53 -16.90
C ALA C 72 46.98 6.83 -15.86
N PHE C 73 45.76 7.10 -16.29
CA PHE C 73 44.66 7.33 -15.37
C PHE C 73 43.67 6.18 -15.27
N ARG C 74 44.01 5.06 -15.89
CA ARG C 74 43.29 3.83 -15.70
C ARG C 74 43.60 3.23 -14.34
N GLN C 75 42.61 3.08 -13.49
CA GLN C 75 42.87 2.58 -12.15
C GLN C 75 42.89 1.07 -12.15
N PRO C 76 43.35 0.46 -11.07
CA PRO C 76 43.29 -1.00 -10.97
C PRO C 76 41.92 -1.61 -11.22
N SER C 77 40.85 -0.89 -10.90
CA SER C 77 39.47 -1.32 -11.17
C SER C 77 39.10 -1.30 -12.65
N SER C 78 39.93 -0.69 -13.50
CA SER C 78 39.65 -0.45 -14.90
C SER C 78 38.79 0.75 -15.15
N ALA C 79 38.50 1.49 -14.10
CA ALA C 79 37.79 2.76 -14.27
C ALA C 79 38.78 3.90 -14.44
N PHE C 80 38.24 5.06 -14.77
CA PHE C 80 38.98 6.29 -14.96
C PHE C 80 38.49 7.43 -14.05
N ALA C 81 39.44 8.29 -13.68
CA ALA C 81 39.17 9.56 -13.02
C ALA C 81 40.24 10.56 -13.45
N ALA C 82 39.99 11.84 -13.20
CA ALA C 82 40.99 12.89 -13.46
C ALA C 82 42.36 12.52 -12.90
N PHE C 83 42.39 11.90 -11.72
CA PHE C 83 43.64 11.58 -11.04
C PHE C 83 43.57 10.20 -10.45
N VAL C 84 44.70 9.54 -10.28
CA VAL C 84 44.71 8.19 -9.73
C VAL C 84 44.27 8.16 -8.29
N LYS C 85 44.32 9.30 -7.61
CA LYS C 85 43.87 9.36 -6.21
C LYS C 85 42.45 9.93 -6.04
N ARG C 86 41.76 10.14 -7.15
CA ARG C 86 40.38 10.55 -7.09
C ARG C 86 39.47 9.35 -7.41
N ALA C 87 38.29 9.33 -6.78
CA ALA C 87 37.33 8.25 -7.00
C ALA C 87 36.88 8.26 -8.45
N PRO C 88 36.73 7.06 -9.05
CA PRO C 88 36.42 6.99 -10.47
C PRO C 88 35.04 7.54 -10.79
N SER C 89 34.95 8.19 -11.94
CA SER C 89 33.73 8.74 -12.45
C SER C 89 33.03 7.76 -13.37
N THR C 90 31.74 7.60 -13.14
CA THR C 90 30.90 6.86 -13.99
C THR C 90 30.82 7.47 -15.39
N TRP C 91 30.64 8.77 -15.43
CA TRP C 91 30.46 9.43 -16.72
C TRP C 91 31.75 9.38 -17.52
N LEU C 92 32.87 9.71 -16.87
CA LEU C 92 34.15 9.72 -17.56
C LEU C 92 34.52 8.33 -18.11
N THR C 93 34.31 7.30 -17.29
CA THR C 93 34.63 5.94 -17.69
C THR C 93 33.78 5.53 -18.89
N ALA C 94 32.51 5.91 -18.89
CA ALA C 94 31.68 5.69 -20.06
C ALA C 94 32.11 6.51 -21.27
N TYR C 95 32.60 7.72 -21.04
CA TYR C 95 33.03 8.55 -22.17
C TYR C 95 34.28 7.99 -22.77
N VAL C 96 35.18 7.49 -21.95
CA VAL C 96 36.35 6.84 -22.50
C VAL C 96 35.94 5.66 -23.40
N VAL C 97 35.01 4.85 -22.91
CA VAL C 97 34.52 3.70 -23.67
C VAL C 97 34.00 4.15 -25.05
N LYS C 98 33.21 5.23 -25.07
CA LYS C 98 32.64 5.76 -26.31
C LYS C 98 33.74 6.20 -27.27
N VAL C 99 34.70 6.96 -26.76
CA VAL C 99 35.76 7.48 -27.60
C VAL C 99 36.71 6.40 -28.11
N PHE C 100 37.19 5.56 -27.20
CA PHE C 100 38.03 4.46 -27.62
C PHE C 100 37.32 3.57 -28.66
N SER C 101 36.01 3.38 -28.52
CA SER C 101 35.28 2.47 -29.40
C SER C 101 35.33 2.98 -30.84
N LEU C 102 35.12 4.27 -31.03
CA LEU C 102 35.26 4.87 -32.36
C LEU C 102 36.68 4.89 -32.89
N ALA C 103 37.64 4.62 -32.04
CA ALA C 103 38.99 4.62 -32.49
C ALA C 103 39.56 3.22 -32.72
N VAL C 104 38.76 2.17 -32.55
CA VAL C 104 39.34 0.82 -32.58
C VAL C 104 39.95 0.46 -33.93
N ASN C 105 39.42 1.03 -35.01
CA ASN C 105 39.99 0.86 -36.34
C ASN C 105 41.11 1.81 -36.69
N LEU C 106 41.29 2.86 -35.88
CA LEU C 106 42.22 3.93 -36.20
C LEU C 106 43.57 3.61 -35.58
N ILE C 107 43.56 3.00 -34.38
CA ILE C 107 44.77 2.59 -33.70
C ILE C 107 44.51 1.33 -32.91
N ALA C 108 45.57 0.79 -32.30
CA ALA C 108 45.44 -0.43 -31.52
C ALA C 108 44.85 -0.12 -30.15
N ILE C 109 43.64 -0.62 -29.89
CA ILE C 109 43.01 -0.45 -28.59
C ILE C 109 43.01 -1.76 -27.83
N ASP C 110 43.67 -1.82 -26.68
CA ASP C 110 43.63 -3.03 -25.88
C ASP C 110 42.19 -3.33 -25.39
N SER C 111 41.64 -4.45 -25.83
CA SER C 111 40.26 -4.80 -25.52
C SER C 111 40.07 -5.04 -24.05
N GLN C 112 41.12 -5.37 -23.32
CA GLN C 112 40.97 -5.50 -21.88
C GLN C 112 40.74 -4.14 -21.20
N VAL C 113 41.27 -3.08 -21.77
CA VAL C 113 41.09 -1.73 -21.22
C VAL C 113 39.67 -1.36 -21.45
N LEU C 114 39.25 -1.55 -22.68
CA LEU C 114 37.92 -1.16 -23.09
C LEU C 114 36.86 -2.02 -22.34
N CYS C 115 36.99 -3.33 -22.39
CA CYS C 115 36.05 -4.22 -21.71
C CYS C 115 36.15 -4.20 -20.20
N GLY C 116 37.33 -3.90 -19.70
CA GLY C 116 37.50 -3.73 -18.26
C GLY C 116 36.66 -2.55 -17.76
N ALA C 117 36.59 -1.51 -18.57
CA ALA C 117 35.86 -0.31 -18.20
C ALA C 117 34.37 -0.59 -18.22
N VAL C 118 33.96 -1.29 -19.26
CA VAL C 118 32.60 -1.74 -19.39
C VAL C 118 32.14 -2.57 -18.19
N LYS C 119 32.96 -3.51 -17.76
CA LYS C 119 32.61 -4.42 -16.66
C LYS C 119 32.47 -3.69 -15.35
N TRP C 120 33.37 -2.74 -15.13
CA TRP C 120 33.29 -1.92 -13.94
C TRP C 120 31.96 -1.16 -13.89
N LEU C 121 31.57 -0.60 -15.02
N LEU C 121 31.57 -0.51 -14.97
CA LEU C 121 30.33 0.12 -15.12
CA LEU C 121 30.25 0.11 -15.02
C LEU C 121 29.18 -0.78 -14.69
C LEU C 121 29.24 -0.87 -14.45
N ILE C 122 29.20 -2.03 -15.15
N ILE C 122 29.18 -2.01 -15.12
CA ILE C 122 28.09 -2.95 -14.94
CA ILE C 122 28.13 -3.00 -14.94
C ILE C 122 28.05 -3.46 -13.51
C ILE C 122 28.05 -3.47 -13.51
N LEU C 123 29.21 -3.82 -12.97
CA LEU C 123 29.25 -4.43 -11.67
C LEU C 123 29.12 -3.45 -10.55
N GLU C 124 29.59 -2.22 -10.75
CA GLU C 124 29.65 -1.28 -9.63
C GLU C 124 28.59 -0.17 -9.71
N LYS C 125 28.29 0.30 -10.92
CA LYS C 125 27.55 1.57 -11.07
C LYS C 125 26.11 1.47 -11.62
N GLN C 126 25.66 0.27 -11.95
CA GLN C 126 24.25 0.06 -12.34
C GLN C 126 23.38 -0.37 -11.15
N LYS C 127 22.28 0.34 -10.97
CA LYS C 127 21.33 0.03 -9.94
C LYS C 127 20.38 -1.11 -10.40
N PRO C 128 19.73 -1.80 -9.47
CA PRO C 128 18.87 -2.93 -9.79
C PRO C 128 17.76 -2.63 -10.79
N ASP C 129 17.25 -1.41 -10.84
CA ASP C 129 16.26 -1.06 -11.86
C ASP C 129 16.88 -0.62 -13.20
N GLY C 130 18.20 -0.74 -13.32
CA GLY C 130 18.87 -0.42 -14.61
C GLY C 130 19.55 0.92 -14.70
N VAL C 131 19.31 1.79 -13.72
CA VAL C 131 19.84 3.15 -13.72
C VAL C 131 21.32 3.14 -13.49
N PHE C 132 22.05 3.98 -14.22
CA PHE C 132 23.49 4.20 -13.98
C PHE C 132 23.66 5.47 -13.19
N GLN C 133 24.54 5.41 -12.22
CA GLN C 133 24.69 6.48 -11.25
C GLN C 133 26.14 6.94 -11.13
N GLU C 134 26.30 8.24 -10.97
CA GLU C 134 27.60 8.85 -10.79
C GLU C 134 27.86 9.07 -9.32
N ASP C 135 28.97 8.51 -8.80
CA ASP C 135 29.37 8.76 -7.42
C ASP C 135 30.62 9.64 -7.29
N ALA C 136 31.18 10.09 -8.41
CA ALA C 136 32.35 10.99 -8.37
C ALA C 136 32.38 11.82 -9.64
N PRO C 137 31.61 12.89 -9.63
CA PRO C 137 31.41 13.72 -10.80
C PRO C 137 32.72 14.21 -11.34
N VAL C 138 32.77 14.43 -12.64
CA VAL C 138 33.96 15.00 -13.23
C VAL C 138 34.09 16.43 -12.75
N ILE C 139 35.34 16.86 -12.68
CA ILE C 139 35.67 18.17 -12.21
C ILE C 139 35.29 19.15 -13.29
N HIS C 140 35.73 18.88 -14.52
CA HIS C 140 35.47 19.77 -15.64
C HIS C 140 34.05 19.54 -16.20
N GLN C 141 33.06 20.07 -15.53
CA GLN C 141 31.67 19.88 -15.90
C GLN C 141 31.30 20.39 -17.29
N GLU C 142 32.14 21.21 -17.85
CA GLU C 142 31.88 21.74 -19.18
C GLU C 142 32.06 20.64 -20.26
N MET C 143 32.73 19.53 -19.91
CA MET C 143 32.99 18.47 -20.91
C MET C 143 31.84 17.50 -21.11
N ILE C 144 30.77 17.64 -20.31
CA ILE C 144 29.68 16.68 -20.36
C ILE C 144 28.46 17.20 -21.07
N GLY C 145 28.59 18.36 -21.73
CA GLY C 145 27.48 18.94 -22.51
C GLY C 145 26.20 19.08 -21.72
N GLY C 146 25.10 18.80 -22.38
CA GLY C 146 23.77 19.03 -21.81
C GLY C 146 23.37 18.14 -20.66
N LEU C 147 24.22 17.20 -20.28
CA LEU C 147 23.97 16.46 -19.07
C LEU C 147 24.22 17.30 -17.82
N ARG C 148 24.94 18.42 -17.96
CA ARG C 148 25.21 19.30 -16.83
C ARG C 148 23.91 19.89 -16.21
N ASN C 149 22.88 20.13 -17.03
CA ASN C 149 21.51 20.41 -16.49
C ASN C 149 21.06 19.38 -15.47
N ASN C 150 20.77 19.81 -14.25
CA ASN C 150 20.52 18.85 -13.16
C ASN C 150 19.28 17.95 -13.30
N ASN C 151 18.37 18.28 -14.21
CA ASN C 151 17.05 17.65 -14.27
C ASN C 151 17.00 16.35 -15.07
N GLU C 152 16.28 15.34 -14.56
CA GLU C 152 16.09 14.11 -15.31
C GLU C 152 17.45 13.42 -15.51
N LYS C 153 18.26 13.45 -14.46
CA LYS C 153 19.67 13.05 -14.55
C LYS C 153 19.79 11.52 -14.66
N ASP C 154 18.90 10.79 -13.99
CA ASP C 154 18.92 9.35 -14.06
C ASP C 154 18.71 8.86 -15.48
N MET C 155 17.78 9.49 -16.19
CA MET C 155 17.48 9.07 -17.54
C MET C 155 18.58 9.51 -18.48
N ALA C 156 19.07 10.71 -18.28
CA ALA C 156 20.07 11.25 -19.17
C ALA C 156 21.37 10.45 -19.06
N LEU C 157 21.87 10.27 -17.83
CA LEU C 157 23.10 9.51 -17.59
C LEU C 157 22.93 8.02 -17.95
N THR C 158 21.76 7.47 -17.69
CA THR C 158 21.52 6.08 -18.07
C THR C 158 21.56 5.96 -19.59
N ALA C 159 21.02 6.93 -20.29
CA ALA C 159 21.08 6.87 -21.76
C ALA C 159 22.52 6.94 -22.24
N PHE C 160 23.26 7.87 -21.67
CA PHE C 160 24.62 8.14 -22.10
C PHE C 160 25.48 6.91 -21.93
N VAL C 161 25.38 6.29 -20.76
CA VAL C 161 26.21 5.13 -20.47
C VAL C 161 25.78 3.99 -21.38
N LEU C 162 24.48 3.88 -21.58
CA LEU C 162 23.95 2.81 -22.39
C LEU C 162 24.42 2.95 -23.83
N ILE C 163 24.50 4.17 -24.34
CA ILE C 163 24.99 4.38 -25.70
C ILE C 163 26.44 3.88 -25.79
N SER C 164 27.22 4.12 -24.74
CA SER C 164 28.60 3.59 -24.71
C SER C 164 28.62 2.05 -24.66
N LEU C 165 27.80 1.45 -23.81
CA LEU C 165 27.78 0.00 -23.70
C LEU C 165 27.46 -0.60 -25.07
N GLN C 166 26.55 0.04 -25.80
CA GLN C 166 26.11 -0.49 -27.10
C GLN C 166 27.25 -0.44 -28.09
N GLU C 167 28.00 0.65 -28.07
CA GLU C 167 29.12 0.79 -28.96
C GLU C 167 30.22 -0.26 -28.62
N ALA C 168 30.28 -0.71 -27.36
CA ALA C 168 31.28 -1.71 -26.96
C ALA C 168 30.79 -3.16 -27.01
N LYS C 169 29.53 -3.35 -27.39
CA LYS C 169 28.89 -4.68 -27.27
C LYS C 169 29.57 -5.82 -28.06
N ASP C 170 29.74 -5.62 -29.36
CA ASP C 170 30.40 -6.61 -30.21
C ASP C 170 31.74 -7.01 -29.65
N ILE C 171 32.49 -6.00 -29.23
CA ILE C 171 33.85 -6.22 -28.80
C ILE C 171 33.86 -6.93 -27.48
N CYS C 172 32.91 -6.65 -26.58
CA CYS C 172 33.06 -7.07 -25.18
C CYS C 172 32.15 -8.18 -24.70
N GLU C 173 31.11 -8.46 -25.47
CA GLU C 173 30.09 -9.47 -25.16
C GLU C 173 30.64 -10.78 -24.63
N GLU C 174 31.68 -11.28 -25.28
CA GLU C 174 32.24 -12.56 -24.91
C GLU C 174 33.08 -12.46 -23.66
N GLN C 175 33.88 -11.41 -23.59
CA GLN C 175 34.71 -11.26 -22.42
C GLN C 175 33.89 -10.88 -21.19
N VAL C 176 32.75 -10.27 -21.42
CA VAL C 176 31.92 -9.74 -20.34
C VAL C 176 30.50 -10.25 -20.49
N ASN C 177 30.22 -11.41 -19.92
CA ASN C 177 28.95 -12.05 -20.23
C ASN C 177 27.76 -11.44 -19.45
N SER C 178 28.05 -10.59 -18.47
CA SER C 178 26.98 -9.75 -17.86
C SER C 178 26.55 -8.58 -18.75
N LEU C 179 27.30 -8.25 -19.80
CA LEU C 179 26.92 -7.09 -20.66
C LEU C 179 25.50 -7.10 -21.24
N PRO C 180 25.10 -8.19 -21.91
CA PRO C 180 23.77 -8.11 -22.58
C PRO C 180 22.59 -7.86 -21.61
N GLY C 181 22.65 -8.46 -20.42
CA GLY C 181 21.63 -8.25 -19.43
C GLY C 181 21.63 -6.84 -18.86
N SER C 182 22.82 -6.28 -18.67
CA SER C 182 22.97 -4.92 -18.23
C SER C 182 22.38 -3.96 -19.27
N ILE C 183 22.69 -4.17 -20.54
CA ILE C 183 22.14 -3.32 -21.60
C ILE C 183 20.62 -3.35 -21.59
N THR C 184 20.08 -4.55 -21.45
CA THR C 184 18.65 -4.75 -21.53
C THR C 184 17.97 -4.01 -20.39
N LYS C 185 18.54 -4.18 -19.21
CA LYS C 185 17.98 -3.60 -18.02
C LYS C 185 17.99 -2.05 -18.10
N ALA C 186 19.04 -1.47 -18.64
CA ALA C 186 19.05 -0.02 -18.81
C ALA C 186 17.97 0.40 -19.80
N GLY C 187 17.79 -0.38 -20.85
CA GLY C 187 16.73 -0.13 -21.82
C GLY C 187 15.36 -0.20 -21.20
N ASP C 188 15.19 -1.14 -20.27
CA ASP C 188 13.92 -1.27 -19.57
C ASP C 188 13.66 0.04 -18.86
N PHE C 189 14.65 0.52 -18.11
CA PHE C 189 14.45 1.72 -17.33
C PHE C 189 14.10 2.87 -18.24
N LEU C 190 14.79 2.99 -19.36
CA LEU C 190 14.51 4.11 -20.24
C LEU C 190 13.10 4.02 -20.85
N GLU C 191 12.72 2.82 -21.27
CA GLU C 191 11.42 2.60 -21.91
C GLU C 191 10.29 2.91 -20.94
N ALA C 192 10.47 2.48 -19.70
CA ALA C 192 9.47 2.65 -18.70
C ALA C 192 9.20 4.12 -18.31
N ASN C 193 10.13 5.04 -18.58
CA ASN C 193 10.00 6.41 -18.08
C ASN C 193 10.13 7.47 -19.15
N TYR C 194 10.25 7.02 -20.39
CA TYR C 194 10.44 7.95 -21.49
C TYR C 194 9.26 8.93 -21.64
N MET C 195 8.05 8.44 -21.44
CA MET C 195 6.85 9.22 -21.72
C MET C 195 6.78 10.42 -20.78
N ASN C 196 7.24 10.25 -19.54
CA ASN C 196 7.27 11.35 -18.56
C ASN C 196 8.36 12.39 -18.73
N LEU C 197 9.23 12.24 -19.73
CA LEU C 197 10.30 13.19 -19.89
C LEU C 197 9.75 14.52 -20.34
N GLN C 198 10.38 15.60 -19.89
CA GLN C 198 9.99 16.98 -20.24
C GLN C 198 11.01 17.66 -21.14
N ARG C 199 12.29 17.35 -20.97
CA ARG C 199 13.32 18.11 -21.63
C ARG C 199 13.68 17.48 -22.95
N SER C 200 13.87 18.32 -23.95
CA SER C 200 14.16 17.85 -25.28
C SER C 200 15.48 17.09 -25.29
N TYR C 201 16.46 17.60 -24.53
CA TYR C 201 17.79 17.03 -24.51
C TYR C 201 17.65 15.54 -24.13
N THR C 202 16.93 15.29 -23.05
CA THR C 202 16.76 13.94 -22.56
C THR C 202 15.99 13.08 -23.56
N VAL C 203 14.94 13.66 -24.13
CA VAL C 203 14.16 12.98 -25.13
C VAL C 203 15.05 12.54 -26.30
N ALA C 204 15.97 13.39 -26.71
CA ALA C 204 16.85 13.07 -27.82
C ALA C 204 17.86 11.97 -27.48
N ILE C 205 18.55 12.12 -26.35
CA ILE C 205 19.61 11.18 -26.04
C ILE C 205 19.03 9.80 -25.71
N ALA C 206 17.98 9.76 -24.89
CA ALA C 206 17.33 8.50 -24.58
C ALA C 206 16.68 7.91 -25.83
N GLY C 207 16.24 8.78 -26.73
CA GLY C 207 15.63 8.34 -27.98
C GLY C 207 16.60 7.56 -28.84
N TYR C 208 17.80 8.10 -29.00
CA TYR C 208 18.84 7.39 -29.72
C TYR C 208 19.16 6.06 -29.06
N ALA C 209 19.32 6.08 -27.74
CA ALA C 209 19.61 4.86 -27.00
C ALA C 209 18.57 3.79 -27.29
N LEU C 210 17.29 4.15 -27.22
CA LEU C 210 16.21 3.19 -27.47
C LEU C 210 16.17 2.76 -28.96
N ALA C 211 16.40 3.70 -29.86
CA ALA C 211 16.39 3.41 -31.31
C ALA C 211 17.47 2.40 -31.70
N GLN C 212 18.63 2.47 -31.07
N GLN C 212 18.65 2.50 -31.10
CA GLN C 212 19.68 1.51 -31.31
CA GLN C 212 19.73 1.53 -31.30
C GLN C 212 19.26 0.10 -30.98
C GLN C 212 19.28 0.09 -30.96
N MET C 213 18.38 -0.05 -29.98
CA MET C 213 17.87 -1.36 -29.59
C MET C 213 16.53 -1.70 -30.25
N GLY C 214 16.06 -0.86 -31.19
CA GLY C 214 14.75 -1.06 -31.79
C GLY C 214 13.61 -1.00 -30.79
N ARG C 215 13.75 -0.18 -29.75
CA ARG C 215 12.70 -0.06 -28.73
C ARG C 215 12.12 1.36 -28.67
N LEU C 216 12.31 2.12 -29.74
CA LEU C 216 11.63 3.41 -29.88
C LEU C 216 10.49 3.23 -30.88
N LYS C 217 9.29 3.03 -30.34
CA LYS C 217 8.13 2.48 -31.05
C LYS C 217 6.88 3.23 -30.58
N GLY C 218 5.85 3.24 -31.42
CA GLY C 218 4.52 3.65 -30.97
C GLY C 218 4.46 5.07 -30.41
N PRO C 219 3.91 5.22 -29.20
CA PRO C 219 3.83 6.53 -28.56
C PRO C 219 5.18 7.20 -28.24
N LEU C 220 6.16 6.39 -27.85
CA LEU C 220 7.50 6.89 -27.54
C LEU C 220 8.08 7.50 -28.81
N LEU C 221 8.00 6.76 -29.91
CA LEU C 221 8.50 7.27 -31.19
C LEU C 221 7.79 8.57 -31.53
N ASN C 222 6.49 8.61 -31.29
CA ASN C 222 5.72 9.81 -31.57
C ASN C 222 6.12 10.98 -30.67
N LYS C 223 6.28 10.70 -29.37
CA LYS C 223 6.79 11.72 -28.45
C LYS C 223 8.15 12.25 -28.93
N PHE C 224 9.04 11.33 -29.34
CA PHE C 224 10.35 11.71 -29.82
C PHE C 224 10.24 12.68 -30.97
N LEU C 225 9.41 12.34 -31.95
CA LEU C 225 9.29 13.15 -33.17
C LEU C 225 8.61 14.48 -32.89
N THR C 226 7.53 14.43 -32.11
CA THR C 226 6.73 15.62 -31.84
C THR C 226 7.46 16.61 -30.93
N THR C 227 8.47 16.15 -30.20
CA THR C 227 9.22 17.04 -29.32
C THR C 227 10.08 18.03 -30.12
N ALA C 228 10.36 17.73 -31.37
CA ALA C 228 11.14 18.66 -32.19
C ALA C 228 10.41 20.00 -32.36
N LYS C 229 11.19 21.08 -32.51
CA LYS C 229 10.65 22.37 -32.91
C LYS C 229 10.73 22.45 -34.41
N ASP C 230 9.62 22.82 -35.05
CA ASP C 230 9.56 23.02 -36.50
C ASP C 230 10.12 21.82 -37.27
N LYS C 231 9.92 20.62 -36.75
CA LYS C 231 10.39 19.41 -37.42
C LYS C 231 11.89 19.41 -37.83
N ASN C 232 12.73 20.17 -37.13
CA ASN C 232 14.16 20.25 -37.51
C ASN C 232 15.23 20.35 -36.39
N ARG C 233 14.81 20.37 -35.13
CA ARG C 233 15.74 20.50 -34.02
C ARG C 233 15.09 20.16 -32.68
N TRP C 234 15.90 19.68 -31.77
CA TRP C 234 15.48 19.42 -30.40
C TRP C 234 16.21 20.41 -29.52
N GLU C 235 15.46 21.17 -28.74
CA GLU C 235 16.03 22.34 -28.06
C GLU C 235 15.29 22.68 -26.78
N ASP C 236 16.06 23.17 -25.83
CA ASP C 236 15.54 23.62 -24.55
C ASP C 236 16.06 25.02 -24.33
N PRO C 237 15.35 25.81 -23.50
CA PRO C 237 15.92 27.08 -23.09
C PRO C 237 17.26 26.85 -22.39
N GLY C 238 18.31 27.49 -22.89
CA GLY C 238 19.61 27.39 -22.24
C GLY C 238 20.73 27.50 -23.24
N LYS C 239 21.88 26.95 -22.86
CA LYS C 239 23.05 26.95 -23.72
C LYS C 239 22.72 26.32 -25.07
N GLN C 240 23.05 27.05 -26.12
CA GLN C 240 22.82 26.61 -27.46
C GLN C 240 23.58 25.34 -27.78
N LEU C 241 24.78 25.19 -27.20
CA LEU C 241 25.58 23.99 -27.43
C LEU C 241 24.84 22.72 -27.03
N TYR C 242 23.99 22.81 -26.01
CA TYR C 242 23.19 21.68 -25.60
C TYR C 242 22.21 21.24 -26.69
N ASN C 243 21.71 22.21 -27.44
CA ASN C 243 20.71 21.91 -28.44
C ASN C 243 21.33 21.30 -29.68
N VAL C 244 22.55 21.72 -29.98
CA VAL C 244 23.31 21.16 -31.10
C VAL C 244 23.65 19.68 -30.82
N GLU C 245 24.06 19.45 -29.57
CA GLU C 245 24.31 18.12 -29.10
C GLU C 245 23.02 17.31 -29.16
N ALA C 246 21.95 17.82 -28.54
CA ALA C 246 20.65 17.13 -28.50
C ALA C 246 20.19 16.73 -29.90
N THR C 247 20.31 17.67 -30.82
CA THR C 247 19.80 17.50 -32.16
C THR C 247 20.68 16.50 -32.92
N SER C 248 21.97 16.49 -32.61
CA SER C 248 22.87 15.47 -33.15
C SER C 248 22.48 14.06 -32.70
N TYR C 249 22.10 13.91 -31.43
CA TYR C 249 21.63 12.62 -30.98
C TYR C 249 20.35 12.25 -31.72
N ALA C 250 19.49 13.24 -31.92
CA ALA C 250 18.20 13.01 -32.57
C ALA C 250 18.42 12.52 -34.00
N LEU C 251 19.31 13.20 -34.71
CA LEU C 251 19.65 12.81 -36.06
C LEU C 251 20.10 11.36 -36.07
N LEU C 252 20.92 10.97 -35.11
CA LEU C 252 21.42 9.60 -35.09
C LEU C 252 20.29 8.61 -34.85
N ALA C 253 19.36 8.99 -33.98
CA ALA C 253 18.15 8.20 -33.77
C ALA C 253 17.36 8.03 -35.09
N LEU C 254 17.22 9.11 -35.83
CA LEU C 254 16.49 9.07 -37.09
C LEU C 254 17.19 8.17 -38.11
N LEU C 255 18.51 8.25 -38.18
CA LEU C 255 19.24 7.35 -39.06
C LEU C 255 19.08 5.89 -38.67
N GLN C 256 18.97 5.61 -37.38
CA GLN C 256 18.78 4.25 -36.94
C GLN C 256 17.37 3.80 -37.34
N LEU C 257 16.39 4.70 -37.24
CA LEU C 257 15.02 4.40 -37.65
C LEU C 257 14.88 4.34 -39.17
N LYS C 258 15.87 4.86 -39.88
CA LYS C 258 15.80 4.97 -41.34
C LYS C 258 14.64 5.85 -41.81
N ASP C 259 14.16 6.72 -40.94
CA ASP C 259 13.16 7.72 -41.32
C ASP C 259 13.84 8.83 -42.14
N PHE C 260 14.18 8.52 -43.39
CA PHE C 260 14.91 9.48 -44.24
C PHE C 260 14.02 10.63 -44.75
N ASP C 261 12.71 10.52 -44.55
CA ASP C 261 11.81 11.64 -44.82
C ASP C 261 12.07 12.79 -43.87
N PHE C 262 12.20 12.46 -42.59
CA PHE C 262 12.25 13.48 -41.53
C PHE C 262 13.62 14.18 -41.49
N VAL C 263 14.63 13.48 -41.97
CA VAL C 263 16.04 13.84 -41.79
C VAL C 263 16.51 15.18 -42.41
N PRO C 264 16.10 15.48 -43.66
CA PRO C 264 16.79 16.57 -44.37
C PRO C 264 16.74 17.96 -43.71
N PRO C 265 15.57 18.35 -43.17
CA PRO C 265 15.53 19.64 -42.45
C PRO C 265 16.42 19.68 -41.21
N VAL C 266 16.53 18.54 -40.53
CA VAL C 266 17.34 18.44 -39.32
C VAL C 266 18.79 18.65 -39.71
N VAL C 267 19.23 17.96 -40.75
CA VAL C 267 20.60 18.12 -41.22
C VAL C 267 20.84 19.58 -41.60
N ARG C 268 19.84 20.18 -42.24
CA ARG C 268 19.93 21.57 -42.70
C ARG C 268 20.14 22.49 -41.51
N TRP C 269 19.26 22.37 -40.50
CA TRP C 269 19.41 23.17 -39.29
C TRP C 269 20.81 23.04 -38.69
N LEU C 270 21.30 21.80 -38.55
CA LEU C 270 22.63 21.55 -37.98
C LEU C 270 23.70 22.23 -38.84
N ASN C 271 23.56 22.11 -40.15
CA ASN C 271 24.48 22.74 -41.10
C ASN C 271 24.45 24.26 -41.03
N GLU C 272 23.24 24.80 -40.99
CA GLU C 272 23.02 26.23 -40.95
C GLU C 272 23.53 26.90 -39.67
N GLN C 273 23.83 26.10 -38.65
CA GLN C 273 24.36 26.63 -37.42
C GLN C 273 25.83 26.98 -37.53
N ARG C 274 26.49 26.45 -38.56
CA ARG C 274 27.88 26.82 -38.86
C ARG C 274 28.80 26.53 -37.66
N TYR C 275 28.58 25.37 -37.05
CA TYR C 275 29.36 24.96 -35.87
C TYR C 275 30.50 24.03 -36.31
N TYR C 276 31.74 24.48 -36.11
CA TYR C 276 32.95 23.75 -36.55
C TYR C 276 33.78 23.16 -35.39
N GLY C 277 33.22 23.17 -34.18
CA GLY C 277 33.80 22.48 -33.00
C GLY C 277 34.90 23.24 -32.27
N GLY C 278 35.36 22.67 -31.16
CA GLY C 278 36.68 22.98 -30.61
C GLY C 278 36.79 23.90 -29.39
N GLY C 279 35.80 24.76 -29.14
CA GLY C 279 35.93 25.74 -28.05
C GLY C 279 35.83 25.21 -26.61
N TYR C 280 35.83 26.12 -25.64
CA TYR C 280 35.61 25.77 -24.23
C TYR C 280 34.23 25.12 -24.12
N GLY C 281 34.12 24.05 -23.34
CA GLY C 281 32.83 23.40 -23.10
C GLY C 281 32.16 22.82 -24.32
N SER C 282 32.95 22.51 -25.35
CA SER C 282 32.41 22.10 -26.66
C SER C 282 32.60 20.59 -26.94
N THR C 283 33.04 19.86 -25.93
CA THR C 283 33.48 18.50 -26.13
C THR C 283 32.34 17.61 -26.66
N GLN C 284 31.17 17.64 -26.02
CA GLN C 284 30.05 16.85 -26.50
C GLN C 284 29.46 17.32 -27.83
N ALA C 285 29.22 18.63 -27.98
CA ALA C 285 28.77 19.18 -29.26
C ALA C 285 29.68 18.75 -30.41
N THR C 286 30.98 18.83 -30.18
CA THR C 286 31.96 18.53 -31.21
C THR C 286 31.91 17.04 -31.56
N PHE C 287 31.92 16.19 -30.55
CA PHE C 287 31.88 14.77 -30.80
C PHE C 287 30.59 14.41 -31.51
N MET C 288 29.45 14.84 -30.96
CA MET C 288 28.16 14.41 -31.50
C MET C 288 27.82 14.98 -32.88
N VAL C 289 28.11 16.25 -33.15
CA VAL C 289 27.72 16.80 -34.46
C VAL C 289 28.49 16.12 -35.58
N PHE C 290 29.77 15.86 -35.36
CA PHE C 290 30.53 15.19 -36.40
C PHE C 290 30.22 13.72 -36.49
N GLN C 291 29.87 13.10 -35.37
CA GLN C 291 29.44 11.70 -35.43
C GLN C 291 28.17 11.62 -36.27
N ALA C 292 27.21 12.49 -35.97
CA ALA C 292 25.91 12.46 -36.61
C ALA C 292 26.00 12.77 -38.11
N LEU C 293 26.78 13.78 -38.49
CA LEU C 293 26.88 14.16 -39.89
C LEU C 293 27.67 13.14 -40.66
N ALA C 294 28.70 12.57 -40.03
CA ALA C 294 29.42 11.45 -40.65
C ALA C 294 28.47 10.32 -40.99
N GLN C 295 27.55 10.02 -40.08
CA GLN C 295 26.67 8.88 -40.25
C GLN C 295 25.65 9.20 -41.34
N TYR C 296 25.14 10.41 -41.30
CA TYR C 296 24.20 10.87 -42.32
C TYR C 296 24.76 10.70 -43.73
N GLN C 297 25.99 11.17 -43.94
CA GLN C 297 26.60 11.04 -45.25
C GLN C 297 26.89 9.59 -45.61
N LYS C 298 27.18 8.78 -44.61
CA LYS C 298 27.46 7.38 -44.86
C LYS C 298 26.20 6.65 -45.29
N ASP C 299 25.06 7.01 -44.69
CA ASP C 299 23.80 6.29 -44.90
C ASP C 299 22.91 6.85 -46.01
N ALA C 300 22.95 8.17 -46.24
CA ALA C 300 22.12 8.85 -47.27
C ALA C 300 22.23 8.40 -48.75
N PRO C 301 23.38 8.71 -49.42
CA PRO C 301 23.42 8.72 -50.89
C PRO C 301 23.15 7.36 -51.54
N PHE D 4 46.55 -34.22 -17.29
CA PHE D 4 46.74 -32.74 -17.23
C PHE D 4 45.72 -32.06 -16.27
N GLY D 5 44.48 -32.58 -16.21
CA GLY D 5 43.41 -32.12 -15.26
C GLY D 5 42.86 -30.70 -15.44
N LYS D 6 43.07 -30.10 -16.61
CA LYS D 6 42.73 -28.69 -16.86
C LYS D 6 41.22 -28.45 -16.82
N CYS D 7 40.81 -27.23 -16.46
CA CYS D 7 39.41 -26.81 -16.62
C CYS D 7 39.24 -25.93 -17.84
N GLY D 8 38.01 -25.84 -18.31
CA GLY D 8 37.65 -24.86 -19.34
C GLY D 8 37.19 -23.55 -18.73
N PRO D 9 36.46 -22.72 -19.52
CA PRO D 9 36.04 -21.44 -19.01
C PRO D 9 35.10 -21.54 -17.81
N PRO D 10 35.22 -20.60 -16.87
CA PRO D 10 34.33 -20.59 -15.71
C PRO D 10 32.90 -20.30 -16.06
N PRO D 11 31.98 -20.89 -15.31
CA PRO D 11 30.56 -20.70 -15.62
C PRO D 11 30.01 -19.26 -15.43
N PRO D 12 29.05 -18.86 -16.27
CA PRO D 12 28.36 -17.61 -16.11
C PRO D 12 27.43 -17.64 -14.90
N ILE D 13 27.19 -16.49 -14.27
CA ILE D 13 26.15 -16.39 -13.25
C ILE D 13 25.31 -15.18 -13.54
N ASP D 14 24.06 -15.21 -13.12
CA ASP D 14 23.17 -14.07 -13.33
C ASP D 14 23.53 -12.93 -12.39
N ASN D 15 23.50 -11.72 -12.95
CA ASN D 15 23.75 -10.51 -12.19
C ASN D 15 25.12 -10.46 -11.58
N GLY D 16 26.07 -11.08 -12.26
CA GLY D 16 27.45 -11.05 -11.80
C GLY D 16 28.40 -11.56 -12.87
N ASP D 17 29.68 -11.45 -12.59
CA ASP D 17 30.72 -11.79 -13.55
C ASP D 17 31.98 -12.05 -12.78
N ILE D 18 33.00 -12.51 -13.48
CA ILE D 18 34.28 -12.76 -12.84
C ILE D 18 35.09 -11.48 -12.81
N THR D 19 36.04 -11.43 -11.92
CA THR D 19 36.87 -10.23 -11.72
C THR D 19 38.10 -10.22 -12.63
N SER D 20 38.30 -11.29 -13.40
CA SER D 20 39.38 -11.38 -14.35
C SER D 20 38.75 -11.61 -15.72
N PHE D 21 39.55 -11.65 -16.77
CA PHE D 21 39.00 -11.92 -18.09
C PHE D 21 39.07 -13.41 -18.35
N PRO D 22 38.00 -13.99 -18.92
CA PRO D 22 37.92 -15.44 -19.02
C PRO D 22 38.93 -16.03 -20.00
N LEU D 23 39.46 -17.22 -19.68
CA LEU D 23 40.41 -17.92 -20.56
C LEU D 23 39.79 -19.18 -21.12
N SER D 24 40.30 -19.64 -22.26
CA SER D 24 39.87 -20.92 -22.82
C SER D 24 40.19 -22.12 -21.92
N VAL D 25 41.31 -22.05 -21.24
CA VAL D 25 41.75 -23.20 -20.47
C VAL D 25 42.58 -22.75 -19.25
N TYR D 26 42.44 -23.49 -18.16
CA TYR D 26 42.97 -23.11 -16.86
C TYR D 26 43.73 -24.29 -16.27
N ALA D 27 44.86 -24.02 -15.62
CA ALA D 27 45.65 -25.07 -14.99
C ALA D 27 44.97 -25.59 -13.74
N PRO D 28 45.25 -26.86 -13.36
CA PRO D 28 44.69 -27.36 -12.10
C PRO D 28 45.15 -26.51 -10.94
N ALA D 29 44.29 -26.39 -9.93
CA ALA D 29 44.56 -25.51 -8.79
C ALA D 29 44.33 -24.01 -9.07
N SER D 30 44.15 -23.61 -10.33
CA SER D 30 43.74 -22.22 -10.71
C SER D 30 42.45 -21.82 -10.04
N SER D 31 42.28 -20.52 -9.80
CA SER D 31 41.00 -20.04 -9.26
C SER D 31 40.60 -18.72 -9.90
N VAL D 32 39.31 -18.42 -9.85
CA VAL D 32 38.84 -17.10 -10.29
C VAL D 32 37.79 -16.67 -9.30
N GLU D 33 37.53 -15.37 -9.27
CA GLU D 33 36.54 -14.83 -8.37
C GLU D 33 35.43 -14.15 -9.10
N TYR D 34 34.26 -14.21 -8.49
CA TYR D 34 33.05 -13.54 -8.97
C TYR D 34 32.75 -12.31 -8.15
N GLN D 35 32.05 -11.37 -8.77
CA GLN D 35 31.51 -10.21 -8.11
C GLN D 35 30.08 -10.00 -8.60
N CYS D 36 29.18 -9.65 -7.70
CA CYS D 36 27.80 -9.42 -8.06
C CYS D 36 27.60 -7.96 -8.35
N GLN D 37 26.58 -7.64 -9.14
N GLN D 37 26.57 -7.65 -9.14
CA GLN D 37 26.23 -6.25 -9.40
CA GLN D 37 26.22 -6.26 -9.40
C GLN D 37 25.79 -5.56 -8.12
C GLN D 37 25.78 -5.55 -8.11
N ASN D 38 25.73 -4.23 -8.19
CA ASN D 38 25.39 -3.40 -7.04
C ASN D 38 24.07 -3.84 -6.36
N LEU D 39 24.14 -4.09 -5.06
CA LEU D 39 22.99 -4.49 -4.22
C LEU D 39 22.55 -5.92 -4.41
N TYR D 40 23.35 -6.70 -5.13
CA TYR D 40 23.15 -8.10 -5.16
C TYR D 40 24.13 -8.71 -4.19
N GLN D 41 23.67 -9.71 -3.45
CA GLN D 41 24.46 -10.33 -2.41
C GLN D 41 25.00 -11.69 -2.84
N LEU D 42 26.29 -11.80 -2.74
CA LEU D 42 26.94 -12.99 -3.15
C LEU D 42 26.64 -14.07 -2.11
N GLU D 43 26.18 -15.23 -2.57
CA GLU D 43 25.98 -16.40 -1.72
C GLU D 43 26.81 -17.56 -2.21
N GLY D 44 27.59 -18.11 -1.31
CA GLY D 44 28.53 -19.16 -1.64
C GLY D 44 29.91 -18.57 -1.63
N ASN D 45 30.90 -19.39 -1.93
CA ASN D 45 32.26 -18.94 -2.01
C ASN D 45 32.45 -18.08 -3.27
N LYS D 46 33.05 -16.90 -3.09
CA LYS D 46 33.31 -16.00 -4.21
C LYS D 46 34.34 -16.59 -5.16
N ARG D 47 35.11 -17.55 -4.65
CA ARG D 47 36.19 -18.12 -5.41
C ARG D 47 35.82 -19.52 -5.82
N ILE D 48 36.16 -19.87 -7.05
CA ILE D 48 36.05 -21.23 -7.48
C ILE D 48 37.43 -21.68 -7.92
N THR D 49 37.66 -22.97 -7.78
CA THR D 49 38.99 -23.52 -8.00
C THR D 49 38.90 -24.73 -8.91
N CYS D 50 39.93 -24.90 -9.71
CA CYS D 50 39.95 -26.01 -10.66
C CYS D 50 40.57 -27.26 -10.01
N ARG D 51 39.76 -28.29 -9.79
CA ARG D 51 40.19 -29.56 -9.19
C ARG D 51 39.68 -30.69 -10.05
N ASN D 52 40.60 -31.51 -10.56
CA ASN D 52 40.24 -32.68 -11.37
C ASN D 52 39.50 -32.33 -12.65
N GLY D 53 39.94 -31.27 -13.32
CA GLY D 53 39.31 -30.83 -14.56
C GLY D 53 37.87 -30.38 -14.40
N GLN D 54 37.54 -29.88 -13.22
CA GLN D 54 36.21 -29.34 -12.94
C GLN D 54 36.25 -28.21 -11.91
N TRP D 55 35.42 -27.21 -12.17
CA TRP D 55 35.35 -26.06 -11.29
C TRP D 55 34.54 -26.46 -10.08
N SER D 56 34.87 -25.91 -8.92
CA SER D 56 33.96 -25.95 -7.75
C SER D 56 32.70 -25.11 -7.99
N GLU D 57 31.68 -25.35 -7.17
CA GLU D 57 30.39 -24.64 -7.28
C GLU D 57 30.57 -23.12 -7.35
N PRO D 58 30.06 -22.49 -8.40
CA PRO D 58 30.02 -21.05 -8.42
C PRO D 58 28.97 -20.52 -7.50
N PRO D 59 29.13 -19.27 -7.09
CA PRO D 59 28.17 -18.63 -6.21
C PRO D 59 26.96 -18.12 -6.94
N LYS D 60 26.01 -17.60 -6.17
CA LYS D 60 24.83 -16.95 -6.73
C LYS D 60 24.80 -15.52 -6.29
N CYS D 61 24.06 -14.71 -7.03
CA CYS D 61 23.85 -13.36 -6.65
C CYS D 61 22.39 -13.18 -6.24
N LEU D 62 22.16 -13.08 -4.94
CA LEU D 62 20.81 -12.99 -4.41
C LEU D 62 20.25 -11.58 -4.62
N HIS D 63 18.98 -11.54 -5.00
CA HIS D 63 18.36 -10.28 -5.43
C HIS D 63 18.06 -9.42 -4.23
N PRO D 64 18.12 -8.11 -4.44
CA PRO D 64 17.60 -7.21 -3.42
C PRO D 64 16.09 -7.18 -3.53
N CYS D 65 15.42 -6.53 -2.57
CA CYS D 65 13.94 -6.51 -2.48
C CYS D 65 13.46 -5.10 -2.74
N VAL D 66 12.35 -4.97 -3.44
CA VAL D 66 11.75 -3.65 -3.61
C VAL D 66 10.77 -3.53 -2.49
N ILE D 67 10.72 -2.39 -1.83
CA ILE D 67 9.71 -2.20 -0.77
C ILE D 67 8.50 -1.56 -1.36
N SER D 68 7.40 -2.33 -1.46
CA SER D 68 6.20 -1.86 -2.11
C SER D 68 5.26 -1.08 -1.18
N ARG D 69 5.06 0.19 -1.49
CA ARG D 69 4.07 1.04 -0.78
C ARG D 69 2.65 0.50 -0.98
N GLU D 70 2.40 -0.14 -2.11
CA GLU D 70 1.08 -0.65 -2.44
C GLU D 70 0.77 -1.80 -1.50
N ILE D 71 1.70 -2.73 -1.33
CA ILE D 71 1.47 -3.82 -0.42
C ILE D 71 1.32 -3.35 1.02
N MET D 72 2.13 -2.40 1.39
CA MET D 72 2.03 -1.87 2.74
C MET D 72 0.64 -1.35 3.03
N GLU D 73 0.13 -0.56 2.11
CA GLU D 73 -1.24 -0.01 2.23
C GLU D 73 -2.28 -1.10 2.28
N ASN D 74 -2.08 -2.15 1.49
CA ASN D 74 -3.04 -3.22 1.44
C ASN D 74 -3.04 -4.00 2.74
N TYR D 75 -1.92 -4.06 3.43
CA TYR D 75 -1.76 -4.85 4.66
C TYR D 75 -1.92 -4.00 5.95
N ASN D 76 -2.19 -2.72 5.75
CA ASN D 76 -2.36 -1.72 6.84
C ASN D 76 -1.10 -1.49 7.70
N ILE D 77 0.04 -1.34 7.04
CA ILE D 77 1.31 -1.16 7.72
C ILE D 77 2.03 0.02 7.13
N ALA D 78 3.07 0.48 7.84
CA ALA D 78 3.90 1.57 7.35
C ALA D 78 5.28 1.29 7.87
N LEU D 79 6.26 2.04 7.35
CA LEU D 79 7.62 1.95 7.89
C LEU D 79 7.65 2.58 9.28
N ARG D 80 8.39 1.98 10.20
CA ARG D 80 8.69 2.58 11.49
C ARG D 80 9.57 3.82 11.40
N TRP D 81 10.54 3.80 10.48
CA TRP D 81 11.49 4.90 10.30
C TRP D 81 11.15 5.47 8.96
N THR D 82 10.49 6.61 8.99
CA THR D 82 9.93 7.21 7.80
C THR D 82 10.92 8.14 7.12
N ALA D 83 12.04 8.43 7.76
CA ALA D 83 13.06 9.29 7.13
C ALA D 83 13.93 8.48 6.18
N LYS D 84 14.42 9.13 5.12
CA LYS D 84 15.46 8.54 4.28
C LYS D 84 15.00 7.15 3.83
N GLN D 85 13.93 7.13 3.06
CA GLN D 85 13.35 5.89 2.60
C GLN D 85 14.09 5.39 1.34
N LYS D 86 14.50 4.13 1.42
CA LYS D 86 15.29 3.51 0.36
C LYS D 86 14.31 2.69 -0.47
N LEU D 87 14.54 2.65 -1.76
CA LEU D 87 13.71 1.84 -2.61
C LEU D 87 13.97 0.33 -2.34
N TYR D 88 15.25 0.01 -2.19
CA TYR D 88 15.73 -1.35 -2.21
C TYR D 88 16.31 -1.74 -0.86
N SER D 89 16.07 -2.97 -0.48
CA SER D 89 16.75 -3.57 0.63
C SER D 89 17.65 -4.68 0.09
N ARG D 90 18.87 -4.75 0.57
CA ARG D 90 19.75 -5.82 0.22
C ARG D 90 19.28 -7.11 0.89
N THR D 91 19.50 -8.22 0.19
CA THR D 91 19.37 -9.51 0.82
C THR D 91 20.21 -9.52 2.14
N GLY D 92 19.61 -10.03 3.21
CA GLY D 92 20.21 -10.02 4.54
C GLY D 92 19.93 -8.76 5.39
N GLU D 93 19.48 -7.68 4.75
CA GLU D 93 19.15 -6.44 5.45
C GLU D 93 17.68 -6.49 5.95
N SER D 94 17.39 -5.79 7.04
CA SER D 94 16.06 -5.84 7.63
C SER D 94 15.28 -4.56 7.40
N VAL D 95 13.95 -4.71 7.47
CA VAL D 95 13.04 -3.60 7.35
C VAL D 95 12.07 -3.72 8.52
N GLU D 96 11.80 -2.59 9.16
CA GLU D 96 10.95 -2.57 10.33
C GLU D 96 9.68 -1.83 10.01
N PHE D 97 8.57 -2.53 10.17
CA PHE D 97 7.27 -1.95 9.96
C PHE D 97 6.57 -1.63 11.28
N VAL D 98 5.48 -0.88 11.16
CA VAL D 98 4.52 -0.74 12.23
C VAL D 98 3.11 -0.79 11.67
N CYS D 99 2.16 -1.17 12.53
CA CYS D 99 0.74 -1.01 12.20
C CYS D 99 0.39 0.45 12.00
N LYS D 100 -0.46 0.71 11.01
CA LYS D 100 -1.06 2.01 10.86
C LYS D 100 -2.09 2.14 12.01
N ARG D 101 -2.53 3.37 12.23
CA ARG D 101 -3.44 3.75 13.29
C ARG D 101 -4.77 3.06 13.09
N GLY D 102 -5.30 2.47 14.15
CA GLY D 102 -6.56 1.72 14.10
C GLY D 102 -6.38 0.22 13.91
N TYR D 103 -5.15 -0.19 13.66
CA TYR D 103 -4.92 -1.56 13.36
C TYR D 103 -3.94 -2.15 14.33
N ARG D 104 -3.99 -3.47 14.52
CA ARG D 104 -3.06 -4.19 15.38
C ARG D 104 -2.55 -5.44 14.70
N LEU D 105 -1.37 -5.90 15.13
CA LEU D 105 -0.70 -7.04 14.50
C LEU D 105 -1.60 -8.25 14.44
N SER D 106 -1.68 -8.84 13.26
CA SER D 106 -2.65 -9.88 13.03
C SER D 106 -2.20 -11.17 13.68
N SER D 107 -3.17 -12.05 13.90
CA SER D 107 -2.98 -13.23 14.73
C SER D 107 -2.02 -14.20 14.07
N ARG D 108 -2.13 -14.32 12.75
CA ARG D 108 -1.29 -15.19 11.94
C ARG D 108 -0.35 -14.34 11.09
N SER D 109 0.30 -13.36 11.71
N SER D 109 0.58 -13.70 11.79
CA SER D 109 1.29 -12.53 11.01
CA SER D 109 1.39 -12.62 11.27
C SER D 109 2.76 -12.75 11.43
C SER D 109 2.86 -12.91 11.46
N HIS D 110 3.64 -12.61 10.43
CA HIS D 110 5.13 -12.47 10.59
C HIS D 110 5.42 -11.24 11.44
N THR D 111 6.61 -11.16 12.01
CA THR D 111 6.94 -10.06 12.88
C THR D 111 7.06 -8.76 12.06
N LEU D 112 6.92 -7.64 12.77
CA LEU D 112 7.01 -6.33 12.16
C LEU D 112 8.39 -6.08 11.64
N ARG D 113 9.36 -6.80 12.18
CA ARG D 113 10.74 -6.67 11.74
C ARG D 113 10.99 -7.86 10.86
N THR D 114 11.42 -7.62 9.63
CA THR D 114 11.48 -8.68 8.64
C THR D 114 12.69 -8.49 7.74
N THR D 115 13.18 -9.58 7.19
CA THR D 115 14.44 -9.59 6.48
C THR D 115 14.25 -9.88 4.99
N CYS D 116 14.93 -9.10 4.14
CA CYS D 116 14.94 -9.36 2.71
C CYS D 116 15.82 -10.60 2.40
N TRP D 117 15.25 -11.56 1.68
CA TRP D 117 15.99 -12.65 1.11
C TRP D 117 15.65 -12.89 -0.36
N ASP D 118 16.66 -12.70 -1.17
CA ASP D 118 16.60 -13.01 -2.58
C ASP D 118 15.32 -12.53 -3.22
N GLY D 119 15.04 -11.24 -3.05
CA GLY D 119 13.94 -10.62 -3.78
C GLY D 119 12.64 -10.69 -3.01
N LYS D 120 12.61 -11.53 -1.98
CA LYS D 120 11.42 -11.78 -1.22
C LYS D 120 11.46 -11.10 0.17
N LEU D 121 10.40 -10.34 0.44
CA LEU D 121 10.20 -9.75 1.72
C LEU D 121 8.81 -10.15 2.24
N GLU D 122 8.74 -10.71 3.45
CA GLU D 122 7.50 -11.12 4.05
C GLU D 122 6.92 -9.95 4.86
N TYR D 123 5.92 -9.30 4.30
CA TYR D 123 5.28 -8.21 4.96
C TYR D 123 4.36 -8.71 6.06
N PRO D 124 4.40 -8.05 7.23
CA PRO D 124 3.42 -8.38 8.27
C PRO D 124 2.05 -7.81 7.87
N THR D 125 1.00 -8.34 8.48
CA THR D 125 -0.33 -7.77 8.28
C THR D 125 -0.82 -7.28 9.62
N CYS D 126 -1.51 -6.14 9.61
CA CYS D 126 -2.25 -5.68 10.79
C CYS D 126 -3.71 -5.61 10.45
N ALA D 127 -4.54 -5.92 11.44
CA ALA D 127 -5.99 -5.97 11.21
C ALA D 127 -6.71 -4.93 12.01
N LYS D 128 -7.93 -4.60 11.58
CA LYS D 128 -8.79 -3.62 12.24
C LYS D 128 -8.98 -3.98 13.68
N ARG D 129 -8.75 -3.00 14.56
CA ARG D 129 -8.81 -3.21 16.01
C ARG D 129 -10.19 -2.88 16.52
N GLY E 5 -26.40 -56.63 -5.58
CA GLY E 5 -27.57 -55.80 -5.20
C GLY E 5 -27.28 -54.29 -5.12
N LYS E 6 -26.26 -53.82 -5.82
CA LYS E 6 -25.82 -52.41 -5.73
C LYS E 6 -26.88 -51.42 -6.25
N CYS E 7 -26.89 -50.20 -5.72
CA CYS E 7 -27.65 -49.08 -6.34
C CYS E 7 -26.74 -48.13 -7.10
N GLY E 8 -27.33 -47.39 -8.04
CA GLY E 8 -26.65 -46.32 -8.73
C GLY E 8 -26.83 -45.02 -7.97
N PRO E 9 -26.69 -43.89 -8.69
CA PRO E 9 -26.65 -42.60 -7.96
C PRO E 9 -27.99 -42.30 -7.37
N PRO E 10 -28.02 -41.61 -6.22
CA PRO E 10 -29.28 -41.25 -5.62
C PRO E 10 -30.00 -40.21 -6.45
N PRO E 11 -31.31 -40.20 -6.37
CA PRO E 11 -32.05 -39.29 -7.23
C PRO E 11 -31.91 -37.80 -6.83
N PRO E 12 -32.07 -36.89 -7.80
CA PRO E 12 -32.12 -35.47 -7.53
C PRO E 12 -33.48 -35.09 -6.94
N ILE E 13 -33.51 -34.01 -6.15
CA ILE E 13 -34.76 -33.40 -5.73
C ILE E 13 -34.68 -31.91 -5.90
N ASP E 14 -35.83 -31.31 -6.15
CA ASP E 14 -35.90 -29.89 -6.38
C ASP E 14 -35.69 -29.18 -5.06
N ASN E 15 -34.97 -28.09 -5.12
CA ASN E 15 -34.72 -27.24 -3.99
C ASN E 15 -34.05 -27.99 -2.85
N GLY E 16 -33.19 -28.93 -3.18
CA GLY E 16 -32.43 -29.66 -2.15
C GLY E 16 -31.31 -30.47 -2.75
N ASP E 17 -30.57 -31.15 -1.89
CA ASP E 17 -29.45 -31.95 -2.34
C ASP E 17 -29.16 -32.96 -1.25
N ILE E 18 -28.20 -33.83 -1.50
CA ILE E 18 -27.72 -34.74 -0.47
C ILE E 18 -26.64 -34.09 0.38
N THR E 19 -26.44 -34.62 1.58
CA THR E 19 -25.49 -34.05 2.53
C THR E 19 -24.10 -34.61 2.34
N SER E 20 -23.94 -35.54 1.40
CA SER E 20 -22.65 -36.13 1.07
C SER E 20 -22.38 -35.88 -0.40
N PHE E 21 -21.23 -36.28 -0.89
CA PHE E 21 -21.00 -36.20 -2.34
C PHE E 21 -21.44 -37.47 -3.03
N PRO E 22 -22.10 -37.33 -4.18
CA PRO E 22 -22.70 -38.50 -4.84
C PRO E 22 -21.64 -39.47 -5.43
N LEU E 23 -21.96 -40.76 -5.45
CA LEU E 23 -21.10 -41.79 -6.04
C LEU E 23 -21.78 -42.45 -7.26
N SER E 24 -20.98 -43.01 -8.16
CA SER E 24 -21.51 -43.80 -9.27
C SER E 24 -22.26 -45.04 -8.80
N VAL E 25 -21.80 -45.64 -7.72
CA VAL E 25 -22.35 -46.91 -7.28
C VAL E 25 -22.24 -47.05 -5.76
N TYR E 26 -23.26 -47.67 -5.17
CA TYR E 26 -23.43 -47.76 -3.73
C TYR E 26 -23.65 -49.22 -3.31
N ALA E 27 -23.04 -49.61 -2.20
CA ALA E 27 -23.23 -50.96 -1.70
C ALA E 27 -24.63 -51.15 -1.12
N PRO E 28 -25.13 -52.40 -1.11
CA PRO E 28 -26.42 -52.62 -0.46
C PRO E 28 -26.36 -52.21 1.01
N ALA E 29 -27.48 -51.73 1.52
CA ALA E 29 -27.58 -51.23 2.89
C ALA E 29 -27.04 -49.82 3.08
N SER E 30 -26.33 -49.28 2.08
CA SER E 30 -25.91 -47.86 2.05
C SER E 30 -27.09 -46.92 2.19
N SER E 31 -26.86 -45.76 2.77
CA SER E 31 -27.87 -44.74 2.80
C SER E 31 -27.27 -43.36 2.54
N VAL E 32 -28.10 -42.41 2.12
CA VAL E 32 -27.70 -41.02 2.04
C VAL E 32 -28.84 -40.13 2.52
N GLU E 33 -28.51 -38.91 2.88
CA GLU E 33 -29.51 -38.01 3.41
C GLU E 33 -29.62 -36.78 2.57
N TYR E 34 -30.85 -36.27 2.50
CA TYR E 34 -31.17 -35.06 1.81
C TYR E 34 -31.36 -33.91 2.78
N GLN E 35 -31.14 -32.71 2.26
CA GLN E 35 -31.41 -31.47 2.98
C GLN E 35 -32.05 -30.50 1.98
N CYS E 36 -33.07 -29.76 2.44
CA CYS E 36 -33.76 -28.82 1.60
C CYS E 36 -33.11 -27.46 1.78
N GLN E 37 -33.29 -26.59 0.80
CA GLN E 37 -32.80 -25.26 0.92
C GLN E 37 -33.55 -24.54 2.04
N ASN E 38 -33.02 -23.41 2.42
CA ASN E 38 -33.54 -22.59 3.48
C ASN E 38 -35.02 -22.25 3.28
N LEU E 39 -35.82 -22.54 4.30
CA LEU E 39 -37.27 -22.29 4.31
C LEU E 39 -38.08 -23.27 3.50
N TYR E 40 -37.46 -24.34 3.02
CA TYR E 40 -38.18 -25.40 2.34
C TYR E 40 -38.29 -26.52 3.34
N GLN E 41 -39.47 -27.16 3.37
CA GLN E 41 -39.78 -28.13 4.41
C GLN E 41 -39.67 -29.55 3.85
N LEU E 42 -38.79 -30.33 4.46
CA LEU E 42 -38.55 -31.68 4.01
C LEU E 42 -39.76 -32.56 4.37
N GLU E 43 -40.32 -33.23 3.37
CA GLU E 43 -41.47 -34.15 3.55
C GLU E 43 -41.08 -35.54 3.10
N GLY E 44 -41.27 -36.51 3.99
CA GLY E 44 -40.85 -37.88 3.75
C GLY E 44 -39.66 -38.13 4.63
N ASN E 45 -39.06 -39.30 4.50
CA ASN E 45 -37.87 -39.60 5.26
C ASN E 45 -36.64 -38.90 4.62
N LYS E 46 -35.81 -38.24 5.44
CA LYS E 46 -34.62 -37.62 4.90
C LYS E 46 -33.64 -38.62 4.36
N ARG E 47 -33.72 -39.83 4.89
CA ARG E 47 -32.73 -40.85 4.56
C ARG E 47 -33.34 -41.80 3.58
N ILE E 48 -32.54 -42.22 2.60
CA ILE E 48 -32.93 -43.27 1.70
C ILE E 48 -31.86 -44.34 1.77
N THR E 49 -32.27 -45.58 1.52
CA THR E 49 -31.39 -46.71 1.73
C THR E 49 -31.41 -47.58 0.49
N CYS E 50 -30.28 -48.24 0.23
CA CYS E 50 -30.15 -49.10 -0.92
C CYS E 50 -30.51 -50.55 -0.57
N ARG E 51 -31.64 -51.01 -1.09
CA ARG E 51 -32.17 -52.35 -0.78
C ARG E 51 -32.47 -53.02 -2.09
N ASN E 52 -31.84 -54.14 -2.36
CA ASN E 52 -32.13 -54.93 -3.56
C ASN E 52 -31.89 -54.15 -4.83
N GLY E 53 -30.81 -53.38 -4.84
CA GLY E 53 -30.43 -52.62 -6.03
C GLY E 53 -31.44 -51.54 -6.40
N GLN E 54 -32.13 -51.04 -5.38
CA GLN E 54 -33.10 -49.93 -5.55
C GLN E 54 -33.07 -48.98 -4.34
N TRP E 55 -33.14 -47.67 -4.60
CA TRP E 55 -33.24 -46.72 -3.49
C TRP E 55 -34.67 -46.70 -2.98
N SER E 56 -34.85 -46.49 -1.68
CA SER E 56 -36.16 -46.11 -1.15
C SER E 56 -36.62 -44.74 -1.65
N GLU E 57 -37.92 -44.47 -1.53
CA GLU E 57 -38.51 -43.20 -1.91
C GLU E 57 -37.76 -41.96 -1.33
N PRO E 58 -37.32 -41.05 -2.20
CA PRO E 58 -36.72 -39.82 -1.71
C PRO E 58 -37.79 -38.87 -1.25
N PRO E 59 -37.40 -37.90 -0.42
CA PRO E 59 -38.30 -36.92 0.09
C PRO E 59 -38.58 -35.81 -0.91
N LYS E 60 -39.46 -34.89 -0.53
CA LYS E 60 -39.72 -33.66 -1.30
C LYS E 60 -39.42 -32.47 -0.43
N CYS E 61 -39.25 -31.33 -1.08
CA CYS E 61 -39.06 -30.09 -0.37
C CYS E 61 -40.25 -29.20 -0.61
N LEU E 62 -41.06 -29.02 0.43
CA LEU E 62 -42.29 -28.26 0.28
C LEU E 62 -41.99 -26.79 0.29
N HIS E 63 -42.66 -26.06 -0.60
CA HIS E 63 -42.33 -24.72 -0.86
C HIS E 63 -42.82 -23.86 0.27
N PRO E 64 -42.11 -22.79 0.55
CA PRO E 64 -42.63 -21.75 1.36
C PRO E 64 -43.50 -20.87 0.49
N CYS E 65 -44.02 -19.80 1.07
CA CYS E 65 -44.92 -18.90 0.41
C CYS E 65 -44.37 -17.47 0.47
N VAL E 66 -44.58 -16.71 -0.60
CA VAL E 66 -44.19 -15.30 -0.62
C VAL E 66 -45.38 -14.53 -0.12
N ILE E 67 -45.14 -13.57 0.76
CA ILE E 67 -46.24 -12.69 1.18
C ILE E 67 -46.22 -11.39 0.38
N SER E 68 -47.24 -11.18 -0.44
CA SER E 68 -47.34 -10.04 -1.36
C SER E 68 -48.04 -8.80 -0.80
N ARG E 69 -47.27 -7.72 -0.63
CA ARG E 69 -47.83 -6.42 -0.23
C ARG E 69 -48.86 -5.88 -1.26
N GLU E 70 -48.70 -6.26 -2.52
CA GLU E 70 -49.60 -5.81 -3.58
C GLU E 70 -50.95 -6.47 -3.40
N ILE E 71 -50.94 -7.78 -3.19
CA ILE E 71 -52.20 -8.49 -2.95
C ILE E 71 -52.88 -7.99 -1.67
N MET E 72 -52.10 -7.74 -0.63
CA MET E 72 -52.65 -7.27 0.61
C MET E 72 -53.41 -5.97 0.40
N GLU E 73 -52.77 -5.02 -0.30
CA GLU E 73 -53.40 -3.74 -0.66
C GLU E 73 -54.64 -3.93 -1.52
N ASN E 74 -54.58 -4.88 -2.43
CA ASN E 74 -55.71 -5.18 -3.31
C ASN E 74 -56.91 -5.74 -2.54
N TYR E 75 -56.63 -6.48 -1.48
CA TYR E 75 -57.65 -7.19 -0.71
C TYR E 75 -58.04 -6.42 0.56
N ASN E 76 -57.44 -5.26 0.77
CA ASN E 76 -57.73 -4.37 1.88
C ASN E 76 -57.39 -4.99 3.22
N ILE E 77 -56.21 -5.59 3.29
CA ILE E 77 -55.74 -6.19 4.51
C ILE E 77 -54.33 -5.72 4.83
N ALA E 78 -53.89 -5.97 6.06
CA ALA E 78 -52.51 -5.69 6.49
C ALA E 78 -52.10 -6.77 7.48
N LEU E 79 -50.80 -6.86 7.75
CA LEU E 79 -50.29 -7.74 8.79
C LEU E 79 -50.71 -7.22 10.17
N ARG E 80 -51.15 -8.13 11.03
CA ARG E 80 -51.52 -7.82 12.39
C ARG E 80 -50.32 -7.42 13.23
N TRP E 81 -49.18 -8.06 12.97
CA TRP E 81 -47.95 -7.79 13.71
C TRP E 81 -46.93 -7.32 12.68
N THR E 82 -45.68 -7.03 13.05
CA THR E 82 -44.57 -7.08 12.05
C THR E 82 -43.25 -7.54 12.65
N LYS E 86 -41.39 -10.00 7.65
CA LYS E 86 -41.22 -11.38 7.19
C LYS E 86 -41.95 -11.69 5.86
N LEU E 87 -41.17 -11.59 4.80
CA LEU E 87 -41.66 -11.72 3.47
C LEU E 87 -41.93 -13.21 3.09
N TYR E 88 -41.36 -14.19 3.79
N TYR E 88 -41.39 -14.14 3.90
CA TYR E 88 -41.61 -15.54 3.36
CA TYR E 88 -41.28 -15.57 3.57
C TYR E 88 -41.99 -16.40 4.53
C TYR E 88 -41.98 -16.40 4.63
N SER E 89 -42.92 -17.29 4.26
CA SER E 89 -43.48 -18.20 5.25
C SER E 89 -43.22 -19.65 4.91
N ARG E 90 -42.73 -20.40 5.88
N ARG E 90 -42.72 -20.41 5.88
CA ARG E 90 -42.57 -21.85 5.74
CA ARG E 90 -42.53 -21.84 5.71
C ARG E 90 -43.91 -22.52 5.55
C ARG E 90 -43.88 -22.54 5.58
N THR E 91 -43.88 -23.64 4.84
CA THR E 91 -44.95 -24.63 4.91
C THR E 91 -45.25 -24.97 6.36
N GLY E 92 -46.53 -24.87 6.76
CA GLY E 92 -46.93 -25.12 8.16
C GLY E 92 -46.90 -23.89 9.07
N GLU E 93 -46.25 -22.83 8.64
CA GLU E 93 -46.17 -21.61 9.42
C GLU E 93 -47.36 -20.70 9.03
N SER E 94 -47.79 -19.87 9.96
CA SER E 94 -48.99 -19.07 9.75
C SER E 94 -48.68 -17.60 9.60
N VAL E 95 -49.63 -16.88 9.03
CA VAL E 95 -49.54 -15.45 8.92
C VAL E 95 -50.89 -14.93 9.36
N GLU E 96 -50.86 -13.86 10.15
CA GLU E 96 -52.08 -13.27 10.67
C GLU E 96 -52.29 -11.89 10.09
N PHE E 97 -53.44 -11.70 9.47
CA PHE E 97 -53.80 -10.44 8.88
C PHE E 97 -54.88 -9.72 9.71
N VAL E 98 -55.12 -8.47 9.35
CA VAL E 98 -56.27 -7.73 9.82
C VAL E 98 -56.83 -6.93 8.66
N CYS E 99 -58.12 -6.63 8.72
CA CYS E 99 -58.75 -5.70 7.80
C CYS E 99 -58.18 -4.33 8.09
N LYS E 100 -57.96 -3.59 7.01
CA LYS E 100 -57.58 -2.20 7.09
C LYS E 100 -58.82 -1.50 7.58
N ARG E 101 -58.61 -0.32 8.13
CA ARG E 101 -59.64 0.40 8.88
C ARG E 101 -60.77 0.82 7.98
N GLY E 102 -62.00 0.59 8.44
CA GLY E 102 -63.18 0.88 7.63
C GLY E 102 -63.62 -0.27 6.73
N TYR E 103 -62.84 -1.35 6.69
CA TYR E 103 -63.18 -2.55 5.92
C TYR E 103 -63.47 -3.70 6.87
N ARG E 104 -64.28 -4.66 6.45
CA ARG E 104 -64.61 -5.84 7.26
C ARG E 104 -64.53 -7.10 6.40
N LEU E 105 -64.35 -8.25 7.05
CA LEU E 105 -64.27 -9.53 6.33
C LEU E 105 -65.42 -9.73 5.34
N SER E 106 -65.11 -10.15 4.12
CA SER E 106 -66.12 -10.56 3.13
C SER E 106 -66.87 -11.78 3.62
N SER E 107 -68.06 -12.00 3.08
CA SER E 107 -68.89 -13.14 3.48
C SER E 107 -68.22 -14.47 3.11
N ARG E 108 -67.59 -14.51 1.95
CA ARG E 108 -66.99 -15.75 1.44
C ARG E 108 -65.47 -15.85 1.75
N SER E 109 -64.96 -15.02 2.65
CA SER E 109 -63.52 -14.79 2.77
C SER E 109 -62.88 -15.83 3.65
N HIS E 110 -61.64 -16.15 3.34
CA HIS E 110 -60.81 -17.01 4.19
C HIS E 110 -60.63 -16.28 5.53
N THR E 111 -60.24 -17.03 6.55
CA THR E 111 -59.95 -16.46 7.87
C THR E 111 -58.71 -15.55 7.84
N LEU E 112 -58.66 -14.62 8.78
CA LEU E 112 -57.56 -13.67 8.87
C LEU E 112 -56.27 -14.36 9.22
N ARG E 113 -56.38 -15.48 9.92
CA ARG E 113 -55.19 -16.27 10.22
C ARG E 113 -55.12 -17.38 9.18
N THR E 114 -54.00 -17.48 8.47
CA THR E 114 -53.92 -18.36 7.33
C THR E 114 -52.56 -18.98 7.26
N THR E 115 -52.52 -20.18 6.72
CA THR E 115 -51.34 -21.02 6.86
C THR E 115 -50.81 -21.30 5.48
N CYS E 116 -49.48 -21.26 5.36
CA CYS E 116 -48.80 -21.61 4.14
C CYS E 116 -48.76 -23.15 4.03
N TRP E 117 -49.20 -23.68 2.89
CA TRP E 117 -48.95 -25.14 2.58
C TRP E 117 -48.35 -25.29 1.17
N ASP E 118 -47.09 -25.75 1.10
CA ASP E 118 -46.41 -26.06 -0.17
C ASP E 118 -46.68 -25.01 -1.21
N GLY E 119 -46.42 -23.76 -0.87
CA GLY E 119 -46.48 -22.68 -1.84
C GLY E 119 -47.83 -22.04 -2.04
N LYS E 120 -48.87 -22.59 -1.41
CA LYS E 120 -50.22 -21.97 -1.47
C LYS E 120 -50.54 -21.23 -0.17
N LEU E 121 -50.87 -19.94 -0.28
CA LEU E 121 -51.37 -19.13 0.82
C LEU E 121 -52.67 -18.51 0.36
N GLU E 122 -53.72 -18.76 1.10
CA GLU E 122 -54.99 -18.10 0.84
C GLU E 122 -55.10 -16.81 1.63
N TYR E 123 -55.13 -15.69 0.94
CA TYR E 123 -55.33 -14.39 1.59
C TYR E 123 -56.81 -14.22 1.94
N PRO E 124 -57.11 -13.66 3.12
CA PRO E 124 -58.48 -13.16 3.32
C PRO E 124 -58.75 -11.89 2.50
N THR E 125 -60.02 -11.59 2.29
CA THR E 125 -60.42 -10.36 1.61
C THR E 125 -61.33 -9.58 2.53
N CYS E 126 -61.09 -8.27 2.69
CA CYS E 126 -62.02 -7.41 3.42
C CYS E 126 -62.70 -6.40 2.49
N ALA E 127 -63.96 -6.10 2.76
CA ALA E 127 -64.74 -5.18 1.93
C ALA E 127 -65.10 -3.94 2.72
N LYS E 128 -65.41 -2.85 2.02
CA LYS E 128 -65.77 -1.61 2.70
C LYS E 128 -66.99 -1.80 3.57
N ARG E 129 -66.97 -1.26 4.77
CA ARG E 129 -68.17 -1.23 5.58
C ARG E 129 -69.09 -0.22 4.90
N CYS F 7 25.64 -5.44 25.28
CA CYS F 7 24.32 -5.62 25.92
C CYS F 7 23.20 -5.26 24.97
N GLY F 8 22.01 -5.76 25.28
CA GLY F 8 20.79 -5.34 24.60
C GLY F 8 20.14 -4.17 25.33
N PRO F 9 18.83 -3.96 25.12
CA PRO F 9 18.18 -2.80 25.71
C PRO F 9 18.16 -2.86 27.24
N PRO F 10 18.28 -1.70 27.91
CA PRO F 10 18.24 -1.66 29.39
C PRO F 10 16.88 -2.06 29.96
N PRO F 11 16.86 -2.59 31.19
CA PRO F 11 15.59 -3.04 31.76
C PRO F 11 14.62 -1.93 32.12
N PRO F 12 13.32 -2.26 32.11
CA PRO F 12 12.30 -1.38 32.63
C PRO F 12 12.34 -1.35 34.15
N ILE F 13 11.89 -0.26 34.74
CA ILE F 13 11.59 -0.20 36.17
C ILE F 13 10.24 0.43 36.37
N ASP F 14 9.60 0.14 37.49
CA ASP F 14 8.32 0.71 37.79
C ASP F 14 8.43 2.21 38.11
N ASN F 15 7.49 2.97 37.58
CA ASN F 15 7.37 4.37 37.85
C ASN F 15 8.60 5.14 37.45
N GLY F 16 9.29 4.69 36.40
CA GLY F 16 10.49 5.34 35.95
C GLY F 16 10.92 4.86 34.60
N ASP F 17 11.95 5.49 34.05
CA ASP F 17 12.40 5.22 32.70
C ASP F 17 13.82 5.78 32.60
N ILE F 18 14.46 5.59 31.47
CA ILE F 18 15.81 6.10 31.27
C ILE F 18 15.78 7.52 30.76
N THR F 19 16.89 8.23 30.94
CA THR F 19 16.98 9.66 30.59
C THR F 19 17.44 9.87 29.17
N SER F 20 17.76 8.77 28.48
CA SER F 20 18.18 8.81 27.08
C SER F 20 17.20 7.96 26.28
N PHE F 21 17.35 7.94 24.95
CA PHE F 21 16.51 7.05 24.16
C PHE F 21 17.15 5.67 24.07
N PRO F 22 16.34 4.62 24.22
CA PRO F 22 16.89 3.27 24.26
C PRO F 22 17.44 2.85 22.90
N LEU F 23 18.49 2.04 22.91
CA LEU F 23 19.06 1.47 21.69
C LEU F 23 18.87 -0.05 21.68
N SER F 24 18.88 -0.62 20.48
CA SER F 24 18.84 -2.06 20.33
C SER F 24 20.07 -2.74 20.93
N VAL F 25 21.23 -2.12 20.81
CA VAL F 25 22.48 -2.72 21.27
C VAL F 25 23.46 -1.65 21.77
N TYR F 26 24.22 -2.02 22.80
CA TYR F 26 25.08 -1.11 23.53
C TYR F 26 26.48 -1.67 23.61
N ALA F 27 27.48 -0.81 23.43
CA ALA F 27 28.87 -1.22 23.52
C ALA F 27 29.22 -1.55 24.98
N PRO F 28 30.20 -2.44 25.17
CA PRO F 28 30.64 -2.71 26.55
C PRO F 28 31.15 -1.42 27.21
N ALA F 29 30.98 -1.32 28.53
CA ALA F 29 31.39 -0.15 29.30
C ALA F 29 30.41 1.01 29.17
N SER F 30 29.46 0.95 28.23
CA SER F 30 28.46 1.99 28.15
C SER F 30 27.51 1.97 29.37
N SER F 31 26.89 3.11 29.60
N SER F 31 26.86 3.11 29.59
CA SER F 31 25.97 3.25 30.72
CA SER F 31 25.98 3.27 30.74
C SER F 31 24.74 4.08 30.34
C SER F 31 24.75 4.08 30.35
N VAL F 32 23.67 3.91 31.10
CA VAL F 32 22.50 4.76 30.96
C VAL F 32 21.96 5.09 32.34
N GLU F 33 21.15 6.14 32.41
CA GLU F 33 20.64 6.59 33.68
C GLU F 33 19.14 6.53 33.71
N TYR F 34 18.61 6.25 34.90
CA TYR F 34 17.19 6.24 35.16
C TYR F 34 16.73 7.53 35.86
N GLN F 35 15.45 7.84 35.68
CA GLN F 35 14.75 8.93 36.35
C GLN F 35 13.41 8.37 36.80
N CYS F 36 12.98 8.73 38.00
CA CYS F 36 11.68 8.32 38.47
C CYS F 36 10.63 9.38 38.12
N GLN F 37 9.37 8.98 38.10
CA GLN F 37 8.30 9.91 37.84
C GLN F 37 8.24 10.91 38.99
N ASN F 38 7.49 11.97 38.73
CA ASN F 38 7.33 13.06 39.65
C ASN F 38 6.92 12.57 41.03
N LEU F 39 7.67 13.00 42.06
CA LEU F 39 7.42 12.66 43.47
C LEU F 39 7.81 11.23 43.87
N TYR F 40 8.50 10.51 42.99
CA TYR F 40 9.02 9.20 43.32
C TYR F 40 10.50 9.39 43.55
N GLN F 41 11.01 8.74 44.59
CA GLN F 41 12.38 8.91 45.03
C GLN F 41 13.27 7.75 44.56
N LEU F 42 14.28 8.09 43.80
CA LEU F 42 15.19 7.11 43.23
C LEU F 42 16.06 6.50 44.35
N GLU F 43 16.07 5.18 44.45
CA GLU F 43 16.91 4.45 45.43
C GLU F 43 17.83 3.46 44.71
N GLY F 44 19.13 3.56 44.99
CA GLY F 44 20.13 2.77 44.31
C GLY F 44 20.88 3.68 43.38
N ASN F 45 21.81 3.12 42.62
CA ASN F 45 22.56 3.91 41.69
C ASN F 45 21.68 4.25 40.49
N LYS F 46 21.64 5.53 40.14
CA LYS F 46 20.86 5.99 38.98
C LYS F 46 21.47 5.48 37.66
N ARG F 47 22.75 5.10 37.69
CA ARG F 47 23.45 4.66 36.48
C ARG F 47 23.65 3.15 36.51
N ILE F 48 23.49 2.52 35.35
CA ILE F 48 23.84 1.11 35.16
C ILE F 48 24.80 1.00 33.99
N THR F 49 25.62 -0.03 34.00
CA THR F 49 26.73 -0.14 33.07
C THR F 49 26.75 -1.53 32.43
N CYS F 50 27.22 -1.57 31.19
CA CYS F 50 27.26 -2.81 30.41
C CYS F 50 28.60 -3.56 30.53
N ARG F 51 28.55 -4.78 31.09
CA ARG F 51 29.71 -5.72 31.11
C ARG F 51 29.48 -7.11 30.47
N ASN F 52 30.16 -7.36 29.36
CA ASN F 52 30.12 -8.67 28.68
C ASN F 52 28.72 -9.06 28.28
N GLY F 53 27.93 -8.08 27.83
CA GLY F 53 26.52 -8.29 27.51
C GLY F 53 25.61 -8.54 28.71
N GLN F 54 25.87 -7.86 29.83
CA GLN F 54 24.91 -7.83 30.94
C GLN F 54 24.93 -6.48 31.69
N TRP F 55 23.74 -5.98 32.01
CA TRP F 55 23.62 -4.69 32.72
C TRP F 55 23.77 -4.89 34.22
N SER F 56 24.35 -3.91 34.93
CA SER F 56 24.30 -3.90 36.41
C SER F 56 22.89 -3.68 36.94
N GLU F 57 22.69 -3.96 38.24
CA GLU F 57 21.37 -3.79 38.91
C GLU F 57 20.76 -2.40 38.67
N PRO F 58 19.53 -2.36 38.16
CA PRO F 58 18.85 -1.07 38.02
C PRO F 58 18.23 -0.65 39.36
N PRO F 59 17.98 0.66 39.59
CA PRO F 59 17.44 1.27 40.85
C PRO F 59 15.95 1.03 41.07
N LYS F 60 15.39 1.52 42.18
CA LYS F 60 13.94 1.49 42.43
C LYS F 60 13.41 2.89 42.63
N CYS F 61 12.11 3.04 42.45
CA CYS F 61 11.46 4.32 42.62
C CYS F 61 10.53 4.20 43.80
N LEU F 62 10.91 4.82 44.90
CA LEU F 62 10.14 4.69 46.11
C LEU F 62 8.93 5.58 46.04
N HIS F 63 7.83 5.03 46.52
CA HIS F 63 6.55 5.65 46.33
C HIS F 63 6.40 6.82 47.26
N PRO F 64 5.65 7.84 46.82
CA PRO F 64 5.21 8.87 47.70
C PRO F 64 3.95 8.37 48.36
N CYS F 65 3.33 9.25 49.15
CA CYS F 65 2.17 8.91 49.96
C CYS F 65 1.07 9.89 49.58
N VAL F 66 -0.10 9.40 49.22
CA VAL F 66 -1.24 10.26 48.88
C VAL F 66 -2.22 10.40 50.06
N ILE F 67 -2.47 11.64 50.43
CA ILE F 67 -3.29 11.97 51.58
C ILE F 67 -4.67 12.44 51.11
N SER F 68 -5.63 11.54 51.30
CA SER F 68 -6.94 11.63 50.68
C SER F 68 -7.85 12.34 51.68
N ARG F 69 -8.72 13.25 51.22
CA ARG F 69 -9.82 13.77 52.08
C ARG F 69 -10.63 12.61 52.64
N GLU F 70 -10.69 11.53 51.88
CA GLU F 70 -11.42 10.34 52.28
C GLU F 70 -10.74 9.71 53.50
N ILE F 71 -9.43 9.50 53.41
CA ILE F 71 -8.68 8.93 54.52
C ILE F 71 -8.73 9.85 55.75
N MET F 72 -8.63 11.15 55.53
CA MET F 72 -8.71 12.09 56.65
C MET F 72 -10.02 11.94 57.41
N GLU F 73 -11.14 11.90 56.68
CA GLU F 73 -12.46 11.65 57.27
C GLU F 73 -12.57 10.29 57.95
N ASN F 74 -11.94 9.27 57.37
CA ASN F 74 -11.92 7.94 57.95
C ASN F 74 -11.15 7.86 59.28
N TYR F 75 -10.10 8.67 59.39
CA TYR F 75 -9.20 8.62 60.54
C TYR F 75 -9.51 9.72 61.56
N ASN F 76 -10.46 10.61 61.22
CA ASN F 76 -10.65 11.87 61.97
C ASN F 76 -9.35 12.53 62.45
N ILE F 77 -8.46 12.78 61.50
CA ILE F 77 -7.32 13.66 61.72
C ILE F 77 -7.31 14.74 60.66
N ALA F 78 -6.52 15.79 60.91
CA ALA F 78 -6.36 16.91 59.97
C ALA F 78 -4.93 17.51 59.94
N LEU F 79 -4.64 18.24 58.87
CA LEU F 79 -3.31 18.84 58.66
C LEU F 79 -3.11 20.07 59.53
N ARG F 80 -1.97 20.14 60.20
CA ARG F 80 -1.67 21.22 61.14
C ARG F 80 -1.41 22.56 60.46
N TRP F 81 -0.77 22.52 59.30
CA TRP F 81 -0.51 23.74 58.51
C TRP F 81 -1.54 23.94 57.43
N THR F 82 -2.66 23.23 57.58
CA THR F 82 -3.92 23.73 57.10
C THR F 82 -3.74 24.16 55.64
N ALA F 83 -3.38 23.20 54.80
CA ALA F 83 -3.32 23.41 53.37
C ALA F 83 -4.71 23.05 52.84
N LYS F 84 -4.79 22.44 51.66
CA LYS F 84 -6.07 21.99 51.08
C LYS F 84 -6.40 20.53 51.45
N GLN F 85 -7.33 19.93 50.73
CA GLN F 85 -7.94 18.68 51.17
C GLN F 85 -7.17 17.44 50.71
N LYS F 86 -6.33 17.60 49.70
CA LYS F 86 -5.47 16.51 49.21
C LYS F 86 -4.00 16.94 49.18
N LEU F 87 -3.10 16.03 49.53
CA LEU F 87 -1.67 16.33 49.47
C LEU F 87 -0.84 15.10 49.11
N TYR F 88 0.32 15.38 48.54
CA TYR F 88 1.24 14.35 48.06
C TYR F 88 2.54 14.51 48.82
N SER F 89 3.06 13.45 49.43
CA SER F 89 4.32 13.55 50.13
C SER F 89 5.34 12.61 49.55
N ARG F 90 6.52 13.16 49.28
CA ARG F 90 7.63 12.34 48.87
C ARG F 90 8.13 11.42 50.00
N THR F 91 8.67 10.28 49.62
CA THR F 91 9.51 9.46 50.49
C THR F 91 10.57 10.35 51.16
N GLY F 92 10.62 10.34 52.50
CA GLY F 92 11.53 11.18 53.27
C GLY F 92 10.97 12.51 53.77
N GLU F 93 9.84 12.94 53.20
CA GLU F 93 9.22 14.21 53.62
C GLU F 93 8.27 13.95 54.77
N SER F 94 8.01 14.99 55.55
CA SER F 94 7.19 14.87 56.75
C SER F 94 5.86 15.55 56.60
N VAL F 95 4.92 15.05 57.37
CA VAL F 95 3.60 15.63 57.39
C VAL F 95 3.25 15.76 58.85
N GLU F 96 2.69 16.92 59.19
CA GLU F 96 2.33 17.20 60.55
C GLU F 96 0.83 17.28 60.64
N PHE F 97 0.29 16.48 61.56
CA PHE F 97 -1.12 16.51 61.83
C PHE F 97 -1.31 17.20 63.19
N THR F 111 4.42 11.69 67.24
CA THR F 111 3.37 10.83 66.66
C THR F 111 2.57 11.61 65.62
N LEU F 112 2.15 12.81 65.97
CA LEU F 112 1.43 13.69 65.04
C LEU F 112 2.30 14.11 63.85
N ARG F 113 3.63 14.07 64.04
CA ARG F 113 4.58 14.36 62.98
C ARG F 113 5.13 13.03 62.46
N THR F 114 5.05 12.81 61.15
CA THR F 114 5.45 11.52 60.53
C THR F 114 6.57 11.67 59.46
N THR F 115 6.98 10.54 58.92
CA THR F 115 7.80 10.48 57.71
C THR F 115 7.04 9.60 56.69
N CYS F 116 6.84 10.07 55.46
CA CYS F 116 6.44 9.17 54.38
C CYS F 116 7.65 8.32 54.01
N TRP F 117 7.48 7.01 53.99
CA TRP F 117 8.50 6.17 53.36
C TRP F 117 7.87 5.12 52.44
N ASP F 118 8.30 5.15 51.17
CA ASP F 118 7.89 4.18 50.15
C ASP F 118 6.41 3.84 50.28
N GLY F 119 5.57 4.86 50.32
CA GLY F 119 4.13 4.65 50.26
C GLY F 119 3.46 4.48 51.59
N LYS F 120 4.26 4.24 52.63
CA LYS F 120 3.74 3.98 53.98
C LYS F 120 3.79 5.28 54.74
N LEU F 121 2.64 5.70 55.25
CA LEU F 121 2.56 6.80 56.17
C LEU F 121 1.80 6.27 57.39
N GLU F 122 2.45 6.33 58.55
CA GLU F 122 1.80 5.94 59.80
C GLU F 122 1.00 7.14 60.34
N TYR F 123 -0.32 7.05 60.32
CA TYR F 123 -1.18 8.19 60.67
C TYR F 123 -1.42 8.41 62.19
C1 GAL G . 17.05 3.18 13.21
C2 GAL G . 17.84 2.76 11.94
C3 GAL G . 17.69 1.24 11.69
C4 GAL G . 17.85 0.35 12.94
C5 GAL G . 17.05 0.97 14.10
C6 GAL G . 17.21 0.19 15.41
O1 GAL G . 17.20 4.56 13.64
O2 GAL G . 17.41 3.44 10.76
O3 GAL G . 18.47 0.73 10.60
O4 GAL G . 19.20 0.05 13.29
O5 GAL G . 17.42 2.35 14.28
O6 GAL G . 16.75 -1.13 15.22
C1 SIA G . 17.00 -1.26 10.15
C2 SIA G . 17.72 -0.02 9.58
C3 SIA G . 18.80 -0.48 8.58
C4 SIA G . 18.34 -0.89 7.18
C5 SIA G . 17.13 -0.09 6.65
C6 SIA G . 16.13 0.13 7.77
C7 SIA G . 14.88 0.88 7.34
C8 SIA G . 13.86 0.87 8.49
C9 SIA G . 12.52 1.39 8.05
C10 SIA G . 16.40 -0.26 4.30
C11 SIA G . 15.66 -1.06 3.29
N5 SIA G . 16.45 -0.77 5.55
O1A SIA G . 15.80 -1.17 10.50
O1B SIA G . 17.62 -2.34 10.28
O4 SIA G . 19.48 -0.69 6.31
O6 SIA G . 16.77 0.81 8.88
O7 SIA G . 15.23 2.24 7.00
O8 SIA G . 13.67 -0.46 9.05
O9 SIA G . 11.61 1.15 9.13
O10 SIA G . 16.94 0.79 3.97
C2 BGC H . -48.89 -10.29 21.62
C3 BGC H . -48.35 -11.51 20.87
C4 BGC H . -47.73 -11.11 19.54
C5 BGC H . -46.69 -10.02 19.78
C6 BGC H . -46.08 -9.58 18.45
C1 BGC H . -47.78 -9.24 21.73
O1 BGC H . -48.28 -8.05 22.35
O2 BGC H . -49.33 -10.71 22.93
O3 BGC H . -49.42 -12.45 20.64
O4 BGC H . -47.06 -12.22 18.93
O5 BGC H . -47.34 -8.92 20.40
O6 BGC H . -45.32 -8.38 18.59
C1 GAL H . -47.85 -12.97 17.97
C2 GAL H . -46.80 -13.70 17.14
C3 GAL H . -47.44 -14.65 16.13
C4 GAL H . -48.49 -15.50 16.85
C5 GAL H . -49.48 -14.62 17.58
C6 GAL H . -50.59 -15.47 18.22
O2 GAL H . -45.95 -12.79 16.46
O3 GAL H . -46.34 -15.41 15.65
O4 GAL H . -47.89 -16.27 17.90
O5 GAL H . -48.71 -13.94 18.54
O6 GAL H . -51.88 -14.88 17.99
C1 NGA H . -47.83 -17.66 17.53
C2 NGA H . -46.64 -18.31 18.27
C3 NGA H . -46.63 -19.82 18.03
C4 NGA H . -48.03 -20.40 18.33
C5 NGA H . -49.00 -19.73 17.38
C6 NGA H . -50.34 -20.48 17.39
C7 NGA H . -44.76 -16.74 18.58
C8 NGA H . -43.49 -16.21 17.95
N2 NGA H . -45.39 -17.68 17.86
O3 NGA H . -45.66 -20.46 18.86
O4 NGA H . -48.47 -20.18 19.69
O5 NGA H . -49.07 -18.34 17.77
O6 NGA H . -51.40 -19.54 17.29
O7 NGA H . -45.13 -16.31 19.69
C1 GAL H . -45.20 -21.70 18.30
C2 GAL H . -43.88 -21.97 19.00
C3 GAL H . -43.23 -23.26 18.51
C4 GAL H . -44.23 -24.43 18.64
C5 GAL H . -45.62 -24.06 18.08
C6 GAL H . -46.64 -25.11 18.51
O2 GAL H . -43.02 -20.89 18.74
O3 GAL H . -42.08 -23.50 19.30
O4 GAL H . -44.33 -24.83 19.99
O5 GAL H . -46.07 -22.79 18.54
O6 GAL H . -47.78 -25.00 17.69
C1 SIA H . -47.62 -16.47 13.90
C2 SIA H . -46.37 -15.67 14.26
C3 SIA H . -45.12 -16.49 13.95
C4 SIA H . -44.91 -16.65 12.45
C5 SIA H . -44.89 -15.30 11.75
C6 SIA H . -46.17 -14.57 12.11
C7 SIA H . -46.27 -13.19 11.50
C8 SIA H . -47.51 -12.47 11.97
C9 SIA H . -47.74 -11.17 11.19
C10 SIA H . -43.88 -14.96 9.50
C11 SIA H . -44.00 -15.24 8.02
N5 SIA H . -44.85 -15.46 10.30
O1A SIA H . -48.60 -15.90 13.33
O1B SIA H . -47.65 -17.70 14.16
O4 SIA H . -43.72 -17.39 12.25
O6 SIA H . -46.28 -14.43 13.53
O7 SIA H . -45.15 -12.50 12.00
O8 SIA H . -48.56 -13.44 11.90
O9 SIA H . -49.07 -10.60 11.31
O10 SIA H . -42.93 -14.33 9.93
C2 BGC I . 3.53 29.30 60.52
C3 BGC I . 4.72 28.32 60.58
C4 BGC I . 4.58 27.10 59.64
C5 BGC I . 3.97 27.53 58.28
C6 BGC I . 3.52 26.36 57.42
C1 BGC I . 3.11 29.60 59.08
O1 BGC I . 1.94 30.43 59.00
O2 BGC I . 3.92 30.50 61.20
O3 BGC I . 4.89 27.94 61.96
O4 BGC I . 5.87 26.44 59.47
O5 BGC I . 2.82 28.37 58.43
O6 BGC I . 2.15 26.56 57.02
C1 GAL I . 5.91 24.99 59.59
C2 GAL I . 6.51 24.44 58.29
C3 GAL I . 6.77 22.95 58.39
C4 GAL I . 7.72 22.73 59.55
C5 GAL I . 6.98 23.16 60.82
C6 GAL I . 7.85 22.86 62.04
O2 GAL I . 5.65 24.66 57.19
O3 GAL I . 7.28 22.42 57.15
O4 GAL I . 8.90 23.49 59.44
O5 GAL I . 6.65 24.54 60.73
O6 GAL I . 8.48 21.59 61.90
C1 SIA I . 6.72 20.09 57.75
C2 SIA I . 6.70 21.15 56.68
C3 SIA I . 7.59 20.67 55.53
C4 SIA I . 7.11 19.35 54.93
C5 SIA I . 5.71 19.62 54.37
C6 SIA I . 4.89 20.00 55.60
C7 SIA I . 3.41 20.14 55.31
C8 SIA I . 2.62 20.36 56.58
C9 SIA I . 1.25 19.70 56.50
C10 SIA I . 5.01 18.32 52.41
C11 SIA I . 4.45 17.00 51.95
N5 SIA I . 5.18 18.43 53.73
O1A SIA I . 5.63 19.85 58.36
O1B SIA I . 7.80 19.48 57.99
O4 SIA I . 8.01 18.82 53.95
O6 SIA I . 5.35 21.23 56.19
O7 SIA I . 3.25 21.27 54.46
O8 SIA I . 3.36 19.86 57.72
O9 SIA I . 0.30 20.41 57.30
O10 SIA I . 5.28 19.19 51.62
C1 NGA I . 10.00 22.72 58.95
C2 NGA I . 10.86 23.55 58.01
C3 NGA I . 12.02 22.76 57.43
C4 NGA I . 12.73 21.88 58.48
C5 NGA I . 11.74 21.25 59.47
C6 NGA I . 12.39 20.55 60.66
C7 NGA I . 9.77 25.21 56.52
C8 NGA I . 8.77 25.39 55.41
N2 NGA I . 9.96 23.96 56.93
O3 NGA I . 12.92 23.66 56.76
O4 NGA I . 13.70 22.66 59.16
O5 NGA I . 10.83 22.22 59.99
O6 NGA I . 11.34 20.10 61.53
O7 NGA I . 10.35 26.17 56.99
C1 GOL J . -22.22 -7.32 4.04
O1 GOL J . -21.41 -6.16 4.23
C2 GOL J . -21.66 -8.22 2.93
O2 GOL J . -22.08 -7.75 1.66
C3 GOL J . -20.14 -8.30 3.00
O3 GOL J . -19.83 -9.33 3.95
C1 GOL K . -5.44 25.44 32.06
O1 GOL K . -5.83 26.57 31.27
C2 GOL K . -4.96 24.23 31.27
O2 GOL K . -5.96 23.20 31.35
C3 GOL K . -4.64 24.54 29.80
O3 GOL K . -3.27 24.93 29.58
C1 GOL L . 28.14 13.06 -14.93
O1 GOL L . 26.85 13.60 -14.63
C2 GOL L . 29.14 13.85 -14.13
O2 GOL L . 30.43 13.22 -13.96
C3 GOL L . 28.39 14.05 -12.81
O3 GOL L . 27.90 15.37 -12.73
C1 GOL M . -7.78 4.43 4.62
O1 GOL M . -8.94 4.55 5.49
C2 GOL M . -6.47 4.70 5.37
O2 GOL M . -5.91 3.55 6.07
C3 GOL M . -5.49 5.20 4.34
O3 GOL M . -5.52 4.38 3.17
#